data_2LAB
#
_entry.id   2LAB
#
_entity_poly.entity_id   1
_entity_poly.type   'polypeptide(L)'
_entity_poly.pdbx_seq_one_letter_code
;GGTTNKVTVYYKKGFNSPYIHYRPAGGSWTAAPGVKMQDAEISGYAKITVDIGSASQLEAAFNDGNNNWDSNNTKNYLFS
TGTSTYTPGSNGAAGTIRTGAPSG
;
_entity_poly.pdbx_strand_id   A
#
# COMPACT_ATOMS: atom_id res chain seq x y z
N GLY A 1 19.74 3.35 10.52
CA GLY A 1 19.66 4.74 10.92
C GLY A 1 18.24 5.29 10.71
N GLY A 2 18.13 6.20 9.75
CA GLY A 2 16.85 6.81 9.45
C GLY A 2 16.28 7.54 10.66
N THR A 3 15.69 8.70 10.40
CA THR A 3 15.11 9.50 11.46
C THR A 3 13.61 9.20 11.59
N THR A 4 12.85 9.74 10.65
CA THR A 4 11.41 9.53 10.65
C THR A 4 10.81 9.95 9.32
N ASN A 5 10.74 8.99 8.40
CA ASN A 5 10.20 9.24 7.08
C ASN A 5 8.78 8.66 7.00
N LYS A 6 8.18 8.84 5.84
CA LYS A 6 6.83 8.34 5.62
C LYS A 6 6.69 7.89 4.17
N VAL A 7 5.80 6.92 3.97
CA VAL A 7 5.57 6.38 2.64
C VAL A 7 4.10 6.60 2.27
N THR A 8 3.90 7.38 1.21
CA THR A 8 2.56 7.67 0.74
C THR A 8 2.23 6.83 -0.49
N VAL A 9 1.16 6.04 -0.37
CA VAL A 9 0.73 5.19 -1.46
C VAL A 9 -0.74 5.46 -1.77
N TYR A 10 -1.03 5.61 -3.05
CA TYR A 10 -2.38 5.87 -3.49
C TYR A 10 -2.98 4.66 -4.17
N TYR A 11 -4.12 4.21 -3.63
CA TYR A 11 -4.80 3.05 -4.17
C TYR A 11 -6.09 3.46 -4.88
N LYS A 12 -6.34 2.82 -6.01
CA LYS A 12 -7.53 3.11 -6.80
C LYS A 12 -8.66 2.16 -6.37
N LYS A 13 -9.70 2.75 -5.81
CA LYS A 13 -10.84 1.98 -5.36
C LYS A 13 -11.73 1.66 -6.55
N GLY A 14 -12.22 0.43 -6.57
CA GLY A 14 -11.91 -0.52 -5.52
C GLY A 14 -13.00 -1.59 -5.40
N PHE A 15 -13.45 -1.81 -4.17
CA PHE A 15 -14.48 -2.80 -3.91
C PHE A 15 -15.62 -2.20 -3.07
N ASN A 16 -15.42 -2.24 -1.76
CA ASN A 16 -16.41 -1.73 -0.83
C ASN A 16 -15.70 -1.16 0.40
N SER A 17 -14.84 -1.98 0.98
CA SER A 17 -14.11 -1.59 2.16
C SER A 17 -12.94 -2.55 2.40
N PRO A 18 -12.03 -2.60 1.40
CA PRO A 18 -10.87 -3.48 1.49
C PRO A 18 -9.82 -2.92 2.46
N TYR A 19 -9.09 -3.82 3.09
CA TYR A 19 -8.07 -3.42 4.03
C TYR A 19 -6.67 -3.72 3.49
N ILE A 20 -5.71 -2.92 3.93
CA ILE A 20 -4.33 -3.09 3.50
C ILE A 20 -3.46 -3.44 4.70
N HIS A 21 -2.48 -4.31 4.45
CA HIS A 21 -1.58 -4.73 5.50
C HIS A 21 -0.13 -4.57 5.02
N TYR A 22 0.60 -3.70 5.72
CA TYR A 22 1.98 -3.43 5.39
C TYR A 22 2.86 -3.48 6.63
N ARG A 23 4.16 -3.63 6.39
CA ARG A 23 5.12 -3.69 7.49
C ARG A 23 6.44 -3.05 7.06
N PRO A 24 7.24 -2.65 8.09
CA PRO A 24 8.53 -2.03 7.84
C PRO A 24 9.56 -3.06 7.39
N ALA A 25 10.39 -2.65 6.45
CA ALA A 25 11.42 -3.54 5.92
C ALA A 25 11.42 -4.84 6.72
N GLY A 26 10.52 -5.74 6.31
CA GLY A 26 10.41 -7.02 6.98
C GLY A 26 10.74 -6.91 8.47
N GLY A 27 9.86 -6.22 9.19
CA GLY A 27 10.04 -6.03 10.62
C GLY A 27 8.84 -6.57 11.40
N SER A 28 7.90 -5.67 11.65
CA SER A 28 6.71 -6.04 12.39
C SER A 28 5.47 -5.90 11.50
N TRP A 29 4.58 -6.88 11.61
CA TRP A 29 3.37 -6.87 10.81
C TRP A 29 2.25 -6.25 11.66
N THR A 30 1.94 -5.00 11.36
CA THR A 30 0.91 -4.28 12.08
C THR A 30 -0.29 -5.20 12.34
N ALA A 31 -1.14 -4.76 13.25
CA ALA A 31 -2.33 -5.52 13.61
C ALA A 31 -3.16 -5.77 12.35
N ALA A 32 -3.18 -7.02 11.91
CA ALA A 32 -3.94 -7.40 10.73
C ALA A 32 -5.43 -7.42 11.07
N PRO A 33 -6.23 -6.78 10.17
CA PRO A 33 -5.67 -6.15 8.99
C PRO A 33 -4.97 -4.83 9.35
N GLY A 34 -3.89 -4.57 8.64
CA GLY A 34 -3.12 -3.35 8.87
C GLY A 34 -4.05 -2.16 9.17
N VAL A 35 -4.28 -1.38 8.12
CA VAL A 35 -5.15 -0.22 8.25
C VAL A 35 -6.08 -0.15 7.04
N LYS A 36 -7.19 0.56 7.22
CA LYS A 36 -8.16 0.72 6.17
C LYS A 36 -7.77 1.91 5.29
N MET A 37 -7.45 1.61 4.03
CA MET A 37 -7.06 2.64 3.09
C MET A 37 -7.75 3.97 3.41
N GLN A 38 -6.94 5.00 3.57
CA GLN A 38 -7.46 6.32 3.89
C GLN A 38 -7.74 7.10 2.60
N ASP A 39 -9.02 7.33 2.34
CA ASP A 39 -9.43 8.06 1.15
C ASP A 39 -8.42 9.17 0.86
N ALA A 40 -8.21 9.41 -0.42
CA ALA A 40 -7.27 10.44 -0.85
C ALA A 40 -7.94 11.81 -0.72
N GLU A 41 -7.59 12.69 -1.65
CA GLU A 41 -8.15 14.03 -1.66
C GLU A 41 -8.69 14.37 -3.05
N ILE A 42 -8.65 13.37 -3.93
CA ILE A 42 -9.14 13.56 -5.29
C ILE A 42 -10.65 13.35 -5.32
N SER A 43 -11.04 12.10 -5.47
CA SER A 43 -12.45 11.76 -5.52
C SER A 43 -12.62 10.29 -5.92
N GLY A 44 -12.76 9.45 -4.90
CA GLY A 44 -12.92 8.03 -5.13
C GLY A 44 -11.58 7.30 -5.05
N TYR A 45 -10.57 8.03 -4.62
CA TYR A 45 -9.24 7.47 -4.49
C TYR A 45 -8.88 7.21 -3.03
N ALA A 46 -7.90 6.35 -2.83
CA ALA A 46 -7.47 6.01 -1.49
C ALA A 46 -5.98 6.34 -1.34
N LYS A 47 -5.57 6.56 -0.09
CA LYS A 47 -4.19 6.89 0.19
C LYS A 47 -3.87 6.49 1.64
N ILE A 48 -2.64 6.07 1.83
CA ILE A 48 -2.18 5.65 3.16
C ILE A 48 -0.74 6.11 3.37
N THR A 49 -0.42 6.41 4.62
CA THR A 49 0.90 6.86 4.97
C THR A 49 1.49 5.98 6.07
N VAL A 50 2.72 5.55 5.86
CA VAL A 50 3.41 4.70 6.82
C VAL A 50 4.79 5.29 7.12
N ASP A 51 5.06 5.46 8.40
CA ASP A 51 6.34 6.01 8.83
C ASP A 51 7.40 4.91 8.80
N ILE A 52 8.64 5.33 8.56
CA ILE A 52 9.75 4.39 8.49
C ILE A 52 11.03 5.10 8.94
N GLY A 53 10.98 5.62 10.16
CA GLY A 53 12.13 6.32 10.72
C GLY A 53 13.27 5.35 11.00
N SER A 54 13.70 4.67 9.94
CA SER A 54 14.79 3.72 10.05
C SER A 54 14.74 2.72 8.89
N ALA A 55 13.54 2.55 8.35
CA ALA A 55 13.35 1.64 7.24
C ALA A 55 13.38 2.44 5.93
N SER A 56 14.01 1.83 4.93
CA SER A 56 14.12 2.46 3.63
C SER A 56 13.17 1.79 2.63
N GLN A 57 12.52 0.73 3.11
CA GLN A 57 11.59 -0.01 2.28
C GLN A 57 10.50 -0.65 3.14
N LEU A 58 9.27 -0.58 2.65
CA LEU A 58 8.15 -1.15 3.37
C LEU A 58 7.26 -1.93 2.38
N GLU A 59 6.75 -3.05 2.87
CA GLU A 59 5.89 -3.89 2.04
C GLU A 59 4.43 -3.73 2.47
N ALA A 60 3.55 -3.76 1.48
CA ALA A 60 2.13 -3.62 1.74
C ALA A 60 1.36 -4.66 0.91
N ALA A 61 0.27 -5.14 1.49
CA ALA A 61 -0.56 -6.14 0.82
C ALA A 61 -2.00 -5.63 0.76
N PHE A 62 -2.78 -6.26 -0.10
CA PHE A 62 -4.17 -5.90 -0.27
C PHE A 62 -5.08 -7.11 -0.07
N ASN A 63 -6.06 -6.94 0.82
CA ASN A 63 -7.00 -8.00 1.11
C ASN A 63 -8.39 -7.39 1.37
N ASP A 64 -9.39 -8.02 0.77
CA ASP A 64 -10.76 -7.55 0.91
C ASP A 64 -11.22 -7.79 2.36
N GLY A 65 -10.47 -8.64 3.06
CA GLY A 65 -10.79 -8.96 4.43
C GLY A 65 -11.68 -10.20 4.52
N ASN A 66 -11.71 -10.94 3.42
CA ASN A 66 -12.51 -12.15 3.35
C ASN A 66 -11.75 -13.23 2.58
N ASN A 67 -10.65 -13.69 3.17
CA ASN A 67 -9.84 -14.71 2.55
C ASN A 67 -9.55 -14.31 1.10
N ASN A 68 -9.58 -13.01 0.86
CA ASN A 68 -9.32 -12.48 -0.47
C ASN A 68 -8.06 -11.63 -0.44
N TRP A 69 -6.92 -12.31 -0.42
CA TRP A 69 -5.64 -11.62 -0.38
C TRP A 69 -5.15 -11.46 -1.82
N ASP A 70 -4.35 -10.43 -2.04
CA ASP A 70 -3.82 -10.16 -3.36
C ASP A 70 -2.36 -9.72 -3.23
N SER A 71 -1.52 -10.64 -2.78
CA SER A 71 -0.11 -10.36 -2.61
C SER A 71 0.47 -9.78 -3.90
N ASN A 72 1.06 -10.66 -4.70
CA ASN A 72 1.65 -10.25 -5.96
C ASN A 72 2.09 -11.49 -6.74
N ASN A 73 3.36 -11.82 -6.60
CA ASN A 73 3.91 -12.98 -7.29
C ASN A 73 4.64 -13.87 -6.28
N THR A 74 4.59 -13.44 -5.02
CA THR A 74 5.24 -14.19 -3.96
C THR A 74 4.66 -13.79 -2.60
N LYS A 75 5.03 -12.59 -2.17
CA LYS A 75 4.56 -12.08 -0.89
C LYS A 75 3.99 -10.67 -1.09
N ASN A 76 4.89 -9.72 -1.27
CA ASN A 76 4.49 -8.33 -1.47
C ASN A 76 5.62 -7.59 -2.17
N TYR A 77 5.41 -6.28 -2.31
CA TYR A 77 6.40 -5.44 -2.96
C TYR A 77 7.10 -4.52 -1.94
N LEU A 78 8.24 -3.99 -2.37
CA LEU A 78 9.01 -3.10 -1.51
C LEU A 78 8.83 -1.66 -1.99
N PHE A 79 8.35 -0.82 -1.09
CA PHE A 79 8.13 0.58 -1.41
C PHE A 79 8.99 1.48 -0.53
N SER A 80 9.45 2.57 -1.14
CA SER A 80 10.30 3.52 -0.42
C SER A 80 9.54 4.84 -0.23
N THR A 81 10.10 5.68 0.63
CA THR A 81 9.50 6.97 0.91
C THR A 81 9.26 7.74 -0.39
N GLY A 82 8.41 8.75 -0.29
CA GLY A 82 8.10 9.57 -1.45
C GLY A 82 6.64 9.39 -1.87
N THR A 83 6.42 9.42 -3.18
CA THR A 83 5.09 9.26 -3.73
C THR A 83 4.98 7.96 -4.53
N SER A 84 3.99 7.16 -4.18
CA SER A 84 3.78 5.89 -4.85
C SER A 84 2.28 5.66 -5.07
N THR A 85 1.98 4.81 -6.03
CA THR A 85 0.60 4.48 -6.34
C THR A 85 0.42 2.98 -6.49
N TYR A 86 -0.48 2.44 -5.67
CA TYR A 86 -0.76 1.02 -5.69
C TYR A 86 -2.00 0.71 -6.53
N THR A 87 -1.79 -0.13 -7.55
CA THR A 87 -2.88 -0.51 -8.43
C THR A 87 -2.90 -2.03 -8.61
N PRO A 88 -4.11 -2.61 -8.35
CA PRO A 88 -4.29 -4.05 -8.48
C PRO A 88 -4.37 -4.47 -9.94
N GLY A 89 -5.01 -3.62 -10.74
CA GLY A 89 -5.17 -3.88 -12.15
C GLY A 89 -6.11 -5.06 -12.39
N SER A 90 -6.56 -5.18 -13.64
CA SER A 90 -7.45 -6.25 -14.01
C SER A 90 -6.91 -7.00 -15.22
N ASN A 91 -6.41 -6.23 -16.18
CA ASN A 91 -5.84 -6.80 -17.39
C ASN A 91 -4.65 -7.70 -17.03
N GLY A 92 -3.61 -7.58 -17.84
CA GLY A 92 -2.40 -8.37 -17.62
C GLY A 92 -1.48 -7.69 -16.60
N ALA A 93 -2.11 -7.09 -15.59
CA ALA A 93 -1.36 -6.40 -14.55
C ALA A 93 -1.69 -7.03 -13.19
N ALA A 94 -0.75 -7.82 -12.71
CA ALA A 94 -0.93 -8.48 -11.42
C ALA A 94 -0.18 -7.69 -10.34
N GLY A 95 -0.94 -6.86 -9.63
CA GLY A 95 -0.36 -6.05 -8.58
C GLY A 95 0.84 -5.24 -9.08
N THR A 96 0.63 -3.94 -9.21
CA THR A 96 1.67 -3.06 -9.69
C THR A 96 1.62 -1.72 -8.95
N ILE A 97 2.79 -1.13 -8.78
CA ILE A 97 2.89 0.16 -8.10
C ILE A 97 3.59 1.16 -9.00
N ARG A 98 2.95 2.32 -9.15
CA ARG A 98 3.51 3.37 -9.99
C ARG A 98 3.94 4.56 -9.13
N THR A 99 5.21 4.90 -9.25
CA THR A 99 5.77 6.00 -8.49
C THR A 99 5.32 7.34 -9.10
N GLY A 100 5.15 8.32 -8.23
CA GLY A 100 4.73 9.65 -8.66
C GLY A 100 3.30 9.95 -8.21
N ALA A 101 3.09 11.19 -7.80
CA ALA A 101 1.78 11.61 -7.33
C ALA A 101 0.76 11.43 -8.47
N PRO A 102 -0.25 10.56 -8.20
CA PRO A 102 -1.29 10.28 -9.18
C PRO A 102 -2.27 11.45 -9.27
N SER A 103 -2.93 11.53 -10.42
CA SER A 103 -3.90 12.59 -10.64
C SER A 103 -5.07 12.06 -11.47
N GLY A 104 -6.01 11.43 -10.77
CA GLY A 104 -7.18 10.87 -11.42
C GLY A 104 -6.87 9.50 -12.03
N GLY A 1 18.14 5.28 12.57
CA GLY A 1 18.80 5.89 11.44
C GLY A 1 18.76 7.42 11.54
N GLY A 2 17.67 7.98 11.04
CA GLY A 2 17.49 9.42 11.06
C GLY A 2 16.04 9.79 11.34
N THR A 3 15.67 11.01 10.97
CA THR A 3 14.32 11.49 11.17
C THR A 3 13.31 10.46 10.68
N THR A 4 12.20 10.36 11.41
CA THR A 4 11.14 9.42 11.05
C THR A 4 10.60 9.73 9.66
N ASN A 5 10.66 8.74 8.80
CA ASN A 5 10.18 8.90 7.44
C ASN A 5 8.76 8.32 7.34
N LYS A 6 8.17 8.49 6.16
CA LYS A 6 6.82 7.99 5.93
C LYS A 6 6.71 7.53 4.46
N VAL A 7 5.78 6.61 4.25
CA VAL A 7 5.56 6.09 2.91
C VAL A 7 4.11 6.34 2.50
N THR A 8 3.95 7.20 1.50
CA THR A 8 2.63 7.54 1.01
C THR A 8 2.35 6.81 -0.31
N VAL A 9 1.28 6.03 -0.29
CA VAL A 9 0.89 5.27 -1.48
C VAL A 9 -0.57 5.56 -1.80
N TYR A 10 -0.80 5.87 -3.07
CA TYR A 10 -2.16 6.18 -3.52
C TYR A 10 -2.71 5.05 -4.38
N TYR A 11 -3.87 4.55 -3.97
CA TYR A 11 -4.51 3.46 -4.69
C TYR A 11 -5.83 3.92 -5.32
N LYS A 12 -6.06 3.47 -6.54
CA LYS A 12 -7.27 3.84 -7.27
C LYS A 12 -8.40 2.87 -6.87
N LYS A 13 -9.39 3.42 -6.18
CA LYS A 13 -10.52 2.63 -5.75
C LYS A 13 -11.54 2.53 -6.89
N GLY A 14 -12.08 1.34 -7.06
CA GLY A 14 -11.72 0.22 -6.19
C GLY A 14 -12.82 -0.84 -6.18
N PHE A 15 -13.15 -1.28 -4.96
CA PHE A 15 -14.19 -2.28 -4.79
C PHE A 15 -15.33 -1.75 -3.92
N ASN A 16 -15.12 -1.82 -2.62
CA ASN A 16 -16.12 -1.36 -1.67
C ASN A 16 -15.44 -0.95 -0.37
N SER A 17 -14.57 -1.84 0.11
CA SER A 17 -13.85 -1.59 1.34
C SER A 17 -12.67 -2.55 1.45
N PRO A 18 -11.74 -2.46 0.47
CA PRO A 18 -10.57 -3.31 0.45
C PRO A 18 -9.54 -2.85 1.50
N TYR A 19 -8.83 -3.81 2.04
CA TYR A 19 -7.82 -3.53 3.04
C TYR A 19 -6.41 -3.84 2.52
N ILE A 20 -5.43 -3.19 3.12
CA ILE A 20 -4.05 -3.37 2.72
C ILE A 20 -3.21 -3.72 3.96
N HIS A 21 -2.28 -4.64 3.77
CA HIS A 21 -1.42 -5.06 4.86
C HIS A 21 0.04 -4.84 4.46
N TYR A 22 0.68 -3.92 5.17
CA TYR A 22 2.07 -3.60 4.91
C TYR A 22 2.92 -3.73 6.18
N ARG A 23 4.22 -3.85 5.98
CA ARG A 23 5.14 -3.98 7.09
C ARG A 23 6.49 -3.35 6.75
N PRO A 24 7.15 -2.78 7.80
CA PRO A 24 8.44 -2.14 7.61
C PRO A 24 9.55 -3.18 7.42
N ALA A 25 10.54 -2.81 6.63
CA ALA A 25 11.67 -3.70 6.37
C ALA A 25 12.61 -3.68 7.57
N GLY A 26 12.10 -4.14 8.70
CA GLY A 26 12.89 -4.19 9.91
C GLY A 26 12.04 -3.86 11.14
N GLY A 27 10.82 -4.36 11.12
CA GLY A 27 9.89 -4.13 12.22
C GLY A 27 9.04 -5.37 12.49
N SER A 28 7.87 -5.40 11.87
CA SER A 28 6.97 -6.52 12.04
C SER A 28 5.71 -6.32 11.18
N TRP A 29 4.77 -7.23 11.35
CA TRP A 29 3.52 -7.16 10.59
C TRP A 29 2.45 -6.55 11.51
N THR A 30 1.69 -5.63 10.94
CA THR A 30 0.64 -4.96 11.69
C THR A 30 -0.53 -5.92 11.90
N ALA A 31 -1.52 -5.44 12.66
CA ALA A 31 -2.70 -6.24 12.95
C ALA A 31 -3.50 -6.44 11.67
N ALA A 32 -3.44 -7.66 11.15
CA ALA A 32 -4.17 -7.99 9.93
C ALA A 32 -5.67 -8.00 10.22
N PRO A 33 -6.43 -7.36 9.31
CA PRO A 33 -5.83 -6.70 8.15
C PRO A 33 -5.15 -5.40 8.56
N GLY A 34 -4.08 -5.08 7.85
CA GLY A 34 -3.33 -3.87 8.12
C GLY A 34 -4.27 -2.71 8.45
N VAL A 35 -4.50 -1.87 7.45
CA VAL A 35 -5.37 -0.73 7.61
C VAL A 35 -6.27 -0.59 6.38
N LYS A 36 -7.38 0.12 6.56
CA LYS A 36 -8.32 0.34 5.48
C LYS A 36 -7.91 1.58 4.69
N MET A 37 -7.52 1.35 3.45
CA MET A 37 -7.10 2.45 2.59
C MET A 37 -7.87 3.73 2.91
N GLN A 38 -7.10 4.75 3.29
CA GLN A 38 -7.70 6.03 3.63
C GLN A 38 -7.87 6.89 2.38
N ASP A 39 -9.12 7.21 2.09
CA ASP A 39 -9.43 8.02 0.93
C ASP A 39 -8.54 9.27 0.93
N ALA A 40 -7.97 9.55 -0.23
CA ALA A 40 -7.10 10.71 -0.37
C ALA A 40 -7.94 11.98 -0.34
N GLU A 41 -7.52 12.95 -1.14
CA GLU A 41 -8.23 14.22 -1.21
C GLU A 41 -8.67 14.50 -2.64
N ILE A 42 -8.42 13.53 -3.50
CA ILE A 42 -8.79 13.67 -4.90
C ILE A 42 -10.25 13.26 -5.09
N SER A 43 -10.73 12.45 -4.15
CA SER A 43 -12.10 11.97 -4.20
C SER A 43 -12.19 10.71 -5.05
N GLY A 44 -12.45 9.60 -4.37
CA GLY A 44 -12.56 8.31 -5.05
C GLY A 44 -11.23 7.57 -5.04
N TYR A 45 -10.21 8.25 -4.54
CA TYR A 45 -8.88 7.67 -4.46
C TYR A 45 -8.54 7.28 -3.02
N ALA A 46 -7.55 6.41 -2.90
CA ALA A 46 -7.11 5.96 -1.59
C ALA A 46 -5.68 6.41 -1.34
N LYS A 47 -5.33 6.54 -0.08
CA LYS A 47 -3.99 6.96 0.30
C LYS A 47 -3.67 6.45 1.71
N ILE A 48 -2.47 5.89 1.83
CA ILE A 48 -2.03 5.35 3.11
C ILE A 48 -0.63 5.87 3.41
N THR A 49 -0.37 6.06 4.70
CA THR A 49 0.93 6.55 5.14
C THR A 49 1.49 5.66 6.24
N VAL A 50 2.73 5.23 6.04
CA VAL A 50 3.39 4.37 7.00
C VAL A 50 4.76 4.96 7.34
N ASP A 51 5.00 5.10 8.64
CA ASP A 51 6.26 5.65 9.12
C ASP A 51 7.32 4.54 9.13
N ILE A 52 8.56 4.95 8.93
CA ILE A 52 9.66 4.01 8.92
C ILE A 52 10.95 4.73 9.35
N GLY A 53 10.93 5.25 10.57
CA GLY A 53 12.07 5.95 11.11
C GLY A 53 13.24 5.00 11.36
N SER A 54 13.57 4.24 10.33
CA SER A 54 14.67 3.29 10.42
C SER A 54 14.47 2.16 9.40
N ALA A 55 14.04 2.54 8.21
CA ALA A 55 13.80 1.58 7.15
C ALA A 55 13.76 2.31 5.81
N SER A 56 14.30 1.64 4.80
CA SER A 56 14.33 2.21 3.46
C SER A 56 13.42 1.40 2.53
N GLN A 57 12.78 0.40 3.11
CA GLN A 57 11.88 -0.46 2.34
C GLN A 57 10.71 -0.91 3.21
N LEU A 58 9.54 -0.92 2.60
CA LEU A 58 8.33 -1.34 3.31
C LEU A 58 7.47 -2.18 2.38
N GLU A 59 7.00 -3.31 2.91
CA GLU A 59 6.16 -4.21 2.13
C GLU A 59 4.69 -3.84 2.31
N ALA A 60 3.93 -4.03 1.23
CA ALA A 60 2.51 -3.72 1.25
C ALA A 60 1.75 -4.76 0.43
N ALA A 61 0.64 -5.22 0.98
CA ALA A 61 -0.17 -6.21 0.31
C ALA A 61 -1.60 -5.67 0.15
N PHE A 62 -2.31 -6.23 -0.82
CA PHE A 62 -3.68 -5.82 -1.08
C PHE A 62 -4.63 -7.01 -1.02
N ASN A 63 -5.68 -6.84 -0.21
CA ASN A 63 -6.67 -7.88 -0.05
C ASN A 63 -8.03 -7.25 0.25
N ASP A 64 -9.05 -7.77 -0.40
CA ASP A 64 -10.40 -7.27 -0.22
C ASP A 64 -10.88 -7.62 1.19
N GLY A 65 -10.17 -8.55 1.81
CA GLY A 65 -10.52 -8.99 3.15
C GLY A 65 -11.48 -10.17 3.12
N ASN A 66 -11.49 -10.86 1.99
CA ASN A 66 -12.36 -12.01 1.82
C ASN A 66 -11.55 -13.19 1.28
N ASN A 67 -10.33 -13.32 1.80
CA ASN A 67 -9.45 -14.40 1.38
C ASN A 67 -8.99 -14.14 -0.06
N ASN A 68 -9.08 -12.88 -0.46
CA ASN A 68 -8.67 -12.50 -1.80
C ASN A 68 -7.45 -11.58 -1.72
N TRP A 69 -6.30 -12.19 -1.49
CA TRP A 69 -5.06 -11.45 -1.39
C TRP A 69 -4.34 -11.54 -2.74
N ASP A 70 -3.86 -10.40 -3.19
CA ASP A 70 -3.14 -10.34 -4.47
C ASP A 70 -1.87 -9.51 -4.29
N SER A 71 -0.79 -10.20 -3.97
CA SER A 71 0.49 -9.55 -3.78
C SER A 71 1.19 -9.35 -5.12
N ASN A 72 1.63 -10.45 -5.70
CA ASN A 72 2.31 -10.42 -6.98
C ASN A 72 2.98 -11.77 -7.23
N ASN A 73 3.74 -12.22 -6.25
CA ASN A 73 4.43 -13.49 -6.35
C ASN A 73 4.45 -14.18 -4.98
N THR A 74 4.95 -13.45 -4.00
CA THR A 74 5.02 -13.98 -2.65
C THR A 74 5.74 -12.99 -1.73
N LYS A 75 6.72 -12.31 -2.30
CA LYS A 75 7.49 -11.33 -1.55
C LYS A 75 6.85 -9.96 -1.70
N ASN A 76 5.56 -9.97 -2.00
CA ASN A 76 4.82 -8.73 -2.17
C ASN A 76 5.71 -7.70 -2.86
N TYR A 77 5.44 -6.43 -2.57
CA TYR A 77 6.21 -5.35 -3.16
C TYR A 77 6.92 -4.53 -2.09
N LEU A 78 8.21 -4.29 -2.32
CA LEU A 78 9.00 -3.51 -1.39
C LEU A 78 9.29 -2.13 -1.99
N PHE A 79 8.85 -1.12 -1.26
CA PHE A 79 9.05 0.26 -1.70
C PHE A 79 9.59 1.13 -0.56
N SER A 80 10.20 2.24 -0.95
CA SER A 80 10.75 3.16 0.03
C SER A 80 9.85 4.40 0.15
N THR A 81 10.20 5.25 1.10
CA THR A 81 9.44 6.46 1.34
C THR A 81 9.31 7.27 0.04
N GLY A 82 8.56 8.36 0.12
CA GLY A 82 8.35 9.22 -1.02
C GLY A 82 6.89 9.18 -1.48
N THR A 83 6.70 9.02 -2.77
CA THR A 83 5.37 8.96 -3.34
C THR A 83 5.22 7.75 -4.26
N SER A 84 4.17 6.98 -4.02
CA SER A 84 3.91 5.79 -4.81
C SER A 84 2.41 5.67 -5.09
N THR A 85 2.10 4.92 -6.14
CA THR A 85 0.71 4.71 -6.52
C THR A 85 0.45 3.23 -6.82
N TYR A 86 -0.53 2.68 -6.13
CA TYR A 86 -0.89 1.29 -6.32
C TYR A 86 -2.07 1.14 -7.27
N THR A 87 -1.85 0.37 -8.33
CA THR A 87 -2.88 0.14 -9.32
C THR A 87 -3.34 -1.31 -9.29
N PRO A 88 -4.68 -1.50 -9.09
CA PRO A 88 -5.25 -2.83 -9.04
C PRO A 88 -5.35 -3.44 -10.43
N GLY A 89 -6.10 -4.52 -10.53
CA GLY A 89 -6.28 -5.21 -11.79
C GLY A 89 -7.73 -5.11 -12.27
N SER A 90 -8.12 -6.08 -13.08
CA SER A 90 -9.47 -6.11 -13.61
C SER A 90 -10.18 -7.40 -13.18
N ASN A 91 -9.43 -8.49 -13.23
CA ASN A 91 -9.97 -9.78 -12.85
C ASN A 91 -8.98 -10.48 -11.91
N GLY A 92 -9.09 -10.16 -10.64
CA GLY A 92 -8.21 -10.75 -9.63
C GLY A 92 -6.81 -10.95 -10.19
N ALA A 93 -6.32 -9.92 -10.87
CA ALA A 93 -4.99 -9.97 -11.45
C ALA A 93 -4.15 -8.81 -10.92
N ALA A 94 -3.24 -9.14 -10.01
CA ALA A 94 -2.38 -8.14 -9.41
C ALA A 94 -1.97 -7.13 -10.48
N GLY A 95 -1.78 -5.89 -10.04
CA GLY A 95 -1.39 -4.82 -10.95
C GLY A 95 0.08 -4.43 -10.74
N THR A 96 0.30 -3.13 -10.61
CA THR A 96 1.65 -2.62 -10.41
C THR A 96 1.60 -1.30 -9.63
N ILE A 97 2.77 -0.89 -9.17
CA ILE A 97 2.88 0.35 -8.41
C ILE A 97 3.72 1.35 -9.20
N ARG A 98 3.17 2.55 -9.35
CA ARG A 98 3.86 3.60 -10.08
C ARG A 98 4.27 4.72 -9.12
N THR A 99 5.55 5.05 -9.17
CA THR A 99 6.08 6.10 -8.31
C THR A 99 5.70 7.47 -8.85
N GLY A 100 5.49 8.40 -7.93
CA GLY A 100 5.11 9.76 -8.29
C GLY A 100 3.67 10.05 -7.87
N ALA A 101 3.47 11.28 -7.41
CA ALA A 101 2.14 11.69 -6.98
C ALA A 101 1.16 11.56 -8.14
N PRO A 102 0.09 10.76 -7.91
CA PRO A 102 -0.92 10.54 -8.93
C PRO A 102 -1.83 11.76 -9.06
N SER A 103 -2.56 11.80 -10.17
CA SER A 103 -3.47 12.89 -10.43
C SER A 103 -4.62 12.43 -11.31
N GLY A 104 -5.60 11.78 -10.69
CA GLY A 104 -6.75 11.29 -11.42
C GLY A 104 -6.33 10.29 -12.49
N GLY A 1 15.74 7.30 17.24
CA GLY A 1 14.82 8.42 17.06
C GLY A 1 13.40 7.93 16.79
N GLY A 2 13.31 6.92 15.93
CA GLY A 2 12.03 6.35 15.57
C GLY A 2 11.47 7.00 14.30
N THR A 3 10.19 7.31 14.35
CA THR A 3 9.53 7.93 13.20
C THR A 3 10.40 9.04 12.63
N THR A 4 10.53 9.03 11.31
CA THR A 4 11.33 10.02 10.62
C THR A 4 10.88 10.15 9.16
N ASN A 5 11.01 9.05 8.44
CA ASN A 5 10.62 9.03 7.04
C ASN A 5 9.18 8.53 6.92
N LYS A 6 8.63 8.70 5.73
CA LYS A 6 7.26 8.28 5.47
C LYS A 6 7.14 7.82 4.02
N VAL A 7 6.13 6.99 3.78
CA VAL A 7 5.90 6.46 2.44
C VAL A 7 4.42 6.67 2.08
N THR A 8 4.21 7.29 0.92
CA THR A 8 2.86 7.55 0.45
C THR A 8 2.49 6.57 -0.67
N VAL A 9 1.41 5.83 -0.43
CA VAL A 9 0.95 4.85 -1.40
C VAL A 9 -0.50 5.17 -1.77
N TYR A 10 -0.72 5.35 -3.06
CA TYR A 10 -2.05 5.66 -3.56
C TYR A 10 -2.71 4.41 -4.16
N TYR A 11 -3.99 4.25 -3.87
CA TYR A 11 -4.74 3.12 -4.38
C TYR A 11 -6.04 3.58 -5.05
N LYS A 12 -6.35 2.95 -6.18
CA LYS A 12 -7.55 3.28 -6.91
C LYS A 12 -8.70 2.40 -6.43
N LYS A 13 -9.67 3.04 -5.79
CA LYS A 13 -10.83 2.33 -5.27
C LYS A 13 -11.88 2.21 -6.37
N GLY A 14 -12.51 1.04 -6.42
CA GLY A 14 -12.20 -0.02 -5.47
C GLY A 14 -13.43 -0.86 -5.16
N PHE A 15 -13.62 -1.12 -3.87
CA PHE A 15 -14.76 -1.91 -3.42
C PHE A 15 -15.66 -1.09 -2.48
N ASN A 16 -15.86 -1.64 -1.30
CA ASN A 16 -16.70 -0.97 -0.30
C ASN A 16 -15.87 -0.70 0.95
N SER A 17 -15.14 -1.73 1.38
CA SER A 17 -14.30 -1.61 2.55
C SER A 17 -13.03 -2.45 2.37
N PRO A 18 -12.23 -2.05 1.36
CA PRO A 18 -10.98 -2.75 1.07
C PRO A 18 -9.91 -2.39 2.09
N TYR A 19 -9.07 -3.38 2.39
CA TYR A 19 -7.99 -3.18 3.35
C TYR A 19 -6.63 -3.49 2.71
N ILE A 20 -5.60 -2.88 3.27
CA ILE A 20 -4.25 -3.10 2.78
C ILE A 20 -3.35 -3.50 3.95
N HIS A 21 -2.41 -4.40 3.65
CA HIS A 21 -1.49 -4.87 4.66
C HIS A 21 -0.05 -4.69 4.16
N TYR A 22 0.69 -3.86 4.89
CA TYR A 22 2.07 -3.59 4.54
C TYR A 22 2.99 -3.82 5.73
N ARG A 23 4.27 -3.98 5.43
CA ARG A 23 5.27 -4.21 6.46
C ARG A 23 6.57 -3.49 6.10
N PRO A 24 7.33 -3.13 7.17
CA PRO A 24 8.61 -2.44 6.99
C PRO A 24 9.68 -3.41 6.50
N ALA A 25 10.65 -2.85 5.79
CA ALA A 25 11.75 -3.64 5.27
C ALA A 25 12.00 -4.84 6.19
N GLY A 26 12.60 -4.54 7.33
CA GLY A 26 12.91 -5.57 8.30
C GLY A 26 12.35 -5.21 9.68
N GLY A 27 11.09 -5.57 9.88
CA GLY A 27 10.41 -5.30 11.13
C GLY A 27 9.43 -6.41 11.50
N SER A 28 8.19 -6.22 11.06
CA SER A 28 7.14 -7.20 11.32
C SER A 28 5.94 -6.93 10.43
N TRP A 29 4.92 -7.76 10.59
CA TRP A 29 3.71 -7.62 9.81
C TRP A 29 2.61 -7.08 10.73
N THR A 30 2.21 -5.85 10.45
CA THR A 30 1.17 -5.20 11.24
C THR A 30 0.01 -6.17 11.48
N ALA A 31 -0.91 -5.74 12.34
CA ALA A 31 -2.07 -6.54 12.66
C ALA A 31 -2.97 -6.65 11.43
N ALA A 32 -2.98 -7.84 10.84
CA ALA A 32 -3.80 -8.09 9.66
C ALA A 32 -5.26 -8.13 10.07
N PRO A 33 -6.10 -7.42 9.26
CA PRO A 33 -5.60 -6.68 8.11
C PRO A 33 -4.88 -5.41 8.55
N GLY A 34 -3.87 -5.03 7.77
CA GLY A 34 -3.10 -3.84 8.07
C GLY A 34 -4.02 -2.68 8.48
N VAL A 35 -4.21 -1.76 7.54
CA VAL A 35 -5.05 -0.61 7.79
C VAL A 35 -5.93 -0.35 6.55
N LYS A 36 -7.03 0.36 6.78
CA LYS A 36 -7.94 0.68 5.71
C LYS A 36 -7.43 1.90 4.95
N MET A 37 -7.20 1.70 3.66
CA MET A 37 -6.71 2.78 2.81
C MET A 37 -7.31 4.13 3.23
N GLN A 38 -6.43 5.11 3.38
CA GLN A 38 -6.87 6.44 3.77
C GLN A 38 -7.16 7.30 2.53
N ASP A 39 -8.44 7.57 2.33
CA ASP A 39 -8.86 8.37 1.19
C ASP A 39 -7.82 9.47 0.93
N ALA A 40 -7.66 9.80 -0.34
CA ALA A 40 -6.71 10.82 -0.73
C ALA A 40 -7.34 12.20 -0.50
N GLU A 41 -7.05 13.11 -1.43
CA GLU A 41 -7.58 14.45 -1.34
C GLU A 41 -8.19 14.87 -2.68
N ILE A 42 -8.26 13.91 -3.59
CA ILE A 42 -8.82 14.16 -4.90
C ILE A 42 -10.33 13.91 -4.87
N SER A 43 -10.71 12.69 -5.20
CA SER A 43 -12.11 12.31 -5.21
C SER A 43 -12.26 10.89 -5.76
N GLY A 44 -12.40 9.93 -4.84
CA GLY A 44 -12.56 8.54 -5.23
C GLY A 44 -11.22 7.81 -5.18
N TYR A 45 -10.21 8.52 -4.71
CA TYR A 45 -8.87 7.96 -4.61
C TYR A 45 -8.53 7.61 -3.16
N ALA A 46 -7.56 6.72 -3.01
CA ALA A 46 -7.14 6.30 -1.69
C ALA A 46 -5.64 6.55 -1.54
N LYS A 47 -5.21 6.68 -0.29
CA LYS A 47 -3.80 6.92 0.01
C LYS A 47 -3.48 6.40 1.40
N ILE A 48 -2.20 6.11 1.61
CA ILE A 48 -1.75 5.60 2.90
C ILE A 48 -0.37 6.17 3.20
N THR A 49 -0.09 6.30 4.49
CA THR A 49 1.19 6.83 4.94
C THR A 49 1.82 5.90 5.97
N VAL A 50 3.05 5.50 5.68
CA VAL A 50 3.77 4.61 6.58
C VAL A 50 5.17 5.18 6.85
N ASP A 51 5.55 5.14 8.11
CA ASP A 51 6.86 5.66 8.51
C ASP A 51 7.92 4.57 8.31
N ILE A 52 9.13 5.01 8.03
CA ILE A 52 10.23 4.08 7.81
C ILE A 52 11.56 4.80 8.09
N GLY A 53 11.57 5.53 9.20
CA GLY A 53 12.77 6.26 9.59
C GLY A 53 13.98 5.34 9.65
N SER A 54 13.71 4.05 9.74
CA SER A 54 14.77 3.06 9.81
C SER A 54 14.52 1.96 8.76
N ALA A 55 14.00 2.39 7.63
CA ALA A 55 13.71 1.46 6.54
C ALA A 55 13.79 2.20 5.21
N SER A 56 14.31 1.51 4.21
CA SER A 56 14.45 2.08 2.89
C SER A 56 13.51 1.38 1.91
N GLN A 57 12.85 0.35 2.41
CA GLN A 57 11.92 -0.42 1.60
C GLN A 57 10.82 -1.01 2.47
N LEU A 58 9.60 -0.97 1.95
CA LEU A 58 8.46 -1.50 2.66
C LEU A 58 7.54 -2.23 1.68
N GLU A 59 6.99 -3.35 2.15
CA GLU A 59 6.09 -4.14 1.32
C GLU A 59 4.63 -3.82 1.67
N ALA A 60 3.79 -3.86 0.64
CA ALA A 60 2.38 -3.58 0.82
C ALA A 60 1.56 -4.58 -0.01
N ALA A 61 0.45 -5.00 0.58
CA ALA A 61 -0.43 -5.95 -0.08
C ALA A 61 -1.86 -5.39 -0.10
N PHE A 62 -2.65 -5.90 -1.04
CA PHE A 62 -4.03 -5.46 -1.18
C PHE A 62 -4.99 -6.65 -1.06
N ASN A 63 -5.95 -6.50 -0.15
CA ASN A 63 -6.93 -7.54 0.07
C ASN A 63 -8.31 -6.91 0.24
N ASP A 64 -9.34 -7.72 0.02
CA ASP A 64 -10.71 -7.26 0.15
C ASP A 64 -11.13 -7.31 1.62
N GLY A 65 -10.56 -8.28 2.32
CA GLY A 65 -10.86 -8.46 3.73
C GLY A 65 -10.11 -9.67 4.30
N ASN A 66 -10.18 -10.77 3.58
CA ASN A 66 -9.52 -12.00 4.00
C ASN A 66 -9.97 -13.16 3.12
N ASN A 67 -9.42 -13.19 1.91
CA ASN A 67 -9.77 -14.23 0.97
C ASN A 67 -9.07 -13.97 -0.36
N ASN A 68 -9.01 -12.69 -0.71
CA ASN A 68 -8.37 -12.28 -1.95
C ASN A 68 -7.18 -11.38 -1.64
N TRP A 69 -6.00 -11.83 -2.04
CA TRP A 69 -4.78 -11.07 -1.80
C TRP A 69 -4.11 -10.83 -3.16
N ASP A 70 -3.56 -9.63 -3.31
CA ASP A 70 -2.89 -9.26 -4.53
C ASP A 70 -1.51 -8.69 -4.20
N SER A 71 -0.65 -9.56 -3.69
CA SER A 71 0.70 -9.16 -3.33
C SER A 71 1.60 -9.17 -4.57
N ASN A 72 1.96 -10.39 -4.97
CA ASN A 72 2.82 -10.56 -6.13
C ASN A 72 3.25 -12.02 -6.23
N ASN A 73 3.50 -12.61 -5.07
CA ASN A 73 3.92 -14.00 -5.02
C ASN A 73 4.12 -14.41 -3.55
N THR A 74 4.87 -13.57 -2.84
CA THR A 74 5.15 -13.83 -1.44
C THR A 74 5.99 -12.70 -0.85
N LYS A 75 6.93 -12.22 -1.64
CA LYS A 75 7.81 -11.15 -1.21
C LYS A 75 7.20 -9.81 -1.61
N ASN A 76 5.95 -9.87 -2.07
CA ASN A 76 5.24 -8.68 -2.48
C ASN A 76 6.20 -7.76 -3.24
N TYR A 77 5.93 -6.46 -3.14
CA TYR A 77 6.75 -5.48 -3.82
C TYR A 77 7.54 -4.64 -2.80
N LEU A 78 8.59 -4.00 -3.30
CA LEU A 78 9.44 -3.17 -2.46
C LEU A 78 9.22 -1.70 -2.82
N PHE A 79 8.77 -0.94 -1.83
CA PHE A 79 8.53 0.47 -2.03
C PHE A 79 9.30 1.32 -1.01
N SER A 80 9.81 2.44 -1.47
CA SER A 80 10.56 3.34 -0.62
C SER A 80 9.78 4.63 -0.41
N THR A 81 10.27 5.44 0.52
CA THR A 81 9.64 6.71 0.83
C THR A 81 9.29 7.46 -0.47
N GLY A 82 8.48 8.50 -0.31
CA GLY A 82 8.07 9.30 -1.45
C GLY A 82 6.61 9.05 -1.80
N THR A 83 6.30 9.20 -3.08
CA THR A 83 4.94 9.00 -3.56
C THR A 83 4.89 7.81 -4.51
N SER A 84 3.89 6.97 -4.32
CA SER A 84 3.70 5.79 -5.15
C SER A 84 2.23 5.59 -5.47
N THR A 85 1.98 4.88 -6.55
CA THR A 85 0.62 4.60 -6.98
C THR A 85 0.45 3.11 -7.32
N TYR A 86 -0.33 2.43 -6.50
CA TYR A 86 -0.58 1.02 -6.71
C TYR A 86 -1.94 0.79 -7.39
N THR A 87 -1.87 0.26 -8.60
CA THR A 87 -3.08 -0.01 -9.37
C THR A 87 -3.33 -1.52 -9.46
N PRO A 88 -4.27 -1.99 -8.59
CA PRO A 88 -4.62 -3.40 -8.57
C PRO A 88 -5.47 -3.77 -9.76
N GLY A 89 -5.50 -5.07 -10.05
CA GLY A 89 -6.28 -5.58 -11.17
C GLY A 89 -7.76 -5.69 -10.80
N SER A 90 -8.47 -6.53 -11.54
CA SER A 90 -9.88 -6.75 -11.31
C SER A 90 -10.17 -8.23 -11.09
N ASN A 91 -9.65 -9.03 -12.02
CA ASN A 91 -9.84 -10.48 -11.94
C ASN A 91 -8.59 -11.12 -11.34
N GLY A 92 -8.36 -10.82 -10.07
CA GLY A 92 -7.21 -11.36 -9.37
C GLY A 92 -5.98 -11.37 -10.27
N ALA A 93 -5.72 -10.23 -10.89
CA ALA A 93 -4.59 -10.10 -11.78
C ALA A 93 -3.68 -8.96 -11.30
N ALA A 94 -2.57 -9.33 -10.69
CA ALA A 94 -1.63 -8.36 -10.18
C ALA A 94 -1.51 -7.19 -11.17
N GLY A 95 -1.21 -6.03 -10.63
CA GLY A 95 -1.06 -4.84 -11.46
C GLY A 95 0.37 -4.31 -11.41
N THR A 96 0.48 -3.00 -11.19
CA THR A 96 1.79 -2.36 -11.13
C THR A 96 1.72 -1.13 -10.23
N ILE A 97 2.90 -0.66 -9.85
CA ILE A 97 3.01 0.51 -8.99
C ILE A 97 3.81 1.60 -9.71
N ARG A 98 3.18 2.76 -9.83
CA ARG A 98 3.82 3.89 -10.49
C ARG A 98 4.21 4.95 -9.47
N THR A 99 5.51 5.25 -9.45
CA THR A 99 6.03 6.25 -8.52
C THR A 99 5.69 7.66 -9.01
N GLY A 100 5.47 8.54 -8.04
CA GLY A 100 5.14 9.92 -8.37
C GLY A 100 3.69 10.25 -7.98
N ALA A 101 3.51 11.44 -7.43
CA ALA A 101 2.19 11.88 -7.02
C ALA A 101 1.28 11.97 -8.24
N PRO A 102 0.25 11.08 -8.25
CA PRO A 102 -0.70 11.04 -9.36
C PRO A 102 -1.68 12.22 -9.28
N SER A 103 -2.39 12.43 -10.37
CA SER A 103 -3.35 13.51 -10.44
C SER A 103 -4.60 13.05 -11.18
N GLY A 104 -5.50 12.42 -10.43
CA GLY A 104 -6.74 11.92 -11.01
C GLY A 104 -6.48 10.72 -11.91
N GLY A 1 12.18 1.89 17.14
CA GLY A 1 13.20 2.91 17.04
C GLY A 1 13.65 3.07 15.58
N GLY A 2 12.71 3.49 14.75
CA GLY A 2 12.98 3.70 13.34
C GLY A 2 11.84 4.48 12.66
N THR A 3 11.69 5.72 13.08
CA THR A 3 10.64 6.56 12.53
C THR A 3 11.18 7.97 12.25
N THR A 4 10.97 8.42 11.02
CA THR A 4 11.42 9.75 10.63
C THR A 4 10.82 10.13 9.28
N ASN A 5 10.89 9.20 8.34
CA ASN A 5 10.35 9.43 7.01
C ASN A 5 8.96 8.78 6.91
N LYS A 6 8.35 8.95 5.74
CA LYS A 6 7.04 8.39 5.50
C LYS A 6 6.94 7.95 4.03
N VAL A 7 6.03 7.03 3.79
CA VAL A 7 5.82 6.51 2.44
C VAL A 7 4.35 6.67 2.07
N THR A 8 4.11 7.43 1.01
CA THR A 8 2.76 7.68 0.55
C THR A 8 2.45 6.78 -0.66
N VAL A 9 1.41 5.97 -0.52
CA VAL A 9 1.00 5.07 -1.58
C VAL A 9 -0.47 5.32 -1.91
N TYR A 10 -0.72 5.54 -3.19
CA TYR A 10 -2.08 5.78 -3.65
C TYR A 10 -2.62 4.58 -4.43
N TYR A 11 -3.82 4.16 -4.04
CA TYR A 11 -4.46 3.02 -4.69
C TYR A 11 -5.85 3.40 -5.20
N LYS A 12 -6.15 2.92 -6.40
CA LYS A 12 -7.45 3.20 -7.01
C LYS A 12 -8.44 2.11 -6.60
N LYS A 13 -9.45 2.52 -5.83
CA LYS A 13 -10.47 1.60 -5.38
C LYS A 13 -11.74 1.80 -6.20
N GLY A 14 -12.41 0.68 -6.46
CA GLY A 14 -11.94 -0.61 -5.98
C GLY A 14 -13.12 -1.53 -5.66
N PHE A 15 -13.20 -1.94 -4.41
CA PHE A 15 -14.26 -2.81 -3.95
C PHE A 15 -15.28 -2.06 -3.09
N ASN A 16 -14.96 -1.96 -1.82
CA ASN A 16 -15.83 -1.27 -0.88
C ASN A 16 -14.99 -0.69 0.27
N SER A 17 -14.18 -1.56 0.85
CA SER A 17 -13.33 -1.15 1.96
C SER A 17 -12.28 -2.24 2.23
N PRO A 18 -11.43 -2.49 1.20
CA PRO A 18 -10.39 -3.49 1.32
C PRO A 18 -9.23 -2.99 2.20
N TYR A 19 -8.66 -3.92 2.94
CA TYR A 19 -7.55 -3.57 3.83
C TYR A 19 -6.21 -3.85 3.15
N ILE A 20 -5.17 -3.24 3.70
CA ILE A 20 -3.82 -3.41 3.16
C ILE A 20 -2.87 -3.77 4.31
N HIS A 21 -2.03 -4.76 4.04
CA HIS A 21 -1.06 -5.21 5.03
C HIS A 21 0.36 -4.93 4.52
N TYR A 22 1.04 -4.04 5.22
CA TYR A 22 2.40 -3.68 4.87
C TYR A 22 3.35 -3.86 6.05
N ARG A 23 4.63 -3.94 5.73
CA ARG A 23 5.65 -4.11 6.75
C ARG A 23 6.92 -3.34 6.37
N PRO A 24 7.54 -2.72 7.41
CA PRO A 24 8.76 -1.95 7.19
C PRO A 24 9.96 -2.88 6.98
N ALA A 25 10.80 -2.49 6.03
CA ALA A 25 11.99 -3.27 5.71
C ALA A 25 12.98 -3.17 6.87
N GLY A 26 12.53 -3.62 8.03
CA GLY A 26 13.38 -3.60 9.22
C GLY A 26 12.54 -3.40 10.48
N GLY A 27 11.39 -4.05 10.49
CA GLY A 27 10.48 -3.96 11.63
C GLY A 27 9.76 -5.28 11.87
N SER A 28 8.58 -5.38 11.29
CA SER A 28 7.77 -6.58 11.43
C SER A 28 6.48 -6.46 10.61
N TRP A 29 5.62 -7.44 10.77
CA TRP A 29 4.35 -7.46 10.06
C TRP A 29 3.27 -6.95 11.02
N THR A 30 2.73 -5.78 10.69
CA THR A 30 1.70 -5.17 11.51
C THR A 30 0.60 -6.20 11.82
N ALA A 31 -0.35 -5.78 12.63
CA ALA A 31 -1.45 -6.63 13.01
C ALA A 31 -2.40 -6.80 11.81
N ALA A 32 -2.35 -7.99 11.22
CA ALA A 32 -3.20 -8.29 10.08
C ALA A 32 -4.65 -8.41 10.54
N PRO A 33 -5.55 -7.76 9.75
CA PRO A 33 -5.13 -7.01 8.58
C PRO A 33 -4.48 -5.69 8.98
N GLY A 34 -3.55 -5.24 8.15
CA GLY A 34 -2.84 -4.00 8.39
C GLY A 34 -3.82 -2.89 8.79
N VAL A 35 -4.03 -1.97 7.87
CA VAL A 35 -4.93 -0.85 8.10
C VAL A 35 -5.80 -0.63 6.86
N LYS A 36 -6.94 0.01 7.08
CA LYS A 36 -7.85 0.30 5.99
C LYS A 36 -7.39 1.55 5.24
N MET A 37 -7.12 1.37 3.96
CA MET A 37 -6.67 2.47 3.13
C MET A 37 -7.38 3.77 3.51
N GLN A 38 -6.63 4.86 3.47
CA GLN A 38 -7.17 6.16 3.81
C GLN A 38 -7.40 6.99 2.54
N ASP A 39 -8.64 7.35 2.32
CA ASP A 39 -9.01 8.14 1.15
C ASP A 39 -7.98 9.26 0.96
N ALA A 40 -7.78 9.61 -0.30
CA ALA A 40 -6.82 10.66 -0.63
C ALA A 40 -7.54 12.01 -0.62
N GLU A 41 -7.17 12.86 -1.58
CA GLU A 41 -7.76 14.17 -1.69
C GLU A 41 -8.16 14.45 -3.14
N ILE A 42 -8.09 13.40 -3.95
CA ILE A 42 -8.45 13.52 -5.35
C ILE A 42 -9.97 13.42 -5.50
N SER A 43 -10.45 12.18 -5.51
CA SER A 43 -11.88 11.95 -5.64
C SER A 43 -12.14 10.49 -6.02
N GLY A 44 -12.35 9.67 -5.00
CA GLY A 44 -12.59 8.25 -5.22
C GLY A 44 -11.30 7.45 -5.14
N TYR A 45 -10.23 8.13 -4.76
CA TYR A 45 -8.93 7.50 -4.63
C TYR A 45 -8.58 7.24 -3.17
N ALA A 46 -7.65 6.33 -2.96
CA ALA A 46 -7.21 5.99 -1.63
C ALA A 46 -5.71 6.26 -1.49
N LYS A 47 -5.28 6.46 -0.26
CA LYS A 47 -3.88 6.73 0.02
C LYS A 47 -3.54 6.26 1.43
N ILE A 48 -2.27 5.96 1.64
CA ILE A 48 -1.80 5.49 2.93
C ILE A 48 -0.40 6.06 3.19
N THR A 49 -0.10 6.22 4.47
CA THR A 49 1.19 6.75 4.87
C THR A 49 1.83 5.84 5.93
N VAL A 50 3.07 5.45 5.65
CA VAL A 50 3.80 4.58 6.57
C VAL A 50 5.18 5.18 6.83
N ASP A 51 5.57 5.18 8.09
CA ASP A 51 6.86 5.71 8.49
C ASP A 51 7.95 4.67 8.18
N ILE A 52 9.14 5.18 7.92
CA ILE A 52 10.27 4.31 7.61
C ILE A 52 11.57 5.05 7.93
N GLY A 53 11.61 5.61 9.12
CA GLY A 53 12.78 6.34 9.58
C GLY A 53 14.06 5.56 9.26
N SER A 54 14.11 4.35 9.80
CA SER A 54 15.27 3.49 9.60
C SER A 54 14.96 2.44 8.52
N ALA A 55 14.07 2.82 7.61
CA ALA A 55 13.69 1.93 6.53
C ALA A 55 13.70 2.71 5.21
N SER A 56 14.18 2.04 4.17
CA SER A 56 14.25 2.66 2.85
C SER A 56 13.25 1.98 1.91
N GLN A 57 12.61 0.94 2.43
CA GLN A 57 11.62 0.21 1.64
C GLN A 57 10.58 -0.42 2.56
N LEU A 58 9.33 -0.32 2.13
CA LEU A 58 8.22 -0.87 2.90
C LEU A 58 7.29 -1.64 1.97
N GLU A 59 7.01 -2.88 2.34
CA GLU A 59 6.13 -3.73 1.55
C GLU A 59 4.67 -3.55 1.99
N ALA A 60 3.79 -3.58 1.00
CA ALA A 60 2.38 -3.42 1.27
C ALA A 60 1.57 -4.37 0.38
N ALA A 61 0.56 -4.99 0.96
CA ALA A 61 -0.28 -5.92 0.23
C ALA A 61 -1.73 -5.44 0.29
N PHE A 62 -2.51 -5.91 -0.67
CA PHE A 62 -3.92 -5.54 -0.73
C PHE A 62 -4.82 -6.77 -0.59
N ASN A 63 -5.76 -6.67 0.33
CA ASN A 63 -6.68 -7.77 0.58
C ASN A 63 -8.00 -7.21 1.14
N ASP A 64 -9.09 -7.72 0.60
CA ASP A 64 -10.41 -7.28 1.04
C ASP A 64 -10.64 -7.72 2.49
N GLY A 65 -9.86 -8.71 2.90
CA GLY A 65 -9.96 -9.23 4.25
C GLY A 65 -10.86 -10.46 4.30
N ASN A 66 -11.26 -10.91 3.12
CA ASN A 66 -12.12 -12.07 3.01
C ASN A 66 -11.54 -13.04 1.98
N ASN A 67 -10.35 -13.54 2.28
CA ASN A 67 -9.68 -14.47 1.38
C ASN A 67 -9.67 -13.89 -0.03
N ASN A 68 -9.24 -12.64 -0.12
CA ASN A 68 -9.18 -11.97 -1.41
C ASN A 68 -7.94 -11.07 -1.45
N TRP A 69 -6.78 -11.72 -1.55
CA TRP A 69 -5.52 -11.01 -1.60
C TRP A 69 -5.13 -10.84 -3.06
N ASP A 70 -4.57 -9.68 -3.37
CA ASP A 70 -4.14 -9.38 -4.73
C ASP A 70 -2.68 -8.94 -4.71
N SER A 71 -2.00 -9.28 -3.63
CA SER A 71 -0.60 -8.92 -3.49
C SER A 71 0.25 -9.68 -4.52
N ASN A 72 0.85 -10.76 -4.08
CA ASN A 72 1.68 -11.57 -4.96
C ASN A 72 1.99 -12.91 -4.28
N ASN A 73 1.03 -13.36 -3.47
CA ASN A 73 1.19 -14.62 -2.76
C ASN A 73 2.02 -14.38 -1.49
N THR A 74 3.19 -13.79 -1.70
CA THR A 74 4.10 -13.51 -0.59
C THR A 74 5.33 -12.76 -1.08
N LYS A 75 5.12 -11.93 -2.10
CA LYS A 75 6.21 -11.15 -2.66
C LYS A 75 5.87 -9.66 -2.55
N ASN A 76 4.60 -9.35 -2.77
CA ASN A 76 4.15 -7.97 -2.69
C ASN A 76 5.18 -7.06 -3.35
N TYR A 77 5.06 -5.77 -3.06
CA TYR A 77 5.97 -4.78 -3.61
C TYR A 77 6.53 -3.88 -2.52
N LEU A 78 7.80 -3.53 -2.67
CA LEU A 78 8.46 -2.67 -1.71
C LEU A 78 8.48 -1.24 -2.25
N PHE A 79 8.06 -0.31 -1.39
CA PHE A 79 8.03 1.09 -1.77
C PHE A 79 8.89 1.94 -0.81
N SER A 80 9.52 2.95 -1.39
CA SER A 80 10.36 3.84 -0.59
C SER A 80 9.72 5.21 -0.47
N THR A 81 10.22 5.99 0.48
CA THR A 81 9.69 7.32 0.72
C THR A 81 9.35 8.00 -0.61
N GLY A 82 8.47 9.00 -0.52
CA GLY A 82 8.06 9.74 -1.70
C GLY A 82 6.59 9.48 -2.03
N THR A 83 6.25 9.67 -3.29
CA THR A 83 4.88 9.47 -3.73
C THR A 83 4.82 8.33 -4.75
N SER A 84 3.98 7.36 -4.44
CA SER A 84 3.82 6.20 -5.33
C SER A 84 2.33 5.93 -5.54
N THR A 85 2.05 5.24 -6.65
CA THR A 85 0.68 4.90 -6.98
C THR A 85 0.58 3.44 -7.42
N TYR A 86 -0.13 2.67 -6.60
CA TYR A 86 -0.30 1.25 -6.90
C TYR A 86 -1.65 0.99 -7.57
N THR A 87 -1.56 0.57 -8.83
CA THR A 87 -2.75 0.28 -9.60
C THR A 87 -2.84 -1.22 -9.91
N PRO A 88 -3.72 -1.92 -9.15
CA PRO A 88 -3.91 -3.34 -9.33
C PRO A 88 -4.74 -3.63 -10.58
N GLY A 89 -4.88 -4.92 -10.87
CA GLY A 89 -5.65 -5.34 -12.04
C GLY A 89 -7.12 -5.56 -11.67
N SER A 90 -7.77 -6.39 -12.48
CA SER A 90 -9.17 -6.69 -12.26
C SER A 90 -9.41 -8.19 -12.42
N ASN A 91 -8.42 -8.96 -12.00
CA ASN A 91 -8.51 -10.41 -12.09
C ASN A 91 -7.21 -11.04 -11.57
N GLY A 92 -6.96 -10.82 -10.28
CA GLY A 92 -5.77 -11.34 -9.65
C GLY A 92 -4.57 -11.28 -10.60
N ALA A 93 -4.41 -10.12 -11.22
CA ALA A 93 -3.32 -9.90 -12.15
C ALA A 93 -2.50 -8.70 -11.70
N ALA A 94 -1.33 -8.99 -11.15
CA ALA A 94 -0.44 -7.96 -10.67
C ALA A 94 -0.47 -6.78 -11.64
N GLY A 95 -0.87 -5.63 -11.13
CA GLY A 95 -0.95 -4.42 -11.93
C GLY A 95 0.42 -3.77 -12.08
N THR A 96 0.46 -2.48 -11.78
CA THR A 96 1.71 -1.73 -11.89
C THR A 96 1.71 -0.57 -10.88
N ILE A 97 2.90 -0.05 -10.64
CA ILE A 97 3.06 1.05 -9.71
C ILE A 97 3.70 2.23 -10.43
N ARG A 98 3.15 3.42 -10.17
CA ARG A 98 3.66 4.63 -10.79
C ARG A 98 4.05 5.65 -9.72
N THR A 99 5.31 6.06 -9.77
CA THR A 99 5.82 7.03 -8.81
C THR A 99 5.32 8.43 -9.16
N GLY A 100 5.15 9.24 -8.12
CA GLY A 100 4.68 10.60 -8.31
C GLY A 100 3.24 10.76 -7.83
N ALA A 101 2.96 11.90 -7.22
CA ALA A 101 1.63 12.19 -6.72
C ALA A 101 0.64 12.15 -7.88
N PRO A 102 -0.33 11.20 -7.78
CA PRO A 102 -1.34 11.06 -8.82
C PRO A 102 -2.38 12.18 -8.73
N SER A 103 -3.02 12.44 -9.86
CA SER A 103 -4.03 13.48 -9.92
C SER A 103 -4.98 13.22 -11.10
N GLY A 104 -5.91 12.30 -10.87
CA GLY A 104 -6.87 11.95 -11.90
C GLY A 104 -6.21 11.86 -13.28
N GLY A 1 5.97 10.70 15.94
CA GLY A 1 6.51 10.43 17.26
C GLY A 1 7.89 9.77 17.17
N GLY A 2 8.06 8.97 16.12
CA GLY A 2 9.32 8.28 15.91
C GLY A 2 9.69 8.28 14.42
N THR A 3 10.31 7.19 14.00
CA THR A 3 10.73 7.04 12.61
C THR A 3 11.26 8.39 12.08
N THR A 4 11.25 8.50 10.76
CA THR A 4 11.72 9.72 10.12
C THR A 4 11.06 9.88 8.75
N ASN A 5 11.55 9.11 7.79
CA ASN A 5 11.03 9.16 6.44
C ASN A 5 9.62 8.56 6.42
N LYS A 6 8.95 8.71 5.28
CA LYS A 6 7.61 8.19 5.12
C LYS A 6 7.41 7.72 3.68
N VAL A 7 6.43 6.85 3.50
CA VAL A 7 6.13 6.32 2.18
C VAL A 7 4.67 6.61 1.85
N THR A 8 4.46 7.27 0.71
CA THR A 8 3.13 7.61 0.27
C THR A 8 2.66 6.64 -0.82
N VAL A 9 1.52 6.01 -0.55
CA VAL A 9 0.95 5.05 -1.49
C VAL A 9 -0.48 5.46 -1.81
N TYR A 10 -0.75 5.57 -3.10
CA TYR A 10 -2.08 5.95 -3.56
C TYR A 10 -2.77 4.78 -4.25
N TYR A 11 -3.99 4.50 -3.81
CA TYR A 11 -4.77 3.41 -4.38
C TYR A 11 -6.07 3.92 -4.99
N LYS A 12 -6.40 3.37 -6.15
CA LYS A 12 -7.62 3.76 -6.85
C LYS A 12 -8.76 2.82 -6.46
N LYS A 13 -9.89 3.42 -6.10
CA LYS A 13 -11.05 2.65 -5.71
C LYS A 13 -11.77 2.14 -6.96
N GLY A 14 -12.19 0.88 -6.89
CA GLY A 14 -11.97 0.08 -5.70
C GLY A 14 -13.01 -1.03 -5.58
N PHE A 15 -13.57 -1.14 -4.38
CA PHE A 15 -14.58 -2.15 -4.11
C PHE A 15 -15.52 -1.70 -3.00
N ASN A 16 -15.07 -1.92 -1.77
CA ASN A 16 -15.86 -1.54 -0.60
C ASN A 16 -14.93 -1.13 0.54
N SER A 17 -13.74 -0.70 0.15
CA SER A 17 -12.74 -0.28 1.12
C SER A 17 -11.88 -1.47 1.54
N PRO A 18 -11.00 -1.91 0.60
CA PRO A 18 -10.12 -3.03 0.86
C PRO A 18 -8.98 -2.62 1.79
N TYR A 19 -8.52 -3.60 2.57
CA TYR A 19 -7.43 -3.35 3.51
C TYR A 19 -6.08 -3.67 2.87
N ILE A 20 -5.04 -3.05 3.42
CA ILE A 20 -3.70 -3.25 2.92
C ILE A 20 -2.78 -3.69 4.07
N HIS A 21 -1.84 -4.55 3.74
CA HIS A 21 -0.90 -5.05 4.73
C HIS A 21 0.53 -4.89 4.21
N TYR A 22 1.29 -4.07 4.91
CA TYR A 22 2.68 -3.82 4.53
C TYR A 22 3.62 -4.09 5.70
N ARG A 23 4.88 -4.32 5.36
CA ARG A 23 5.89 -4.59 6.37
C ARG A 23 7.18 -3.84 6.04
N PRO A 24 7.73 -3.16 7.09
CA PRO A 24 8.96 -2.39 6.92
C PRO A 24 10.17 -3.31 6.85
N ALA A 25 11.24 -2.79 6.30
CA ALA A 25 12.48 -3.55 6.16
C ALA A 25 12.76 -4.27 7.47
N GLY A 26 12.26 -3.71 8.56
CA GLY A 26 12.46 -4.29 9.87
C GLY A 26 11.85 -5.69 9.94
N GLY A 27 10.95 -5.96 9.01
CA GLY A 27 10.30 -7.25 8.96
C GLY A 27 9.13 -7.32 9.94
N SER A 28 8.39 -6.22 10.01
CA SER A 28 7.24 -6.14 10.90
C SER A 28 5.94 -6.13 10.09
N TRP A 29 4.97 -6.89 10.59
CA TRP A 29 3.69 -6.97 9.92
C TRP A 29 2.61 -6.49 10.89
N THR A 30 2.18 -5.26 10.67
CA THR A 30 1.15 -4.66 11.52
C THR A 30 0.02 -5.67 11.78
N ALA A 31 -0.87 -5.28 12.68
CA ALA A 31 -2.00 -6.13 13.02
C ALA A 31 -2.85 -6.36 11.78
N ALA A 32 -2.77 -7.58 11.26
CA ALA A 32 -3.53 -7.95 10.08
C ALA A 32 -5.03 -7.87 10.39
N PRO A 33 -5.77 -7.21 9.47
CA PRO A 33 -5.16 -6.62 8.29
C PRO A 33 -4.39 -5.35 8.65
N GLY A 34 -3.29 -5.13 7.94
CA GLY A 34 -2.46 -3.96 8.17
C GLY A 34 -3.32 -2.77 8.61
N VAL A 35 -3.60 -1.90 7.65
CA VAL A 35 -4.41 -0.72 7.92
C VAL A 35 -5.39 -0.50 6.78
N LYS A 36 -6.47 0.22 7.09
CA LYS A 36 -7.48 0.50 6.10
C LYS A 36 -7.13 1.79 5.37
N MET A 37 -6.72 1.64 4.12
CA MET A 37 -6.35 2.79 3.31
C MET A 37 -7.21 4.00 3.65
N GLN A 38 -6.55 5.15 3.72
CA GLN A 38 -7.24 6.39 4.04
C GLN A 38 -7.41 7.25 2.79
N ASP A 39 -8.65 7.64 2.54
CA ASP A 39 -8.96 8.45 1.38
C ASP A 39 -7.87 9.53 1.21
N ALA A 40 -7.64 9.90 -0.04
CA ALA A 40 -6.64 10.90 -0.35
C ALA A 40 -7.28 12.30 -0.27
N GLU A 41 -6.94 13.12 -1.25
CA GLU A 41 -7.47 14.47 -1.30
C GLU A 41 -7.98 14.78 -2.71
N ILE A 42 -8.00 13.75 -3.55
CA ILE A 42 -8.47 13.90 -4.91
C ILE A 42 -9.99 13.78 -4.94
N SER A 43 -10.45 12.53 -5.02
CA SER A 43 -11.88 12.27 -5.06
C SER A 43 -12.13 10.80 -5.41
N GLY A 44 -12.36 10.01 -4.38
CA GLY A 44 -12.62 8.59 -4.56
C GLY A 44 -11.31 7.79 -4.56
N TYR A 45 -10.23 8.49 -4.22
CA TYR A 45 -8.92 7.87 -4.18
C TYR A 45 -8.49 7.60 -2.73
N ALA A 46 -7.55 6.68 -2.58
CA ALA A 46 -7.04 6.32 -1.27
C ALA A 46 -5.57 6.71 -1.17
N LYS A 47 -5.14 6.98 0.05
CA LYS A 47 -3.75 7.36 0.30
C LYS A 47 -3.36 6.95 1.72
N ILE A 48 -2.19 6.35 1.82
CA ILE A 48 -1.68 5.91 3.11
C ILE A 48 -0.21 6.32 3.24
N THR A 49 0.20 6.51 4.49
CA THR A 49 1.57 6.90 4.76
C THR A 49 2.21 5.94 5.78
N VAL A 50 3.43 5.55 5.49
CA VAL A 50 4.16 4.64 6.36
C VAL A 50 5.57 5.20 6.62
N ASP A 51 5.91 5.28 7.89
CA ASP A 51 7.22 5.79 8.28
C ASP A 51 8.23 4.65 8.27
N ILE A 52 9.47 5.00 7.97
CA ILE A 52 10.54 4.01 7.91
C ILE A 52 11.89 4.71 8.10
N GLY A 53 11.95 5.53 9.14
CA GLY A 53 13.17 6.27 9.44
C GLY A 53 14.37 5.32 9.55
N SER A 54 14.06 4.06 9.83
CA SER A 54 15.09 3.06 9.96
C SER A 54 14.88 1.94 8.94
N ALA A 55 14.43 2.34 7.76
CA ALA A 55 14.17 1.39 6.70
C ALA A 55 14.15 2.13 5.35
N SER A 56 14.70 1.47 4.35
CA SER A 56 14.74 2.05 3.01
C SER A 56 13.84 1.26 2.06
N GLN A 57 13.21 0.24 2.61
CA GLN A 57 12.32 -0.61 1.83
C GLN A 57 11.18 -1.13 2.70
N LEU A 58 9.98 -1.13 2.12
CA LEU A 58 8.81 -1.59 2.82
C LEU A 58 7.88 -2.31 1.85
N GLU A 59 7.47 -3.51 2.25
CA GLU A 59 6.58 -4.30 1.42
C GLU A 59 5.11 -3.98 1.74
N ALA A 60 4.29 -4.03 0.70
CA ALA A 60 2.87 -3.74 0.87
C ALA A 60 2.06 -4.79 0.11
N ALA A 61 0.87 -5.06 0.63
CA ALA A 61 -0.01 -6.04 0.01
C ALA A 61 -1.44 -5.50 0.01
N PHE A 62 -2.24 -6.04 -0.90
CA PHE A 62 -3.62 -5.62 -1.02
C PHE A 62 -4.58 -6.81 -0.87
N ASN A 63 -5.53 -6.65 0.03
CA ASN A 63 -6.50 -7.70 0.29
C ASN A 63 -7.84 -7.07 0.69
N ASP A 64 -8.91 -7.61 0.11
CA ASP A 64 -10.24 -7.11 0.40
C ASP A 64 -10.61 -7.45 1.83
N GLY A 65 -10.00 -8.51 2.34
CA GLY A 65 -10.25 -8.95 3.70
C GLY A 65 -11.30 -10.06 3.73
N ASN A 66 -11.28 -10.89 2.68
CA ASN A 66 -12.22 -11.99 2.57
C ASN A 66 -11.57 -13.12 1.79
N ASN A 67 -10.29 -13.34 2.08
CA ASN A 67 -9.55 -14.40 1.41
C ASN A 67 -9.26 -13.98 -0.03
N ASN A 68 -9.05 -12.69 -0.22
CA ASN A 68 -8.78 -12.15 -1.54
C ASN A 68 -7.54 -11.27 -1.47
N TRP A 69 -6.39 -11.91 -1.25
CA TRP A 69 -5.13 -11.20 -1.18
C TRP A 69 -4.53 -11.15 -2.57
N ASP A 70 -3.78 -10.08 -2.82
CA ASP A 70 -3.14 -9.89 -4.11
C ASP A 70 -1.64 -9.64 -3.90
N SER A 71 -1.03 -10.50 -3.10
CA SER A 71 0.39 -10.38 -2.81
C SER A 71 1.20 -11.17 -3.85
N ASN A 72 0.55 -11.46 -4.97
CA ASN A 72 1.19 -12.19 -6.05
C ASN A 72 1.10 -13.69 -5.74
N ASN A 73 1.59 -14.06 -4.58
CA ASN A 73 1.58 -15.46 -4.17
C ASN A 73 2.48 -15.63 -2.94
N THR A 74 3.77 -15.41 -3.15
CA THR A 74 4.73 -15.55 -2.06
C THR A 74 5.99 -14.73 -2.38
N LYS A 75 5.78 -13.44 -2.62
CA LYS A 75 6.88 -12.56 -2.93
C LYS A 75 6.35 -11.13 -3.11
N ASN A 76 5.99 -10.53 -1.98
CA ASN A 76 5.47 -9.17 -1.99
C ASN A 76 6.43 -8.27 -2.78
N TYR A 77 6.11 -6.99 -2.78
CA TYR A 77 6.93 -6.00 -3.48
C TYR A 77 7.72 -5.14 -2.50
N LEU A 78 8.72 -4.47 -3.02
CA LEU A 78 9.57 -3.61 -2.21
C LEU A 78 9.39 -2.15 -2.65
N PHE A 79 8.99 -1.33 -1.71
CA PHE A 79 8.78 0.08 -2.00
C PHE A 79 9.56 0.96 -1.03
N SER A 80 10.03 2.10 -1.53
CA SER A 80 10.79 3.03 -0.72
C SER A 80 9.99 4.31 -0.50
N THR A 81 10.46 5.11 0.45
CA THR A 81 9.80 6.36 0.76
C THR A 81 9.55 7.17 -0.51
N GLY A 82 8.71 8.18 -0.37
CA GLY A 82 8.38 9.04 -1.50
C GLY A 82 6.90 8.92 -1.86
N THR A 83 6.61 9.22 -3.12
CA THR A 83 5.24 9.15 -3.61
C THR A 83 5.10 8.02 -4.62
N SER A 84 4.11 7.17 -4.37
CA SER A 84 3.85 6.05 -5.25
C SER A 84 2.34 5.81 -5.38
N THR A 85 1.96 5.14 -6.46
CA THR A 85 0.56 4.86 -6.71
C THR A 85 0.39 3.40 -7.12
N TYR A 86 -0.36 2.66 -6.31
CA TYR A 86 -0.60 1.26 -6.58
C TYR A 86 -1.98 1.07 -7.25
N THR A 87 -1.93 0.63 -8.50
CA THR A 87 -3.15 0.40 -9.25
C THR A 87 -3.36 -1.10 -9.48
N PRO A 88 -4.37 -1.66 -8.76
CA PRO A 88 -4.68 -3.07 -8.88
C PRO A 88 -5.41 -3.36 -10.19
N GLY A 89 -5.52 -4.64 -10.50
CA GLY A 89 -6.20 -5.06 -11.72
C GLY A 89 -7.52 -5.77 -11.39
N SER A 90 -7.94 -6.61 -12.33
CA SER A 90 -9.18 -7.35 -12.16
C SER A 90 -8.94 -8.84 -12.39
N ASN A 91 -9.76 -9.66 -11.73
CA ASN A 91 -9.63 -11.09 -11.86
C ASN A 91 -8.25 -11.54 -11.38
N GLY A 92 -7.96 -11.23 -10.13
CA GLY A 92 -6.68 -11.59 -9.54
C GLY A 92 -5.55 -11.40 -10.54
N ALA A 93 -5.46 -10.19 -11.08
CA ALA A 93 -4.44 -9.87 -12.05
C ALA A 93 -3.60 -8.69 -11.52
N ALA A 94 -2.41 -9.02 -11.07
CA ALA A 94 -1.50 -8.01 -10.53
C ALA A 94 -1.55 -6.78 -11.43
N GLY A 95 -1.33 -5.63 -10.82
CA GLY A 95 -1.34 -4.37 -11.55
C GLY A 95 0.07 -3.79 -11.67
N THR A 96 0.17 -2.50 -11.42
CA THR A 96 1.45 -1.81 -11.50
C THR A 96 1.47 -0.62 -10.54
N ILE A 97 2.69 -0.19 -10.22
CA ILE A 97 2.87 0.95 -9.32
C ILE A 97 3.52 2.10 -10.08
N ARG A 98 2.93 3.28 -9.92
CA ARG A 98 3.44 4.46 -10.58
C ARG A 98 3.94 5.48 -9.56
N THR A 99 5.22 5.82 -9.67
CA THR A 99 5.83 6.77 -8.77
C THR A 99 5.41 8.20 -9.13
N GLY A 100 5.28 9.03 -8.11
CA GLY A 100 4.91 10.42 -8.31
C GLY A 100 3.48 10.67 -7.81
N ALA A 101 3.31 11.83 -7.19
CA ALA A 101 2.01 12.21 -6.66
C ALA A 101 0.97 12.23 -7.79
N PRO A 102 -0.07 11.39 -7.64
CA PRO A 102 -1.12 11.30 -8.64
C PRO A 102 -2.05 12.52 -8.56
N SER A 103 -2.67 12.81 -9.69
CA SER A 103 -3.60 13.94 -9.77
C SER A 103 -4.69 13.66 -10.79
N GLY A 104 -5.63 12.82 -10.39
CA GLY A 104 -6.74 12.46 -11.27
C GLY A 104 -8.04 12.31 -10.48
N GLY A 1 11.70 3.17 17.40
CA GLY A 1 10.93 4.00 18.32
C GLY A 1 10.07 5.00 17.55
N GLY A 2 10.48 6.27 17.62
CA GLY A 2 9.76 7.33 16.94
C GLY A 2 10.13 7.37 15.46
N THR A 3 9.09 7.37 14.62
CA THR A 3 9.29 7.41 13.19
C THR A 3 10.11 8.64 12.80
N THR A 4 10.24 8.83 11.49
CA THR A 4 10.99 9.97 10.98
C THR A 4 10.63 10.22 9.52
N ASN A 5 10.54 9.13 8.75
CA ASN A 5 10.21 9.23 7.35
C ASN A 5 8.75 8.80 7.14
N LYS A 6 8.26 9.04 5.94
CA LYS A 6 6.89 8.69 5.60
C LYS A 6 6.83 8.30 4.13
N VAL A 7 5.99 7.31 3.84
CA VAL A 7 5.82 6.83 2.49
C VAL A 7 4.38 7.08 2.04
N THR A 8 4.26 7.67 0.86
CA THR A 8 2.94 7.97 0.30
C THR A 8 2.55 6.93 -0.74
N VAL A 9 1.42 6.28 -0.50
CA VAL A 9 0.94 5.26 -1.43
C VAL A 9 -0.50 5.60 -1.83
N TYR A 10 -0.69 5.70 -3.13
CA TYR A 10 -2.01 6.01 -3.68
C TYR A 10 -2.59 4.82 -4.44
N TYR A 11 -3.78 4.42 -4.03
CA TYR A 11 -4.45 3.30 -4.67
C TYR A 11 -5.81 3.72 -5.22
N LYS A 12 -6.12 3.20 -6.41
CA LYS A 12 -7.38 3.52 -7.04
C LYS A 12 -8.42 2.46 -6.68
N LYS A 13 -9.42 2.90 -5.92
CA LYS A 13 -10.48 1.99 -5.49
C LYS A 13 -11.55 1.93 -6.58
N GLY A 14 -12.12 0.74 -6.74
CA GLY A 14 -11.70 -0.40 -5.93
C GLY A 14 -12.91 -1.26 -5.55
N PHE A 15 -13.05 -1.48 -4.25
CA PHE A 15 -14.15 -2.28 -3.74
C PHE A 15 -15.07 -1.44 -2.85
N ASN A 16 -15.27 -1.92 -1.63
CA ASN A 16 -16.13 -1.24 -0.69
C ASN A 16 -15.26 -0.57 0.38
N SER A 17 -14.39 -1.38 0.97
CA SER A 17 -13.50 -0.89 2.01
C SER A 17 -12.45 -1.95 2.35
N PRO A 18 -11.61 -2.27 1.34
CA PRO A 18 -10.56 -3.26 1.52
C PRO A 18 -9.41 -2.71 2.35
N TYR A 19 -8.80 -3.58 3.13
CA TYR A 19 -7.69 -3.19 3.97
C TYR A 19 -6.35 -3.49 3.30
N ILE A 20 -5.31 -2.83 3.79
CA ILE A 20 -3.98 -3.02 3.24
C ILE A 20 -3.02 -3.43 4.37
N HIS A 21 -2.11 -4.33 4.01
CA HIS A 21 -1.13 -4.81 4.98
C HIS A 21 0.26 -4.72 4.38
N TYR A 22 1.10 -3.90 5.03
CA TYR A 22 2.46 -3.72 4.57
C TYR A 22 3.46 -4.12 5.66
N ARG A 23 4.69 -4.38 5.22
CA ARG A 23 5.74 -4.78 6.14
C ARG A 23 7.02 -3.99 5.86
N PRO A 24 7.64 -3.50 6.96
CA PRO A 24 8.87 -2.74 6.84
C PRO A 24 10.06 -3.63 6.52
N ALA A 25 11.05 -3.05 5.87
CA ALA A 25 12.25 -3.79 5.50
C ALA A 25 12.76 -4.57 6.70
N GLY A 26 12.40 -4.08 7.89
CA GLY A 26 12.82 -4.71 9.12
C GLY A 26 12.44 -6.20 9.12
N GLY A 27 11.50 -6.54 8.27
CA GLY A 27 11.04 -7.92 8.15
C GLY A 27 9.90 -8.19 9.13
N SER A 28 9.23 -7.12 9.53
CA SER A 28 8.11 -7.23 10.45
C SER A 28 6.79 -7.08 9.70
N TRP A 29 5.71 -7.37 10.39
CA TRP A 29 4.39 -7.27 9.81
C TRP A 29 3.46 -6.59 10.83
N THR A 30 2.95 -5.44 10.44
CA THR A 30 2.05 -4.68 11.30
C THR A 30 0.82 -5.51 11.65
N ALA A 31 0.05 -5.00 12.59
CA ALA A 31 -1.16 -5.69 13.03
C ALA A 31 -2.07 -5.91 11.82
N ALA A 32 -2.15 -7.17 11.42
CA ALA A 32 -2.99 -7.53 10.29
C ALA A 32 -4.45 -7.58 10.72
N PRO A 33 -5.32 -6.93 9.90
CA PRO A 33 -4.87 -6.26 8.70
C PRO A 33 -4.16 -4.94 9.05
N GLY A 34 -3.14 -4.63 8.26
CA GLY A 34 -2.38 -3.41 8.47
C GLY A 34 -3.29 -2.25 8.89
N VAL A 35 -3.62 -1.43 7.91
CA VAL A 35 -4.49 -0.29 8.16
C VAL A 35 -5.51 -0.16 7.03
N LYS A 36 -6.60 0.53 7.32
CA LYS A 36 -7.64 0.73 6.33
C LYS A 36 -7.30 1.93 5.46
N MET A 37 -7.03 1.65 4.20
CA MET A 37 -6.69 2.69 3.25
C MET A 37 -7.46 3.97 3.54
N GLN A 38 -6.74 5.08 3.54
CA GLN A 38 -7.35 6.38 3.80
C GLN A 38 -7.58 7.13 2.50
N ASP A 39 -8.85 7.35 2.20
CA ASP A 39 -9.22 8.05 0.98
C ASP A 39 -8.25 9.20 0.74
N ALA A 40 -8.04 9.51 -0.54
CA ALA A 40 -7.14 10.58 -0.91
C ALA A 40 -7.87 11.92 -0.80
N GLU A 41 -7.51 12.83 -1.68
CA GLU A 41 -8.11 14.16 -1.70
C GLU A 41 -8.72 14.45 -3.07
N ILE A 42 -8.63 13.46 -3.94
CA ILE A 42 -9.16 13.60 -5.30
C ILE A 42 -10.65 13.33 -5.28
N SER A 43 -11.00 12.07 -5.56
CA SER A 43 -12.40 11.67 -5.58
C SER A 43 -12.50 10.19 -5.98
N GLY A 44 -12.56 9.34 -4.96
CA GLY A 44 -12.66 7.91 -5.19
C GLY A 44 -11.29 7.25 -5.13
N TYR A 45 -10.30 8.03 -4.70
CA TYR A 45 -8.95 7.53 -4.59
C TYR A 45 -8.58 7.23 -3.13
N ALA A 46 -7.58 6.38 -2.97
CA ALA A 46 -7.13 6.02 -1.63
C ALA A 46 -5.69 6.49 -1.44
N LYS A 47 -5.34 6.75 -0.19
CA LYS A 47 -4.00 7.20 0.14
C LYS A 47 -3.66 6.78 1.57
N ILE A 48 -2.50 6.15 1.70
CA ILE A 48 -2.05 5.68 3.00
C ILE A 48 -0.59 6.12 3.22
N THR A 49 -0.24 6.29 4.48
CA THR A 49 1.10 6.71 4.83
C THR A 49 1.81 5.61 5.64
N VAL A 50 3.09 5.45 5.35
CA VAL A 50 3.89 4.45 6.04
C VAL A 50 5.18 5.08 6.55
N ASP A 51 5.35 5.04 7.87
CA ASP A 51 6.52 5.61 8.49
C ASP A 51 7.67 4.60 8.42
N ILE A 52 8.78 5.06 7.87
CA ILE A 52 9.96 4.22 7.73
C ILE A 52 11.21 5.02 8.11
N GLY A 53 11.12 5.67 9.25
CA GLY A 53 12.24 6.47 9.74
C GLY A 53 13.52 5.65 9.81
N SER A 54 13.33 4.33 9.86
CA SER A 54 14.47 3.42 9.94
C SER A 54 14.31 2.30 8.90
N ALA A 55 13.82 2.69 7.73
CA ALA A 55 13.61 1.74 6.65
C ALA A 55 13.69 2.46 5.31
N SER A 56 14.26 1.77 4.33
CA SER A 56 14.40 2.33 3.00
C SER A 56 13.48 1.60 2.02
N GLN A 57 12.82 0.58 2.53
CA GLN A 57 11.91 -0.21 1.71
C GLN A 57 10.79 -0.80 2.58
N LEU A 58 9.59 -0.77 2.03
CA LEU A 58 8.44 -1.29 2.74
C LEU A 58 7.44 -1.87 1.73
N GLU A 59 7.08 -3.13 1.97
CA GLU A 59 6.15 -3.82 1.10
C GLU A 59 4.70 -3.62 1.59
N ALA A 60 3.80 -3.51 0.63
CA ALA A 60 2.39 -3.32 0.96
C ALA A 60 1.54 -4.27 0.11
N ALA A 61 0.59 -4.91 0.77
CA ALA A 61 -0.29 -5.85 0.09
C ALA A 61 -1.73 -5.37 0.22
N PHE A 62 -2.59 -5.94 -0.62
CA PHE A 62 -3.99 -5.57 -0.60
C PHE A 62 -4.87 -6.81 -0.36
N ASN A 63 -5.74 -6.68 0.63
CA ASN A 63 -6.65 -7.77 0.97
C ASN A 63 -8.02 -7.20 1.35
N ASP A 64 -9.05 -7.85 0.85
CA ASP A 64 -10.41 -7.41 1.12
C ASP A 64 -10.62 -7.32 2.63
N GLY A 65 -10.11 -8.33 3.32
CA GLY A 65 -10.23 -8.38 4.77
C GLY A 65 -9.78 -9.74 5.31
N ASN A 66 -8.72 -10.25 4.71
CA ASN A 66 -8.18 -11.55 5.13
C ASN A 66 -9.00 -12.67 4.50
N ASN A 67 -8.64 -12.99 3.26
CA ASN A 67 -9.34 -14.04 2.54
C ASN A 67 -9.08 -13.89 1.04
N ASN A 68 -8.82 -12.65 0.64
CA ASN A 68 -8.55 -12.35 -0.75
C ASN A 68 -7.40 -11.34 -0.84
N TRP A 69 -6.19 -11.86 -0.91
CA TRP A 69 -5.02 -11.02 -1.00
C TRP A 69 -4.62 -10.92 -2.47
N ASP A 70 -4.16 -9.72 -2.85
CA ASP A 70 -3.75 -9.49 -4.22
C ASP A 70 -2.27 -9.09 -4.24
N SER A 71 -1.49 -9.83 -3.48
CA SER A 71 -0.06 -9.58 -3.41
C SER A 71 0.68 -10.36 -4.49
N ASN A 72 0.03 -10.45 -5.65
CA ASN A 72 0.61 -11.17 -6.77
C ASN A 72 0.82 -12.63 -6.39
N ASN A 73 0.02 -13.07 -5.42
CA ASN A 73 0.11 -14.45 -4.95
C ASN A 73 1.25 -14.57 -3.93
N THR A 74 2.41 -14.08 -4.34
CA THR A 74 3.58 -14.12 -3.48
C THR A 74 4.64 -13.14 -3.97
N LYS A 75 5.47 -12.69 -3.04
CA LYS A 75 6.53 -11.75 -3.37
C LYS A 75 5.92 -10.37 -3.62
N ASN A 76 5.47 -9.74 -2.55
CA ASN A 76 4.87 -8.42 -2.64
C ASN A 76 5.84 -7.47 -3.33
N TYR A 77 5.57 -6.18 -3.18
CA TYR A 77 6.42 -5.16 -3.77
C TYR A 77 7.20 -4.40 -2.70
N LEU A 78 8.23 -3.70 -3.15
CA LEU A 78 9.07 -2.94 -2.25
C LEU A 78 9.01 -1.46 -2.65
N PHE A 79 8.57 -0.64 -1.70
CA PHE A 79 8.47 0.79 -1.94
C PHE A 79 9.20 1.58 -0.86
N SER A 80 9.82 2.68 -1.27
CA SER A 80 10.55 3.53 -0.35
C SER A 80 9.85 4.87 -0.20
N THR A 81 10.30 5.64 0.77
CA THR A 81 9.72 6.95 1.04
C THR A 81 9.46 7.69 -0.27
N GLY A 82 8.66 8.73 -0.17
CA GLY A 82 8.34 9.53 -1.35
C GLY A 82 6.86 9.35 -1.74
N THR A 83 6.62 9.40 -3.04
CA THR A 83 5.27 9.24 -3.55
C THR A 83 5.20 8.05 -4.51
N SER A 84 4.16 7.25 -4.33
CA SER A 84 3.97 6.08 -5.17
C SER A 84 2.48 5.87 -5.46
N THR A 85 2.21 5.17 -6.55
CA THR A 85 0.83 4.91 -6.95
C THR A 85 0.66 3.43 -7.29
N TYR A 86 -0.15 2.75 -6.49
CA TYR A 86 -0.41 1.34 -6.70
C TYR A 86 -1.72 1.14 -7.47
N THR A 87 -1.58 0.62 -8.68
CA THR A 87 -2.74 0.37 -9.52
C THR A 87 -2.83 -1.12 -9.87
N PRO A 88 -3.71 -1.83 -9.12
CA PRO A 88 -3.90 -3.25 -9.34
C PRO A 88 -4.72 -3.51 -10.61
N GLY A 89 -4.77 -4.78 -11.01
CA GLY A 89 -5.52 -5.16 -12.20
C GLY A 89 -6.90 -5.71 -11.82
N SER A 90 -7.45 -6.50 -12.73
CA SER A 90 -8.75 -7.09 -12.52
C SER A 90 -8.70 -8.59 -12.80
N ASN A 91 -9.49 -9.34 -12.04
CA ASN A 91 -9.54 -10.78 -12.20
C ASN A 91 -8.30 -11.40 -11.55
N GLY A 92 -8.00 -10.94 -10.35
CA GLY A 92 -6.86 -11.44 -9.61
C GLY A 92 -5.58 -11.37 -10.47
N ALA A 93 -5.37 -10.21 -11.06
CA ALA A 93 -4.20 -10.01 -11.91
C ALA A 93 -3.39 -8.82 -11.37
N ALA A 94 -2.28 -9.14 -10.73
CA ALA A 94 -1.41 -8.12 -10.17
C ALA A 94 -1.32 -6.95 -11.15
N GLY A 95 -1.17 -5.76 -10.59
CA GLY A 95 -1.07 -4.56 -11.39
C GLY A 95 0.38 -4.04 -11.42
N THR A 96 0.50 -2.74 -11.23
CA THR A 96 1.81 -2.11 -11.22
C THR A 96 1.80 -0.85 -10.35
N ILE A 97 2.99 -0.42 -9.97
CA ILE A 97 3.14 0.76 -9.13
C ILE A 97 3.92 1.83 -9.89
N ARG A 98 3.43 3.06 -9.80
CA ARG A 98 4.08 4.17 -10.47
C ARG A 98 4.47 5.24 -9.45
N THR A 99 5.76 5.55 -9.44
CA THR A 99 6.28 6.55 -8.52
C THR A 99 5.93 7.95 -9.01
N GLY A 100 5.71 8.85 -8.06
CA GLY A 100 5.36 10.22 -8.38
C GLY A 100 3.91 10.52 -8.03
N ALA A 101 3.69 11.71 -7.50
CA ALA A 101 2.36 12.13 -7.12
C ALA A 101 1.44 12.11 -8.35
N PRO A 102 0.39 11.25 -8.26
CA PRO A 102 -0.56 11.12 -9.35
C PRO A 102 -1.50 12.32 -9.42
N SER A 103 -2.30 12.35 -10.47
CA SER A 103 -3.24 13.44 -10.66
C SER A 103 -4.20 13.10 -11.81
N GLY A 104 -5.18 12.28 -11.48
CA GLY A 104 -6.17 11.88 -12.47
C GLY A 104 -5.53 11.02 -13.58
N GLY A 1 14.58 8.80 16.56
CA GLY A 1 14.95 7.42 16.32
C GLY A 1 15.69 7.26 14.99
N GLY A 2 16.69 8.12 14.80
CA GLY A 2 17.48 8.09 13.58
C GLY A 2 16.60 8.31 12.35
N THR A 3 16.58 9.55 11.89
CA THR A 3 15.79 9.91 10.73
C THR A 3 14.31 9.62 10.98
N THR A 4 13.48 10.07 10.05
CA THR A 4 12.05 9.86 10.16
C THR A 4 11.35 10.26 8.86
N ASN A 5 11.30 9.30 7.94
CA ASN A 5 10.66 9.54 6.65
C ASN A 5 9.26 8.96 6.67
N LYS A 6 8.59 9.06 5.52
CA LYS A 6 7.24 8.55 5.40
C LYS A 6 7.04 8.00 3.98
N VAL A 7 6.13 7.05 3.87
CA VAL A 7 5.83 6.44 2.58
C VAL A 7 4.36 6.66 2.24
N THR A 8 4.15 7.42 1.19
CA THR A 8 2.78 7.72 0.74
C THR A 8 2.41 6.84 -0.45
N VAL A 9 1.34 6.07 -0.26
CA VAL A 9 0.86 5.18 -1.30
C VAL A 9 -0.62 5.44 -1.54
N TYR A 10 -0.98 5.50 -2.82
CA TYR A 10 -2.36 5.74 -3.20
C TYR A 10 -2.99 4.49 -3.80
N TYR A 11 -4.20 4.19 -3.36
CA TYR A 11 -4.91 3.02 -3.84
C TYR A 11 -6.22 3.43 -4.52
N LYS A 12 -6.51 2.76 -5.63
CA LYS A 12 -7.72 3.04 -6.39
C LYS A 12 -8.83 2.08 -5.93
N LYS A 13 -9.84 2.68 -5.31
CA LYS A 13 -10.97 1.91 -4.82
C LYS A 13 -12.07 1.88 -5.89
N GLY A 14 -12.73 0.74 -6.00
CA GLY A 14 -12.39 -0.40 -5.15
C GLY A 14 -13.63 -1.19 -4.77
N PHE A 15 -13.75 -1.47 -3.48
CA PHE A 15 -14.89 -2.21 -2.97
C PHE A 15 -15.69 -1.37 -1.97
N ASN A 16 -16.10 -2.01 -0.88
CA ASN A 16 -16.87 -1.34 0.15
C ASN A 16 -15.96 -1.04 1.33
N SER A 17 -15.23 -2.06 1.77
CA SER A 17 -14.33 -1.92 2.90
C SER A 17 -13.04 -2.69 2.61
N PRO A 18 -12.26 -2.16 1.63
CA PRO A 18 -11.00 -2.77 1.27
C PRO A 18 -9.92 -2.49 2.31
N TYR A 19 -9.10 -3.50 2.57
CA TYR A 19 -8.02 -3.37 3.53
C TYR A 19 -6.67 -3.71 2.91
N ILE A 20 -5.63 -3.08 3.45
CA ILE A 20 -4.29 -3.30 2.94
C ILE A 20 -3.37 -3.70 4.12
N HIS A 21 -2.44 -4.58 3.82
CA HIS A 21 -1.50 -5.05 4.82
C HIS A 21 -0.07 -4.81 4.34
N TYR A 22 0.63 -3.94 5.06
CA TYR A 22 2.00 -3.62 4.72
C TYR A 22 2.93 -3.83 5.92
N ARG A 23 4.21 -4.00 5.62
CA ARG A 23 5.20 -4.22 6.66
C ARG A 23 6.45 -3.37 6.39
N PRO A 24 6.92 -2.69 7.46
CA PRO A 24 8.10 -1.84 7.34
C PRO A 24 9.37 -2.69 7.27
N ALA A 25 10.40 -2.09 6.68
CA ALA A 25 11.68 -2.78 6.53
C ALA A 25 11.98 -3.56 7.82
N GLY A 26 11.49 -3.03 8.93
CA GLY A 26 11.69 -3.65 10.22
C GLY A 26 11.28 -5.13 10.18
N GLY A 27 10.41 -5.45 9.23
CA GLY A 27 9.93 -6.81 9.08
C GLY A 27 8.73 -7.08 9.99
N SER A 28 8.00 -6.01 10.28
CA SER A 28 6.83 -6.11 11.13
C SER A 28 5.56 -6.13 10.28
N TRP A 29 4.62 -6.98 10.69
CA TRP A 29 3.37 -7.11 9.97
C TRP A 29 2.23 -6.79 10.96
N THR A 30 1.77 -5.56 10.90
CA THR A 30 0.69 -5.12 11.78
C THR A 30 -0.43 -6.16 11.80
N ALA A 31 -1.36 -5.97 12.72
CA ALA A 31 -2.48 -6.87 12.86
C ALA A 31 -3.21 -6.98 11.52
N ALA A 32 -3.07 -8.14 10.90
CA ALA A 32 -3.72 -8.38 9.61
C ALA A 32 -5.24 -8.44 9.81
N PRO A 33 -5.95 -7.70 8.92
CA PRO A 33 -5.30 -6.92 7.88
C PRO A 33 -4.65 -5.67 8.46
N GLY A 34 -3.49 -5.33 7.91
CA GLY A 34 -2.76 -4.15 8.36
C GLY A 34 -3.72 -3.04 8.77
N VAL A 35 -3.93 -2.11 7.84
CA VAL A 35 -4.82 -0.99 8.09
C VAL A 35 -5.69 -0.74 6.86
N LYS A 36 -6.81 -0.08 7.08
CA LYS A 36 -7.74 0.23 6.01
C LYS A 36 -7.36 1.56 5.37
N MET A 37 -6.87 1.48 4.15
CA MET A 37 -6.46 2.68 3.42
C MET A 37 -7.40 3.84 3.74
N GLN A 38 -6.80 5.02 3.83
CA GLN A 38 -7.56 6.23 4.13
C GLN A 38 -7.70 7.09 2.87
N ASP A 39 -8.91 7.55 2.63
CA ASP A 39 -9.19 8.38 1.48
C ASP A 39 -8.08 9.44 1.34
N ALA A 40 -7.83 9.82 0.11
CA ALA A 40 -6.80 10.83 -0.17
C ALA A 40 -7.46 12.21 -0.26
N GLU A 41 -6.94 13.01 -1.18
CA GLU A 41 -7.45 14.35 -1.37
C GLU A 41 -7.85 14.57 -2.83
N ILE A 42 -7.84 13.47 -3.58
CA ILE A 42 -8.20 13.53 -4.99
C ILE A 42 -9.72 13.50 -5.14
N SER A 43 -10.26 12.29 -5.11
CA SER A 43 -11.70 12.11 -5.24
C SER A 43 -12.01 10.64 -5.54
N GLY A 44 -12.31 9.90 -4.48
CA GLY A 44 -12.64 8.49 -4.62
C GLY A 44 -11.38 7.63 -4.54
N TYR A 45 -10.27 8.28 -4.19
CA TYR A 45 -8.99 7.59 -4.08
C TYR A 45 -8.59 7.44 -2.62
N ALA A 46 -7.67 6.51 -2.38
CA ALA A 46 -7.19 6.26 -1.03
C ALA A 46 -5.70 6.60 -0.96
N LYS A 47 -5.26 6.91 0.24
CA LYS A 47 -3.87 7.25 0.47
C LYS A 47 -3.49 6.94 1.91
N ILE A 48 -2.30 6.39 2.08
CA ILE A 48 -1.82 6.04 3.41
C ILE A 48 -0.36 6.49 3.54
N THR A 49 0.03 6.77 4.78
CA THR A 49 1.37 7.22 5.06
C THR A 49 1.99 6.38 6.18
N VAL A 50 3.18 5.87 5.92
CA VAL A 50 3.88 5.06 6.89
C VAL A 50 5.30 5.61 7.09
N ASP A 51 5.65 5.78 8.36
CA ASP A 51 6.97 6.31 8.71
C ASP A 51 8.00 5.18 8.58
N ILE A 52 9.22 5.58 8.24
CA ILE A 52 10.30 4.63 8.09
C ILE A 52 11.63 5.32 8.39
N GLY A 53 11.65 6.01 9.52
CA GLY A 53 12.85 6.72 9.94
C GLY A 53 14.08 5.80 9.91
N SER A 54 13.81 4.52 10.14
CA SER A 54 14.88 3.53 10.13
C SER A 54 14.56 2.42 9.15
N ALA A 55 13.95 2.81 8.04
CA ALA A 55 13.59 1.86 7.00
C ALA A 55 13.58 2.56 5.64
N SER A 56 14.08 1.85 4.65
CA SER A 56 14.14 2.39 3.30
C SER A 56 13.27 1.56 2.36
N GLN A 57 12.55 0.61 2.95
CA GLN A 57 11.68 -0.26 2.19
C GLN A 57 10.49 -0.69 3.03
N LEU A 58 9.32 -0.72 2.39
CA LEU A 58 8.09 -1.10 3.07
C LEU A 58 7.24 -1.94 2.12
N GLU A 59 6.83 -3.10 2.61
CA GLU A 59 6.00 -3.99 1.82
C GLU A 59 4.52 -3.68 2.05
N ALA A 60 3.75 -3.87 0.99
CA ALA A 60 2.31 -3.62 1.06
C ALA A 60 1.56 -4.71 0.30
N ALA A 61 0.39 -5.03 0.80
CA ALA A 61 -0.44 -6.07 0.20
C ALA A 61 -1.90 -5.60 0.16
N PHE A 62 -2.63 -6.14 -0.81
CA PHE A 62 -4.04 -5.78 -0.96
C PHE A 62 -4.93 -7.00 -0.72
N ASN A 63 -5.90 -6.81 0.18
CA ASN A 63 -6.83 -7.87 0.49
C ASN A 63 -8.18 -7.27 0.87
N ASP A 64 -9.24 -7.88 0.34
CA ASP A 64 -10.59 -7.41 0.61
C ASP A 64 -10.83 -7.39 2.12
N GLY A 65 -10.59 -8.54 2.74
CA GLY A 65 -10.77 -8.67 4.18
C GLY A 65 -10.46 -10.10 4.64
N ASN A 66 -9.43 -10.67 4.04
CA ASN A 66 -9.02 -12.02 4.38
C ASN A 66 -9.91 -13.03 3.62
N ASN A 67 -9.49 -13.34 2.41
CA ASN A 67 -10.22 -14.27 1.58
C ASN A 67 -9.87 -14.04 0.10
N ASN A 68 -9.48 -12.80 -0.18
CA ASN A 68 -9.11 -12.43 -1.54
C ASN A 68 -7.88 -11.51 -1.49
N TRP A 69 -6.72 -12.14 -1.48
CA TRP A 69 -5.47 -11.40 -1.44
C TRP A 69 -4.94 -11.28 -2.88
N ASP A 70 -4.72 -10.04 -3.30
CA ASP A 70 -4.23 -9.78 -4.63
C ASP A 70 -2.71 -9.65 -4.59
N SER A 71 -2.19 -9.42 -3.38
CA SER A 71 -0.77 -9.27 -3.20
C SER A 71 -0.01 -10.33 -4.02
N ASN A 72 -0.15 -11.57 -3.59
CA ASN A 72 0.51 -12.67 -4.27
C ASN A 72 0.65 -13.84 -3.31
N ASN A 73 0.71 -13.51 -2.03
CA ASN A 73 0.85 -14.53 -0.99
C ASN A 73 2.32 -14.89 -0.84
N THR A 74 3.14 -14.34 -1.73
CA THR A 74 4.56 -14.59 -1.70
C THR A 74 5.27 -13.77 -2.78
N LYS A 75 4.74 -12.57 -3.01
CA LYS A 75 5.32 -11.68 -4.00
C LYS A 75 4.65 -10.31 -3.90
N ASN A 76 4.54 -9.84 -2.67
CA ASN A 76 3.93 -8.55 -2.41
C ASN A 76 4.70 -7.46 -3.16
N TYR A 77 4.58 -6.24 -2.66
CA TYR A 77 5.26 -5.11 -3.28
C TYR A 77 6.04 -4.31 -2.23
N LEU A 78 7.29 -4.04 -2.55
CA LEU A 78 8.15 -3.28 -1.64
C LEU A 78 8.51 -1.95 -2.30
N PHE A 79 8.37 -0.89 -1.53
CA PHE A 79 8.68 0.45 -2.02
C PHE A 79 9.30 1.31 -0.91
N SER A 80 9.98 2.36 -1.33
CA SER A 80 10.62 3.26 -0.39
C SER A 80 9.92 4.62 -0.40
N THR A 81 10.35 5.49 0.49
CA THR A 81 9.76 6.81 0.60
C THR A 81 9.44 7.35 -0.79
N GLY A 82 8.50 8.29 -0.82
CA GLY A 82 8.08 8.90 -2.08
C GLY A 82 6.59 8.72 -2.30
N THR A 83 6.19 8.91 -3.56
CA THR A 83 4.78 8.77 -3.92
C THR A 83 4.60 7.54 -4.82
N SER A 84 3.68 6.67 -4.40
CA SER A 84 3.40 5.46 -5.14
C SER A 84 1.89 5.27 -5.27
N THR A 85 1.50 4.53 -6.30
CA THR A 85 0.09 4.26 -6.55
C THR A 85 -0.12 2.79 -6.87
N TYR A 86 -0.91 2.14 -6.02
CA TYR A 86 -1.20 0.73 -6.20
C TYR A 86 -2.53 0.53 -6.92
N THR A 87 -2.46 -0.12 -8.07
CA THR A 87 -3.65 -0.38 -8.86
C THR A 87 -3.84 -1.89 -9.07
N PRO A 88 -4.92 -2.41 -8.45
CA PRO A 88 -5.24 -3.83 -8.56
C PRO A 88 -5.81 -4.16 -9.94
N GLY A 89 -4.90 -4.47 -10.86
CA GLY A 89 -5.31 -4.81 -12.22
C GLY A 89 -5.61 -6.31 -12.34
N SER A 90 -5.45 -6.81 -13.55
CA SER A 90 -5.70 -8.22 -13.82
C SER A 90 -5.58 -8.50 -15.32
N ASN A 91 -5.98 -7.51 -16.11
CA ASN A 91 -5.92 -7.63 -17.55
C ASN A 91 -4.54 -7.19 -18.05
N GLY A 92 -3.56 -8.07 -17.83
CA GLY A 92 -2.20 -7.78 -18.25
C GLY A 92 -1.35 -7.32 -17.07
N ALA A 93 -1.98 -6.55 -16.19
CA ALA A 93 -1.31 -6.04 -15.02
C ALA A 93 -1.98 -6.58 -13.76
N ALA A 94 -1.33 -7.55 -13.14
CA ALA A 94 -1.86 -8.16 -11.94
C ALA A 94 -1.26 -7.46 -10.71
N GLY A 95 -2.07 -6.59 -10.11
CA GLY A 95 -1.63 -5.85 -8.94
C GLY A 95 -0.25 -5.23 -9.16
N THR A 96 -0.25 -3.96 -9.51
CA THR A 96 1.00 -3.25 -9.75
C THR A 96 0.94 -1.86 -9.11
N ILE A 97 2.12 -1.39 -8.72
CA ILE A 97 2.22 -0.08 -8.10
C ILE A 97 3.15 0.81 -8.93
N ARG A 98 2.65 1.99 -9.25
CA ARG A 98 3.42 2.94 -10.05
C ARG A 98 3.86 4.12 -9.18
N THR A 99 5.14 4.44 -9.27
CA THR A 99 5.69 5.55 -8.51
C THR A 99 5.29 6.89 -9.14
N GLY A 100 5.12 7.88 -8.28
CA GLY A 100 4.74 9.20 -8.74
C GLY A 100 3.33 9.57 -8.27
N ALA A 101 3.17 10.82 -7.89
CA ALA A 101 1.88 11.29 -7.42
C ALA A 101 0.84 11.13 -8.54
N PRO A 102 -0.24 10.39 -8.20
CA PRO A 102 -1.31 10.14 -9.16
C PRO A 102 -2.17 11.39 -9.35
N SER A 103 -2.95 11.38 -10.43
CA SER A 103 -3.81 12.50 -10.74
C SER A 103 -5.14 11.99 -11.31
N GLY A 104 -6.01 11.57 -10.41
CA GLY A 104 -7.32 11.06 -10.81
C GLY A 104 -7.18 9.99 -11.90
N GLY A 1 17.13 8.80 18.70
CA GLY A 1 16.11 9.50 17.94
C GLY A 1 15.97 8.92 16.53
N GLY A 2 15.02 9.47 15.79
CA GLY A 2 14.77 9.03 14.43
C GLY A 2 13.49 9.64 13.88
N THR A 3 13.66 10.71 13.11
CA THR A 3 12.53 11.40 12.51
C THR A 3 11.47 10.38 12.05
N THR A 4 11.95 9.35 11.38
CA THR A 4 11.06 8.30 10.89
C THR A 4 10.43 8.73 9.56
N ASN A 5 10.87 8.07 8.50
CA ASN A 5 10.37 8.37 7.17
C ASN A 5 8.91 7.90 7.07
N LYS A 6 8.30 8.22 5.94
CA LYS A 6 6.92 7.84 5.71
C LYS A 6 6.74 7.45 4.24
N VAL A 7 5.93 6.43 4.02
CA VAL A 7 5.67 5.95 2.67
C VAL A 7 4.19 6.18 2.33
N THR A 8 3.98 7.05 1.35
CA THR A 8 2.63 7.37 0.91
C THR A 8 2.28 6.61 -0.36
N VAL A 9 1.19 5.86 -0.29
CA VAL A 9 0.75 5.08 -1.44
C VAL A 9 -0.71 5.44 -1.75
N TYR A 10 -1.00 5.51 -3.05
CA TYR A 10 -2.34 5.84 -3.48
C TYR A 10 -3.00 4.64 -4.16
N TYR A 11 -4.24 4.39 -3.79
CA TYR A 11 -5.00 3.28 -4.35
C TYR A 11 -6.24 3.78 -5.10
N LYS A 12 -6.49 3.16 -6.24
CA LYS A 12 -7.63 3.53 -7.06
C LYS A 12 -8.84 2.68 -6.65
N LYS A 13 -9.93 3.37 -6.36
CA LYS A 13 -11.16 2.69 -5.96
C LYS A 13 -11.87 2.16 -7.20
N GLY A 14 -12.36 0.94 -7.09
CA GLY A 14 -12.19 0.18 -5.86
C GLY A 14 -13.25 -0.92 -5.75
N PHE A 15 -13.54 -1.30 -4.51
CA PHE A 15 -14.53 -2.33 -4.26
C PHE A 15 -15.62 -1.83 -3.32
N ASN A 16 -15.27 -1.77 -2.04
CA ASN A 16 -16.21 -1.30 -1.03
C ASN A 16 -15.43 -0.78 0.18
N SER A 17 -14.48 -1.59 0.62
CA SER A 17 -13.66 -1.22 1.76
C SER A 17 -12.54 -2.26 1.96
N PRO A 18 -11.66 -2.36 0.93
CA PRO A 18 -10.56 -3.31 0.99
C PRO A 18 -9.46 -2.81 1.93
N TYR A 19 -8.78 -3.76 2.56
CA TYR A 19 -7.71 -3.44 3.48
C TYR A 19 -6.34 -3.72 2.86
N ILE A 20 -5.32 -3.10 3.43
CA ILE A 20 -3.97 -3.28 2.94
C ILE A 20 -3.05 -3.61 4.12
N HIS A 21 -2.08 -4.48 3.84
CA HIS A 21 -1.13 -4.90 4.85
C HIS A 21 0.29 -4.70 4.33
N TYR A 22 1.03 -3.84 5.03
CA TYR A 22 2.40 -3.55 4.66
C TYR A 22 3.34 -3.72 5.85
N ARG A 23 4.61 -3.89 5.53
CA ARG A 23 5.62 -4.06 6.56
C ARG A 23 6.92 -3.39 6.15
N PRO A 24 7.70 -2.95 7.18
CA PRO A 24 8.97 -2.28 6.94
C PRO A 24 10.05 -3.28 6.52
N ALA A 25 11.04 -2.78 5.81
CA ALA A 25 12.14 -3.61 5.34
C ALA A 25 12.40 -4.72 6.38
N GLY A 26 12.99 -4.32 7.48
CA GLY A 26 13.31 -5.25 8.55
C GLY A 26 12.73 -4.79 9.88
N GLY A 27 11.47 -5.14 10.11
CA GLY A 27 10.80 -4.76 11.34
C GLY A 27 9.81 -5.85 11.77
N SER A 28 8.57 -5.70 11.30
CA SER A 28 7.53 -6.66 11.64
C SER A 28 6.33 -6.44 10.73
N TRP A 29 5.30 -7.25 10.96
CA TRP A 29 4.07 -7.16 10.18
C TRP A 29 2.98 -6.58 11.07
N THR A 30 2.50 -5.41 10.66
CA THR A 30 1.45 -4.74 11.42
C THR A 30 0.34 -5.72 11.78
N ALA A 31 -0.61 -5.23 12.57
CA ALA A 31 -1.74 -6.05 12.99
C ALA A 31 -2.67 -6.27 11.79
N ALA A 32 -2.66 -7.49 11.29
CA ALA A 32 -3.50 -7.85 10.16
C ALA A 32 -4.96 -7.87 10.60
N PRO A 33 -5.82 -7.24 9.76
CA PRO A 33 -5.35 -6.61 8.54
C PRO A 33 -4.63 -5.29 8.84
N GLY A 34 -3.64 -4.99 8.01
CA GLY A 34 -2.87 -3.77 8.18
C GLY A 34 -3.78 -2.60 8.57
N VAL A 35 -4.05 -1.75 7.59
CA VAL A 35 -4.89 -0.60 7.82
C VAL A 35 -5.86 -0.44 6.64
N LYS A 36 -6.94 0.27 6.90
CA LYS A 36 -7.95 0.51 5.88
C LYS A 36 -7.61 1.77 5.11
N MET A 37 -7.20 1.59 3.86
CA MET A 37 -6.85 2.71 3.01
C MET A 37 -7.72 3.92 3.30
N GLN A 38 -7.07 5.06 3.47
CA GLN A 38 -7.77 6.30 3.76
C GLN A 38 -7.86 7.17 2.50
N ASP A 39 -9.07 7.58 2.19
CA ASP A 39 -9.29 8.42 1.02
C ASP A 39 -8.20 9.48 0.93
N ALA A 40 -7.87 9.86 -0.30
CA ALA A 40 -6.85 10.86 -0.52
C ALA A 40 -7.48 12.25 -0.49
N GLU A 41 -6.97 13.13 -1.35
CA GLU A 41 -7.47 14.48 -1.44
C GLU A 41 -7.90 14.80 -2.86
N ILE A 42 -7.91 13.77 -3.69
CA ILE A 42 -8.29 13.92 -5.09
C ILE A 42 -9.83 13.84 -5.20
N SER A 43 -10.30 12.63 -5.49
CA SER A 43 -11.73 12.41 -5.62
C SER A 43 -11.99 10.97 -6.06
N GLY A 44 -12.23 10.13 -5.07
CA GLY A 44 -12.49 8.72 -5.32
C GLY A 44 -11.22 7.89 -5.21
N TYR A 45 -10.16 8.56 -4.78
CA TYR A 45 -8.87 7.89 -4.63
C TYR A 45 -8.57 7.61 -3.16
N ALA A 46 -7.65 6.68 -2.94
CA ALA A 46 -7.26 6.31 -1.59
C ALA A 46 -5.78 6.68 -1.38
N LYS A 47 -5.44 6.87 -0.11
CA LYS A 47 -4.08 7.22 0.24
C LYS A 47 -3.78 6.72 1.66
N ILE A 48 -2.58 6.20 1.83
CA ILE A 48 -2.17 5.68 3.12
C ILE A 48 -0.68 6.01 3.35
N THR A 49 -0.33 6.15 4.61
CA THR A 49 1.04 6.47 4.98
C THR A 49 1.56 5.48 6.02
N VAL A 50 2.79 5.02 5.81
CA VAL A 50 3.40 4.08 6.72
C VAL A 50 4.82 4.55 7.06
N ASP A 51 5.04 4.80 8.34
CA ASP A 51 6.34 5.25 8.80
C ASP A 51 7.28 4.05 8.96
N ILE A 52 8.42 4.14 8.30
CA ILE A 52 9.40 3.07 8.36
C ILE A 52 10.50 3.44 9.36
N GLY A 53 11.10 4.59 9.14
CA GLY A 53 12.16 5.06 10.02
C GLY A 53 13.31 4.06 10.10
N SER A 54 14.34 4.31 9.31
CA SER A 54 15.50 3.43 9.28
C SER A 54 15.28 2.32 8.25
N ALA A 55 14.41 2.59 7.30
CA ALA A 55 14.11 1.62 6.26
C ALA A 55 14.08 2.33 4.91
N SER A 56 14.56 1.62 3.89
CA SER A 56 14.59 2.17 2.55
C SER A 56 13.66 1.36 1.63
N GLN A 57 13.01 0.38 2.23
CA GLN A 57 12.10 -0.47 1.48
C GLN A 57 11.00 -1.00 2.41
N LEU A 58 9.78 -1.00 1.89
CA LEU A 58 8.64 -1.48 2.64
C LEU A 58 7.67 -2.20 1.70
N GLU A 59 7.23 -3.37 2.15
CA GLU A 59 6.30 -4.16 1.36
C GLU A 59 4.85 -3.83 1.74
N ALA A 60 4.00 -3.81 0.74
CA ALA A 60 2.59 -3.52 0.96
C ALA A 60 1.73 -4.44 0.10
N ALA A 61 0.70 -4.99 0.72
CA ALA A 61 -0.20 -5.88 0.02
C ALA A 61 -1.63 -5.32 0.07
N PHE A 62 -2.44 -5.76 -0.88
CA PHE A 62 -3.81 -5.32 -0.96
C PHE A 62 -4.79 -6.49 -0.95
N ASN A 63 -5.76 -6.43 -0.05
CA ASN A 63 -6.75 -7.49 0.06
C ASN A 63 -8.05 -6.89 0.59
N ASP A 64 -9.15 -7.43 0.08
CA ASP A 64 -10.47 -6.97 0.49
C ASP A 64 -10.75 -7.45 1.91
N GLY A 65 -9.97 -8.42 2.35
CA GLY A 65 -10.13 -8.99 3.68
C GLY A 65 -11.03 -10.23 3.65
N ASN A 66 -11.04 -10.87 2.50
CA ASN A 66 -11.84 -12.07 2.33
C ASN A 66 -11.23 -12.95 1.24
N ASN A 67 -10.17 -13.66 1.62
CA ASN A 67 -9.49 -14.53 0.68
C ASN A 67 -9.36 -13.82 -0.67
N ASN A 68 -9.31 -12.51 -0.62
CA ASN A 68 -9.19 -11.70 -1.82
C ASN A 68 -7.95 -10.82 -1.73
N TRP A 69 -6.80 -11.45 -1.93
CA TRP A 69 -5.54 -10.74 -1.87
C TRP A 69 -5.04 -10.53 -3.30
N ASP A 70 -4.26 -9.48 -3.48
CA ASP A 70 -3.72 -9.16 -4.79
C ASP A 70 -2.19 -9.24 -4.74
N SER A 71 -1.69 -9.64 -3.58
CA SER A 71 -0.26 -9.77 -3.39
C SER A 71 0.36 -10.56 -4.54
N ASN A 72 0.07 -11.85 -4.56
CA ASN A 72 0.59 -12.72 -5.61
C ASN A 72 0.63 -14.16 -5.09
N ASN A 73 1.39 -14.35 -4.02
CA ASN A 73 1.50 -15.67 -3.42
C ASN A 73 2.51 -15.61 -2.26
N THR A 74 3.75 -15.31 -2.60
CA THR A 74 4.80 -15.21 -1.61
C THR A 74 5.95 -14.35 -2.13
N LYS A 75 5.60 -13.14 -2.54
CA LYS A 75 6.58 -12.20 -3.07
C LYS A 75 5.91 -10.85 -3.34
N ASN A 76 5.57 -10.17 -2.26
CA ASN A 76 4.93 -8.87 -2.38
C ASN A 76 5.82 -7.93 -3.18
N TYR A 77 5.58 -6.64 -3.02
CA TYR A 77 6.35 -5.63 -3.73
C TYR A 77 7.20 -4.81 -2.75
N LEU A 78 8.19 -4.13 -3.32
CA LEU A 78 9.08 -3.31 -2.51
C LEU A 78 8.89 -1.84 -2.90
N PHE A 79 8.56 -1.05 -1.90
CA PHE A 79 8.35 0.38 -2.10
C PHE A 79 9.18 1.21 -1.13
N SER A 80 9.58 2.38 -1.58
CA SER A 80 10.37 3.27 -0.76
C SER A 80 9.56 4.51 -0.39
N THR A 81 10.08 5.27 0.56
CA THR A 81 9.42 6.47 1.02
C THR A 81 9.11 7.39 -0.17
N GLY A 82 8.37 8.46 0.13
CA GLY A 82 7.99 9.42 -0.89
C GLY A 82 6.55 9.21 -1.33
N THR A 83 6.32 9.40 -2.62
CA THR A 83 4.99 9.24 -3.17
C THR A 83 4.95 8.05 -4.14
N SER A 84 3.95 7.21 -3.95
CA SER A 84 3.78 6.04 -4.80
C SER A 84 2.30 5.79 -5.06
N THR A 85 2.03 5.07 -6.14
CA THR A 85 0.67 4.76 -6.52
C THR A 85 0.54 3.28 -6.89
N TYR A 86 -0.47 2.64 -6.33
CA TYR A 86 -0.71 1.23 -6.58
C TYR A 86 -2.04 1.03 -7.31
N THR A 87 -1.96 0.46 -8.50
CA THR A 87 -3.15 0.20 -9.30
C THR A 87 -3.39 -1.31 -9.42
N PRO A 88 -4.49 -1.77 -8.78
CA PRO A 88 -4.85 -3.17 -8.82
C PRO A 88 -5.44 -3.56 -10.17
N GLY A 89 -5.26 -4.83 -10.53
CA GLY A 89 -5.76 -5.34 -11.78
C GLY A 89 -7.23 -5.75 -11.66
N SER A 90 -7.65 -6.62 -12.58
CA SER A 90 -9.01 -7.11 -12.58
C SER A 90 -9.09 -8.45 -11.87
N ASN A 91 -8.34 -8.56 -10.78
CA ASN A 91 -8.31 -9.78 -10.00
C ASN A 91 -7.71 -10.90 -10.83
N GLY A 92 -6.72 -11.56 -10.24
CA GLY A 92 -6.05 -12.66 -10.92
C GLY A 92 -4.89 -12.14 -11.78
N ALA A 93 -4.94 -10.85 -12.08
CA ALA A 93 -3.91 -10.22 -12.89
C ALA A 93 -3.31 -9.05 -12.11
N ALA A 94 -2.11 -9.28 -11.59
CA ALA A 94 -1.42 -8.24 -10.83
C ALA A 94 -1.38 -6.95 -11.66
N GLY A 95 -1.13 -5.85 -10.95
CA GLY A 95 -1.07 -4.55 -11.60
C GLY A 95 0.35 -3.99 -11.55
N THR A 96 0.44 -2.70 -11.27
CA THR A 96 1.73 -2.04 -11.20
C THR A 96 1.67 -0.84 -10.23
N ILE A 97 2.84 -0.34 -9.89
CA ILE A 97 2.92 0.79 -8.98
C ILE A 97 3.62 1.96 -9.69
N ARG A 98 2.95 3.10 -9.70
CA ARG A 98 3.49 4.28 -10.34
C ARG A 98 3.92 5.30 -9.28
N THR A 99 5.20 5.67 -9.34
CA THR A 99 5.74 6.62 -8.40
C THR A 99 5.30 8.04 -8.76
N GLY A 100 5.21 8.88 -7.74
CA GLY A 100 4.80 10.25 -7.95
C GLY A 100 3.34 10.47 -7.54
N ALA A 101 3.08 11.62 -6.94
CA ALA A 101 1.75 11.95 -6.50
C ALA A 101 0.80 11.95 -7.70
N PRO A 102 -0.21 11.05 -7.64
CA PRO A 102 -1.19 10.93 -8.72
C PRO A 102 -2.18 12.09 -8.68
N SER A 103 -2.72 12.39 -9.85
CA SER A 103 -3.69 13.48 -9.96
C SER A 103 -4.80 13.08 -10.94
N GLY A 104 -5.62 12.13 -10.50
CA GLY A 104 -6.72 11.66 -11.32
C GLY A 104 -8.05 12.28 -10.87
N GLY A 1 6.57 6.86 16.14
CA GLY A 1 7.91 6.73 16.69
C GLY A 1 8.94 7.45 15.81
N GLY A 2 9.44 6.71 14.83
CA GLY A 2 10.43 7.27 13.92
C GLY A 2 10.00 8.64 13.40
N THR A 3 8.85 8.65 12.74
CA THR A 3 8.32 9.89 12.19
C THR A 3 9.35 10.55 11.28
N THR A 4 10.32 9.76 10.85
CA THR A 4 11.36 10.26 9.98
C THR A 4 10.88 10.27 8.53
N ASN A 5 11.00 9.12 7.89
CA ASN A 5 10.59 8.99 6.50
C ASN A 5 9.19 8.34 6.45
N LYS A 6 8.55 8.49 5.30
CA LYS A 6 7.23 7.92 5.10
C LYS A 6 7.05 7.54 3.64
N VAL A 7 6.25 6.50 3.42
CA VAL A 7 5.99 6.04 2.07
C VAL A 7 4.50 6.22 1.75
N THR A 8 4.24 7.12 0.81
CA THR A 8 2.87 7.40 0.41
C THR A 8 2.54 6.68 -0.90
N VAL A 9 1.48 5.89 -0.85
CA VAL A 9 1.05 5.14 -2.02
C VAL A 9 -0.43 5.41 -2.28
N TYR A 10 -0.73 5.66 -3.55
CA TYR A 10 -2.10 5.94 -3.95
C TYR A 10 -2.69 4.79 -4.76
N TYR A 11 -3.73 4.19 -4.20
CA TYR A 11 -4.38 3.07 -4.86
C TYR A 11 -5.77 3.48 -5.37
N LYS A 12 -6.08 3.01 -6.58
CA LYS A 12 -7.36 3.32 -7.19
C LYS A 12 -8.38 2.25 -6.79
N LYS A 13 -9.46 2.72 -6.19
CA LYS A 13 -10.52 1.83 -5.74
C LYS A 13 -11.51 1.61 -6.89
N GLY A 14 -11.94 0.36 -7.03
CA GLY A 14 -11.48 -0.69 -6.14
C GLY A 14 -12.55 -1.77 -5.96
N PHE A 15 -12.94 -1.99 -4.72
CA PHE A 15 -13.94 -2.99 -4.41
C PHE A 15 -15.01 -2.42 -3.48
N ASN A 16 -14.74 -2.51 -2.18
CA ASN A 16 -15.66 -2.01 -1.18
C ASN A 16 -14.87 -1.53 0.04
N SER A 17 -13.63 -1.11 -0.22
CA SER A 17 -12.78 -0.63 0.85
C SER A 17 -12.06 -1.80 1.51
N PRO A 18 -11.13 -2.42 0.74
CA PRO A 18 -10.36 -3.55 1.25
C PRO A 18 -9.29 -3.09 2.24
N TYR A 19 -8.64 -4.06 2.84
CA TYR A 19 -7.59 -3.78 3.81
C TYR A 19 -6.22 -4.10 3.24
N ILE A 20 -5.24 -3.27 3.60
CA ILE A 20 -3.88 -3.46 3.13
C ILE A 20 -2.97 -3.73 4.33
N HIS A 21 -1.99 -4.59 4.11
CA HIS A 21 -1.04 -4.95 5.15
C HIS A 21 0.38 -4.81 4.63
N TYR A 22 1.13 -3.90 5.24
CA TYR A 22 2.50 -3.66 4.84
C TYR A 22 3.45 -3.77 6.04
N ARG A 23 4.72 -3.97 5.74
CA ARG A 23 5.72 -4.09 6.78
C ARG A 23 7.02 -3.39 6.35
N PRO A 24 7.78 -2.92 7.37
CA PRO A 24 9.04 -2.24 7.11
C PRO A 24 10.13 -3.23 6.71
N ALA A 25 11.08 -2.74 5.92
CA ALA A 25 12.18 -3.56 5.47
C ALA A 25 12.47 -4.64 6.52
N GLY A 26 13.07 -4.21 7.62
CA GLY A 26 13.40 -5.12 8.70
C GLY A 26 12.82 -4.63 10.02
N GLY A 27 11.58 -5.02 10.27
CA GLY A 27 10.90 -4.64 11.49
C GLY A 27 9.93 -5.73 11.94
N SER A 28 8.69 -5.60 11.49
CA SER A 28 7.66 -6.56 11.84
C SER A 28 6.42 -6.34 10.97
N TRP A 29 5.42 -7.17 11.21
CA TRP A 29 4.17 -7.08 10.45
C TRP A 29 3.11 -6.46 11.37
N THR A 30 2.69 -5.26 11.01
CA THR A 30 1.69 -4.56 11.78
C THR A 30 0.52 -5.48 12.12
N ALA A 31 -0.38 -4.97 12.94
CA ALA A 31 -1.54 -5.76 13.35
C ALA A 31 -2.43 -6.01 12.13
N ALA A 32 -2.41 -7.27 11.69
CA ALA A 32 -3.21 -7.65 10.54
C ALA A 32 -4.69 -7.67 10.93
N PRO A 33 -5.52 -7.06 10.04
CA PRO A 33 -5.01 -6.46 8.82
C PRO A 33 -4.31 -5.13 9.13
N GLY A 34 -3.29 -4.85 8.34
CA GLY A 34 -2.52 -3.62 8.50
C GLY A 34 -3.45 -2.44 8.81
N VAL A 35 -3.73 -1.67 7.77
CA VAL A 35 -4.60 -0.52 7.90
C VAL A 35 -5.58 -0.48 6.72
N LYS A 36 -6.69 0.22 6.95
CA LYS A 36 -7.71 0.34 5.92
C LYS A 36 -7.35 1.52 5.00
N MET A 37 -7.18 1.21 3.73
CA MET A 37 -6.85 2.24 2.75
C MET A 37 -7.42 3.59 3.16
N GLN A 38 -6.52 4.55 3.35
CA GLN A 38 -6.92 5.89 3.74
C GLN A 38 -7.24 6.72 2.50
N ASP A 39 -8.53 6.96 2.30
CA ASP A 39 -8.98 7.73 1.16
C ASP A 39 -8.02 8.91 0.94
N ALA A 40 -7.81 9.23 -0.33
CA ALA A 40 -6.92 10.33 -0.68
C ALA A 40 -7.74 11.62 -0.77
N GLU A 41 -7.25 12.52 -1.62
CA GLU A 41 -7.92 13.79 -1.81
C GLU A 41 -8.35 13.96 -3.28
N ILE A 42 -8.09 12.91 -4.05
CA ILE A 42 -8.43 12.92 -5.47
C ILE A 42 -9.94 12.64 -5.61
N SER A 43 -10.48 11.97 -4.61
CA SER A 43 -11.90 11.64 -4.61
C SER A 43 -12.10 10.28 -5.30
N GLY A 44 -12.43 9.29 -4.48
CA GLY A 44 -12.66 7.95 -4.99
C GLY A 44 -11.36 7.14 -5.00
N TYR A 45 -10.29 7.79 -4.57
CA TYR A 45 -8.98 7.14 -4.52
C TYR A 45 -8.56 6.88 -3.07
N ALA A 46 -7.61 5.96 -2.93
CA ALA A 46 -7.11 5.62 -1.61
C ALA A 46 -5.64 6.03 -1.49
N LYS A 47 -5.20 6.23 -0.26
CA LYS A 47 -3.82 6.62 -0.01
C LYS A 47 -3.42 6.17 1.39
N ILE A 48 -2.25 5.56 1.46
CA ILE A 48 -1.73 5.06 2.73
C ILE A 48 -0.30 5.55 2.91
N THR A 49 0.06 5.80 4.17
CA THR A 49 1.40 6.25 4.48
C THR A 49 2.03 5.37 5.55
N VAL A 50 3.27 4.98 5.30
CA VAL A 50 3.99 4.13 6.24
C VAL A 50 5.37 4.74 6.51
N ASP A 51 5.68 4.84 7.80
CA ASP A 51 6.96 5.40 8.21
C ASP A 51 8.06 4.34 8.06
N ILE A 52 9.26 4.81 7.79
CA ILE A 52 10.40 3.92 7.62
C ILE A 52 11.68 4.66 8.00
N GLY A 53 11.64 5.31 9.15
CA GLY A 53 12.79 6.05 9.64
C GLY A 53 14.04 5.17 9.67
N SER A 54 13.81 3.87 9.76
CA SER A 54 14.90 2.91 9.80
C SER A 54 14.68 1.83 8.75
N ALA A 55 14.28 2.26 7.56
CA ALA A 55 14.03 1.33 6.48
C ALA A 55 14.09 2.09 5.15
N SER A 56 14.65 1.42 4.15
CA SER A 56 14.77 2.02 2.83
C SER A 56 13.78 1.35 1.86
N GLN A 57 13.12 0.32 2.36
CA GLN A 57 12.15 -0.40 1.56
C GLN A 57 10.96 -0.82 2.41
N LEU A 58 9.78 -0.69 1.84
CA LEU A 58 8.56 -1.06 2.53
C LEU A 58 7.73 -1.99 1.64
N GLU A 59 7.07 -2.94 2.28
CA GLU A 59 6.24 -3.89 1.56
C GLU A 59 4.77 -3.75 2.00
N ALA A 60 3.89 -3.92 1.03
CA ALA A 60 2.46 -3.81 1.29
C ALA A 60 1.72 -4.90 0.52
N ALA A 61 0.60 -5.34 1.08
CA ALA A 61 -0.21 -6.36 0.45
C ALA A 61 -1.67 -5.93 0.45
N PHE A 62 -2.45 -6.58 -0.41
CA PHE A 62 -3.86 -6.27 -0.52
C PHE A 62 -4.72 -7.46 -0.09
N ASN A 63 -5.81 -7.13 0.61
CA ASN A 63 -6.72 -8.16 1.08
C ASN A 63 -8.08 -7.54 1.37
N ASP A 64 -9.12 -8.22 0.92
CA ASP A 64 -10.47 -7.75 1.11
C ASP A 64 -10.95 -8.12 2.52
N GLY A 65 -10.19 -9.02 3.15
CA GLY A 65 -10.51 -9.47 4.48
C GLY A 65 -11.37 -10.74 4.45
N ASN A 66 -11.37 -11.37 3.28
CA ASN A 66 -12.14 -12.59 3.10
C ASN A 66 -11.27 -13.64 2.39
N ASN A 67 -10.22 -14.04 3.06
CA ASN A 67 -9.31 -15.02 2.51
C ASN A 67 -9.02 -14.69 1.04
N ASN A 68 -9.09 -13.39 0.74
CA ASN A 68 -8.84 -12.92 -0.61
C ASN A 68 -7.65 -11.96 -0.59
N TRP A 69 -6.46 -12.53 -0.68
CA TRP A 69 -5.24 -11.74 -0.68
C TRP A 69 -4.75 -11.63 -2.13
N ASP A 70 -4.34 -10.42 -2.48
CA ASP A 70 -3.85 -10.16 -3.83
C ASP A 70 -2.42 -9.64 -3.75
N SER A 71 -1.56 -10.43 -3.11
CA SER A 71 -0.17 -10.05 -2.96
C SER A 71 0.71 -10.92 -3.86
N ASN A 72 0.07 -11.49 -4.88
CA ASN A 72 0.78 -12.34 -5.82
C ASN A 72 0.93 -13.74 -5.24
N ASN A 73 1.55 -13.79 -4.06
CA ASN A 73 1.75 -15.05 -3.38
C ASN A 73 2.20 -14.78 -1.94
N THR A 74 3.42 -14.29 -1.81
CA THR A 74 3.97 -13.99 -0.51
C THR A 74 5.32 -13.27 -0.64
N LYS A 75 5.44 -12.51 -1.72
CA LYS A 75 6.66 -11.77 -1.98
C LYS A 75 6.35 -10.27 -1.98
N ASN A 76 5.07 -9.96 -1.97
CA ASN A 76 4.63 -8.57 -1.97
C ASN A 76 5.54 -7.76 -2.89
N TYR A 77 5.60 -6.47 -2.61
CA TYR A 77 6.43 -5.56 -3.41
C TYR A 77 7.32 -4.70 -2.51
N LEU A 78 8.35 -4.14 -3.12
CA LEU A 78 9.29 -3.31 -2.40
C LEU A 78 9.19 -1.87 -2.91
N PHE A 79 8.86 -0.96 -2.01
CA PHE A 79 8.73 0.43 -2.37
C PHE A 79 9.53 1.32 -1.41
N SER A 80 9.99 2.45 -1.94
CA SER A 80 10.76 3.39 -1.14
C SER A 80 9.95 4.67 -0.90
N THR A 81 10.45 5.47 0.03
CA THR A 81 9.78 6.73 0.35
C THR A 81 9.43 7.49 -0.92
N GLY A 82 8.65 8.54 -0.75
CA GLY A 82 8.24 9.37 -1.88
C GLY A 82 6.78 9.11 -2.24
N THR A 83 6.44 9.44 -3.47
CA THR A 83 5.08 9.25 -3.96
C THR A 83 5.00 8.01 -4.85
N SER A 84 4.00 7.19 -4.59
CA SER A 84 3.79 5.97 -5.35
C SER A 84 2.33 5.84 -5.77
N THR A 85 2.11 5.07 -6.82
CA THR A 85 0.76 4.86 -7.32
C THR A 85 0.51 3.37 -7.58
N TYR A 86 -0.41 2.82 -6.79
CA TYR A 86 -0.75 1.42 -6.93
C TYR A 86 -1.98 1.22 -7.82
N THR A 87 -1.75 0.58 -8.96
CA THR A 87 -2.83 0.33 -9.90
C THR A 87 -3.28 -1.13 -9.83
N PRO A 88 -4.55 -1.32 -9.37
CA PRO A 88 -5.11 -2.65 -9.24
C PRO A 88 -5.48 -3.22 -10.61
N GLY A 89 -4.49 -3.22 -11.50
CA GLY A 89 -4.70 -3.74 -12.85
C GLY A 89 -6.11 -3.42 -13.35
N SER A 90 -6.59 -4.26 -14.24
CA SER A 90 -7.91 -4.08 -14.81
C SER A 90 -8.98 -4.50 -13.79
N ASN A 91 -8.85 -5.72 -13.32
CA ASN A 91 -9.79 -6.25 -12.35
C ASN A 91 -9.22 -7.53 -11.74
N GLY A 92 -9.18 -7.55 -10.41
CA GLY A 92 -8.66 -8.70 -9.69
C GLY A 92 -7.40 -9.24 -10.36
N ALA A 93 -6.69 -8.35 -11.04
CA ALA A 93 -5.47 -8.72 -11.74
C ALA A 93 -4.32 -7.85 -11.23
N ALA A 94 -3.48 -8.47 -10.42
CA ALA A 94 -2.33 -7.76 -9.87
C ALA A 94 -1.73 -6.84 -10.93
N GLY A 95 -1.72 -5.56 -10.62
CA GLY A 95 -1.19 -4.57 -11.54
C GLY A 95 0.26 -4.24 -11.20
N THR A 96 0.53 -2.94 -11.09
CA THR A 96 1.88 -2.48 -10.77
C THR A 96 1.82 -1.16 -10.01
N ILE A 97 2.98 -0.76 -9.49
CA ILE A 97 3.07 0.48 -8.74
C ILE A 97 4.03 1.44 -9.46
N ARG A 98 3.52 2.63 -9.75
CA ARG A 98 4.33 3.64 -10.43
C ARG A 98 4.66 4.79 -9.48
N THR A 99 5.94 5.10 -9.41
CA THR A 99 6.40 6.18 -8.54
C THR A 99 6.06 7.54 -9.16
N GLY A 100 5.78 8.50 -8.29
CA GLY A 100 5.43 9.84 -8.73
C GLY A 100 4.02 10.21 -8.30
N ALA A 101 3.87 11.47 -7.92
CA ALA A 101 2.57 11.97 -7.48
C ALA A 101 1.55 11.80 -8.61
N PRO A 102 0.35 11.30 -8.23
CA PRO A 102 -0.71 11.09 -9.20
C PRO A 102 -1.35 12.42 -9.61
N SER A 103 -2.32 12.32 -10.51
CA SER A 103 -3.02 13.50 -10.98
C SER A 103 -3.88 14.09 -9.86
N GLY A 104 -3.20 14.52 -8.81
CA GLY A 104 -3.89 15.11 -7.68
C GLY A 104 -3.08 14.93 -6.39
N GLY A 1 12.17 14.61 16.97
CA GLY A 1 11.26 13.63 16.42
C GLY A 1 10.76 14.05 15.04
N GLY A 2 11.70 14.26 14.13
CA GLY A 2 11.37 14.66 12.78
C GLY A 2 12.42 14.17 11.78
N THR A 3 12.76 12.89 11.92
CA THR A 3 13.75 12.28 11.04
C THR A 3 13.14 11.08 10.31
N THR A 4 12.39 10.29 11.07
CA THR A 4 11.75 9.11 10.51
C THR A 4 11.19 9.42 9.12
N ASN A 5 11.11 8.37 8.31
CA ASN A 5 10.60 8.51 6.96
C ASN A 5 9.21 7.85 6.87
N LYS A 6 8.55 8.10 5.75
CA LYS A 6 7.23 7.54 5.53
C LYS A 6 7.05 7.24 4.04
N VAL A 7 6.23 6.23 3.76
CA VAL A 7 5.97 5.84 2.39
C VAL A 7 4.49 6.09 2.07
N THR A 8 4.26 6.90 1.06
CA THR A 8 2.90 7.23 0.64
C THR A 8 2.56 6.50 -0.66
N VAL A 9 1.50 5.71 -0.59
CA VAL A 9 1.06 4.96 -1.75
C VAL A 9 -0.40 5.31 -2.06
N TYR A 10 -0.65 5.63 -3.31
CA TYR A 10 -1.99 5.99 -3.75
C TYR A 10 -2.62 4.87 -4.58
N TYR A 11 -3.74 4.36 -4.08
CA TYR A 11 -4.44 3.28 -4.76
C TYR A 11 -5.76 3.78 -5.36
N LYS A 12 -6.03 3.32 -6.57
CA LYS A 12 -7.25 3.71 -7.26
C LYS A 12 -8.36 2.70 -6.95
N LYS A 13 -9.42 3.21 -6.34
CA LYS A 13 -10.55 2.37 -5.99
C LYS A 13 -11.45 2.18 -7.21
N GLY A 14 -11.91 0.96 -7.39
CA GLY A 14 -11.56 -0.11 -6.47
C GLY A 14 -12.68 -1.15 -6.38
N PHE A 15 -13.14 -1.37 -5.15
CA PHE A 15 -14.21 -2.33 -4.91
C PHE A 15 -15.20 -1.79 -3.89
N ASN A 16 -14.90 -2.04 -2.62
CA ASN A 16 -15.75 -1.59 -1.55
C ASN A 16 -14.89 -1.19 -0.35
N SER A 17 -13.65 -0.80 -0.65
CA SER A 17 -12.72 -0.40 0.39
C SER A 17 -12.00 -1.63 0.96
N PRO A 18 -11.11 -2.21 0.09
CA PRO A 18 -10.34 -3.38 0.49
C PRO A 18 -9.22 -3.00 1.46
N TYR A 19 -9.00 -3.87 2.43
CA TYR A 19 -7.96 -3.64 3.42
C TYR A 19 -6.57 -3.95 2.85
N ILE A 20 -5.60 -3.18 3.31
CA ILE A 20 -4.24 -3.35 2.85
C ILE A 20 -3.36 -3.76 4.04
N HIS A 21 -2.42 -4.65 3.75
CA HIS A 21 -1.51 -5.12 4.78
C HIS A 21 -0.07 -5.05 4.27
N TYR A 22 0.72 -4.25 4.96
CA TYR A 22 2.12 -4.06 4.59
C TYR A 22 3.04 -4.31 5.79
N ARG A 23 4.30 -4.57 5.48
CA ARG A 23 5.29 -4.83 6.51
C ARG A 23 6.61 -4.13 6.17
N PRO A 24 7.26 -3.58 7.23
CA PRO A 24 8.53 -2.88 7.05
C PRO A 24 9.66 -3.88 6.83
N ALA A 25 10.59 -3.48 5.97
CA ALA A 25 11.73 -4.32 5.67
C ALA A 25 12.70 -4.33 6.86
N GLY A 26 12.17 -4.77 7.99
CA GLY A 26 12.98 -4.83 9.21
C GLY A 26 12.09 -4.65 10.45
N GLY A 27 10.90 -5.23 10.38
CA GLY A 27 9.97 -5.14 11.49
C GLY A 27 9.14 -6.43 11.62
N SER A 28 7.97 -6.41 11.00
CA SER A 28 7.09 -7.56 11.03
C SER A 28 5.80 -7.25 10.26
N TRP A 29 4.84 -8.16 10.38
CA TRP A 29 3.57 -7.99 9.72
C TRP A 29 2.61 -7.30 10.69
N THR A 30 2.12 -6.15 10.27
CA THR A 30 1.19 -5.38 11.09
C THR A 30 -0.01 -6.26 11.48
N ALA A 31 -0.79 -5.72 12.42
CA ALA A 31 -1.96 -6.44 12.89
C ALA A 31 -2.96 -6.60 11.75
N ALA A 32 -3.07 -7.82 11.26
CA ALA A 32 -3.98 -8.11 10.17
C ALA A 32 -5.42 -8.03 10.68
N PRO A 33 -6.27 -7.32 9.88
CA PRO A 33 -5.80 -6.73 8.64
C PRO A 33 -4.97 -5.47 8.91
N GLY A 34 -3.99 -5.25 8.05
CA GLY A 34 -3.12 -4.10 8.19
C GLY A 34 -3.92 -2.85 8.56
N VAL A 35 -4.15 -2.01 7.56
CA VAL A 35 -4.91 -0.79 7.76
C VAL A 35 -5.90 -0.60 6.61
N LYS A 36 -6.93 0.18 6.88
CA LYS A 36 -7.94 0.45 5.88
C LYS A 36 -7.52 1.64 5.02
N MET A 37 -7.40 1.39 3.72
CA MET A 37 -6.99 2.42 2.79
C MET A 37 -7.57 3.79 3.20
N GLN A 38 -6.67 4.74 3.36
CA GLN A 38 -7.07 6.09 3.74
C GLN A 38 -7.34 6.95 2.50
N ASP A 39 -8.60 7.26 2.30
CA ASP A 39 -9.00 8.07 1.16
C ASP A 39 -8.09 9.30 1.07
N ALA A 40 -7.62 9.56 -0.14
CA ALA A 40 -6.75 10.69 -0.38
C ALA A 40 -7.57 11.99 -0.31
N GLU A 41 -7.17 12.94 -1.15
CA GLU A 41 -7.85 14.22 -1.20
C GLU A 41 -8.34 14.51 -2.62
N ILE A 42 -8.26 13.49 -3.46
CA ILE A 42 -8.68 13.62 -4.84
C ILE A 42 -10.20 13.45 -4.93
N SER A 43 -10.62 12.21 -5.04
CA SER A 43 -12.04 11.90 -5.13
C SER A 43 -12.24 10.46 -5.58
N GLY A 44 -12.34 9.58 -4.60
CA GLY A 44 -12.53 8.16 -4.88
C GLY A 44 -11.20 7.42 -4.88
N TYR A 45 -10.15 8.12 -4.47
CA TYR A 45 -8.83 7.56 -4.42
C TYR A 45 -8.43 7.20 -2.98
N ALA A 46 -7.49 6.28 -2.87
CA ALA A 46 -7.01 5.85 -1.56
C ALA A 46 -5.54 6.25 -1.40
N LYS A 47 -5.14 6.40 -0.15
CA LYS A 47 -3.76 6.78 0.15
C LYS A 47 -3.40 6.29 1.55
N ILE A 48 -2.28 5.60 1.63
CA ILE A 48 -1.81 5.07 2.91
C ILE A 48 -0.37 5.53 3.15
N THR A 49 -0.07 5.77 4.41
CA THR A 49 1.26 6.22 4.79
C THR A 49 1.83 5.32 5.89
N VAL A 50 3.06 4.87 5.66
CA VAL A 50 3.73 4.00 6.61
C VAL A 50 5.13 4.54 6.90
N ASP A 51 5.45 4.63 8.18
CA ASP A 51 6.75 5.12 8.59
C ASP A 51 7.71 3.95 8.77
N ILE A 52 8.99 4.21 8.50
CA ILE A 52 10.00 3.18 8.63
C ILE A 52 11.16 3.72 9.49
N GLY A 53 11.42 5.00 9.32
CA GLY A 53 12.49 5.64 10.07
C GLY A 53 13.71 4.72 10.20
N SER A 54 14.11 4.16 9.06
CA SER A 54 15.25 3.26 9.04
C SER A 54 15.16 2.34 7.82
N ALA A 55 14.00 1.71 7.68
CA ALA A 55 13.78 0.81 6.57
C ALA A 55 13.80 1.59 5.26
N SER A 56 14.30 0.94 4.22
CA SER A 56 14.39 1.56 2.92
C SER A 56 13.43 0.87 1.93
N GLN A 57 12.71 -0.11 2.46
CA GLN A 57 11.77 -0.86 1.64
C GLN A 57 10.62 -1.38 2.52
N LEU A 58 9.42 -1.27 1.99
CA LEU A 58 8.24 -1.73 2.70
C LEU A 58 7.31 -2.47 1.72
N GLU A 59 6.85 -3.63 2.16
CA GLU A 59 5.96 -4.44 1.35
C GLU A 59 4.50 -4.19 1.75
N ALA A 60 3.64 -4.18 0.74
CA ALA A 60 2.22 -3.95 0.97
C ALA A 60 1.41 -4.89 0.08
N ALA A 61 0.34 -5.43 0.65
CA ALA A 61 -0.53 -6.34 -0.08
C ALA A 61 -1.95 -5.81 -0.06
N PHE A 62 -2.76 -6.31 -0.98
CA PHE A 62 -4.14 -5.89 -1.08
C PHE A 62 -5.09 -7.08 -0.85
N ASN A 63 -6.04 -6.89 0.05
CA ASN A 63 -7.00 -7.93 0.36
C ASN A 63 -8.34 -7.28 0.72
N ASP A 64 -9.41 -7.86 0.16
CA ASP A 64 -10.74 -7.36 0.42
C ASP A 64 -11.11 -7.60 1.88
N GLY A 65 -10.38 -8.51 2.50
CA GLY A 65 -10.62 -8.85 3.89
C GLY A 65 -11.31 -10.20 4.02
N ASN A 66 -11.22 -10.99 2.95
CA ASN A 66 -11.84 -12.30 2.93
C ASN A 66 -10.78 -13.35 2.56
N ASN A 67 -9.54 -13.05 2.92
CA ASN A 67 -8.43 -13.94 2.63
C ASN A 67 -8.12 -13.89 1.13
N ASN A 68 -8.61 -12.84 0.48
CA ASN A 68 -8.39 -12.66 -0.94
C ASN A 68 -7.28 -11.63 -1.15
N TRP A 69 -6.05 -12.10 -0.99
CA TRP A 69 -4.90 -11.24 -1.17
C TRP A 69 -4.47 -11.31 -2.64
N ASP A 70 -4.37 -10.14 -3.25
CA ASP A 70 -3.97 -10.06 -4.64
C ASP A 70 -2.46 -9.82 -4.73
N SER A 71 -1.77 -10.25 -3.69
CA SER A 71 -0.32 -10.09 -3.63
C SER A 71 0.33 -10.78 -4.83
N ASN A 72 0.72 -12.04 -4.61
CA ASN A 72 1.36 -12.81 -5.66
C ASN A 72 1.81 -14.15 -5.09
N ASN A 73 0.97 -14.71 -4.23
CA ASN A 73 1.27 -15.98 -3.60
C ASN A 73 2.29 -15.77 -2.48
N THR A 74 3.40 -15.16 -2.84
CA THR A 74 4.45 -14.89 -1.87
C THR A 74 5.59 -14.09 -2.54
N LYS A 75 5.19 -13.10 -3.31
CA LYS A 75 6.15 -12.26 -4.00
C LYS A 75 5.59 -10.84 -4.13
N ASN A 76 5.24 -10.27 -2.98
CA ASN A 76 4.69 -8.93 -2.94
C ASN A 76 5.67 -7.96 -3.60
N TYR A 77 5.50 -6.68 -3.30
CA TYR A 77 6.36 -5.65 -3.85
C TYR A 77 6.93 -4.76 -2.74
N LEU A 78 8.20 -4.45 -2.88
CA LEU A 78 8.87 -3.61 -1.90
C LEU A 78 8.96 -2.18 -2.44
N PHE A 79 8.47 -1.26 -1.63
CA PHE A 79 8.48 0.15 -2.00
C PHE A 79 9.25 0.99 -0.98
N SER A 80 9.91 2.02 -1.47
CA SER A 80 10.68 2.90 -0.62
C SER A 80 9.92 4.20 -0.37
N THR A 81 10.38 4.95 0.61
CA THR A 81 9.74 6.21 0.96
C THR A 81 9.66 7.12 -0.27
N GLY A 82 8.80 8.12 -0.16
CA GLY A 82 8.61 9.06 -1.25
C GLY A 82 7.16 9.07 -1.73
N THR A 83 7.01 9.04 -3.05
CA THR A 83 5.68 9.04 -3.64
C THR A 83 5.52 7.84 -4.57
N SER A 84 4.49 7.04 -4.30
CA SER A 84 4.21 5.86 -5.10
C SER A 84 2.70 5.74 -5.33
N THR A 85 2.36 5.01 -6.38
CA THR A 85 0.96 4.80 -6.72
C THR A 85 0.71 3.32 -7.03
N TYR A 86 -0.26 2.76 -6.32
CA TYR A 86 -0.60 1.36 -6.51
C TYR A 86 -1.81 1.22 -7.45
N THR A 87 -1.59 0.50 -8.54
CA THR A 87 -2.64 0.29 -9.51
C THR A 87 -2.98 -1.20 -9.62
N PRO A 88 -4.25 -1.53 -9.27
CA PRO A 88 -4.71 -2.91 -9.33
C PRO A 88 -4.95 -3.36 -10.77
N GLY A 89 -5.71 -4.43 -10.90
CA GLY A 89 -6.02 -4.97 -12.21
C GLY A 89 -7.48 -5.42 -12.29
N SER A 90 -7.82 -6.02 -13.42
CA SER A 90 -9.18 -6.50 -13.63
C SER A 90 -9.47 -7.67 -12.70
N ASN A 91 -10.25 -7.39 -11.67
CA ASN A 91 -10.61 -8.41 -10.69
C ASN A 91 -9.34 -8.90 -9.99
N GLY A 92 -8.77 -8.03 -9.17
CA GLY A 92 -7.57 -8.37 -8.44
C GLY A 92 -6.64 -9.22 -9.29
N ALA A 93 -6.36 -8.73 -10.49
CA ALA A 93 -5.49 -9.45 -11.41
C ALA A 93 -4.21 -8.63 -11.63
N ALA A 94 -3.14 -9.07 -10.98
CA ALA A 94 -1.86 -8.40 -11.10
C ALA A 94 -1.88 -7.13 -10.24
N GLY A 95 -0.73 -6.48 -10.18
CA GLY A 95 -0.60 -5.26 -9.40
C GLY A 95 0.74 -4.58 -9.66
N THR A 96 0.67 -3.32 -10.08
CA THR A 96 1.86 -2.55 -10.37
C THR A 96 1.86 -1.24 -9.58
N ILE A 97 3.06 -0.77 -9.26
CA ILE A 97 3.21 0.47 -8.52
C ILE A 97 4.04 1.46 -9.34
N ARG A 98 3.52 2.67 -9.46
CA ARG A 98 4.20 3.71 -10.20
C ARG A 98 4.64 4.83 -9.27
N THR A 99 5.93 5.13 -9.33
CA THR A 99 6.50 6.19 -8.49
C THR A 99 6.11 7.56 -9.04
N GLY A 100 5.93 8.50 -8.11
CA GLY A 100 5.56 9.85 -8.48
C GLY A 100 4.16 10.20 -7.97
N ALA A 101 4.01 11.44 -7.56
CA ALA A 101 2.74 11.92 -7.05
C ALA A 101 1.66 11.74 -8.13
N PRO A 102 0.50 11.18 -7.70
CA PRO A 102 -0.61 10.96 -8.62
C PRO A 102 -1.33 12.27 -8.94
N SER A 103 -2.35 12.15 -9.77
CA SER A 103 -3.12 13.32 -10.17
C SER A 103 -3.93 13.84 -8.99
N GLY A 104 -3.20 14.27 -7.96
CA GLY A 104 -3.83 14.79 -6.76
C GLY A 104 -3.23 16.14 -6.36
N GLY A 1 14.23 8.90 14.65
CA GLY A 1 13.77 8.08 15.75
C GLY A 1 12.39 7.50 15.46
N GLY A 2 11.47 7.75 16.38
CA GLY A 2 10.11 7.26 16.23
C GLY A 2 9.62 7.44 14.79
N THR A 3 9.01 8.60 14.55
CA THR A 3 8.49 8.90 13.23
C THR A 3 9.49 9.75 12.44
N THR A 4 9.68 9.38 11.18
CA THR A 4 10.60 10.09 10.32
C THR A 4 10.20 9.94 8.86
N ASN A 5 10.91 9.04 8.18
CA ASN A 5 10.64 8.78 6.77
C ASN A 5 9.27 8.12 6.63
N LYS A 6 8.58 8.47 5.56
CA LYS A 6 7.27 7.92 5.31
C LYS A 6 7.11 7.66 3.80
N VAL A 7 6.32 6.64 3.49
CA VAL A 7 6.08 6.29 2.10
C VAL A 7 4.60 6.50 1.77
N THR A 8 4.36 7.23 0.69
CA THR A 8 3.00 7.51 0.27
C THR A 8 2.62 6.62 -0.92
N VAL A 9 1.49 5.95 -0.77
CA VAL A 9 1.01 5.06 -1.81
C VAL A 9 -0.43 5.43 -2.15
N TYR A 10 -0.68 5.59 -3.45
CA TYR A 10 -2.00 5.94 -3.92
C TYR A 10 -2.64 4.77 -4.69
N TYR A 11 -3.74 4.28 -4.14
CA TYR A 11 -4.45 3.17 -4.75
C TYR A 11 -5.82 3.62 -5.28
N LYS A 12 -6.14 3.12 -6.47
CA LYS A 12 -7.41 3.47 -7.09
C LYS A 12 -8.49 2.50 -6.60
N LYS A 13 -9.48 3.06 -5.92
CA LYS A 13 -10.58 2.27 -5.40
C LYS A 13 -11.65 2.12 -6.48
N GLY A 14 -12.25 0.94 -6.51
CA GLY A 14 -11.88 -0.11 -5.58
C GLY A 14 -13.10 -0.95 -5.19
N PHE A 15 -13.26 -1.14 -3.89
CA PHE A 15 -14.37 -1.92 -3.37
C PHE A 15 -15.22 -1.08 -2.42
N ASN A 16 -15.54 -1.67 -1.27
CA ASN A 16 -16.34 -1.00 -0.27
C ASN A 16 -15.46 -0.69 0.96
N SER A 17 -14.87 -1.75 1.50
CA SER A 17 -14.03 -1.60 2.66
C SER A 17 -12.74 -2.43 2.48
N PRO A 18 -11.95 -2.03 1.45
CA PRO A 18 -10.70 -2.72 1.15
C PRO A 18 -9.62 -2.36 2.18
N TYR A 19 -8.84 -3.36 2.54
CA TYR A 19 -7.77 -3.16 3.50
C TYR A 19 -6.41 -3.52 2.89
N ILE A 20 -5.37 -2.94 3.45
CA ILE A 20 -4.02 -3.18 2.98
C ILE A 20 -3.12 -3.53 4.17
N HIS A 21 -2.24 -4.49 3.94
CA HIS A 21 -1.32 -4.93 4.98
C HIS A 21 0.12 -4.72 4.52
N TYR A 22 0.82 -3.83 5.20
CA TYR A 22 2.20 -3.54 4.88
C TYR A 22 3.09 -3.62 6.12
N ARG A 23 4.39 -3.77 5.87
CA ARG A 23 5.35 -3.86 6.95
C ARG A 23 6.70 -3.29 6.50
N PRO A 24 7.61 -3.14 7.51
CA PRO A 24 8.94 -2.61 7.23
C PRO A 24 9.82 -3.65 6.54
N ALA A 25 10.82 -3.16 5.81
CA ALA A 25 11.73 -4.04 5.11
C ALA A 25 11.83 -5.37 5.86
N GLY A 26 12.75 -5.40 6.82
CA GLY A 26 12.96 -6.60 7.61
C GLY A 26 12.80 -6.30 9.10
N GLY A 27 11.60 -6.54 9.59
CA GLY A 27 11.30 -6.29 10.99
C GLY A 27 10.16 -7.19 11.47
N SER A 28 8.94 -6.69 11.28
CA SER A 28 7.76 -7.42 11.69
C SER A 28 6.58 -7.08 10.77
N TRP A 29 5.42 -7.62 11.11
CA TRP A 29 4.22 -7.37 10.34
C TRP A 29 3.20 -6.69 11.25
N THR A 30 2.49 -5.72 10.68
CA THR A 30 1.48 -5.00 11.43
C THR A 30 0.32 -5.92 11.80
N ALA A 31 -0.57 -5.39 12.62
CA ALA A 31 -1.73 -6.15 13.05
C ALA A 31 -2.70 -6.32 11.88
N ALA A 32 -2.74 -7.55 11.37
CA ALA A 32 -3.61 -7.85 10.25
C ALA A 32 -5.06 -7.88 10.73
N PRO A 33 -5.94 -7.22 9.93
CA PRO A 33 -5.50 -6.56 8.71
C PRO A 33 -4.78 -5.26 9.03
N GLY A 34 -3.81 -4.93 8.18
CA GLY A 34 -3.04 -3.71 8.36
C GLY A 34 -3.94 -2.53 8.72
N VAL A 35 -4.17 -1.68 7.73
CA VAL A 35 -5.00 -0.51 7.93
C VAL A 35 -5.94 -0.34 6.73
N LYS A 36 -7.03 0.37 6.96
CA LYS A 36 -8.01 0.61 5.92
C LYS A 36 -7.58 1.82 5.10
N MET A 37 -7.34 1.57 3.81
CA MET A 37 -6.92 2.62 2.91
C MET A 37 -7.63 3.94 3.24
N GLN A 38 -6.86 5.02 3.23
CA GLN A 38 -7.40 6.33 3.53
C GLN A 38 -7.64 7.10 2.23
N ASP A 39 -8.90 7.39 1.98
CA ASP A 39 -9.27 8.13 0.79
C ASP A 39 -8.35 9.34 0.61
N ALA A 40 -7.89 9.52 -0.62
CA ALA A 40 -6.99 10.63 -0.92
C ALA A 40 -7.76 11.94 -0.84
N GLU A 41 -7.42 12.84 -1.75
CA GLU A 41 -8.07 14.15 -1.79
C GLU A 41 -8.61 14.42 -3.20
N ILE A 42 -8.51 13.40 -4.04
CA ILE A 42 -8.99 13.52 -5.41
C ILE A 42 -10.50 13.32 -5.44
N SER A 43 -10.90 12.05 -5.37
CA SER A 43 -12.31 11.71 -5.39
C SER A 43 -12.49 10.24 -5.79
N GLY A 44 -12.56 9.39 -4.79
CA GLY A 44 -12.73 7.97 -5.03
C GLY A 44 -11.38 7.24 -5.03
N TYR A 45 -10.36 7.99 -4.63
CA TYR A 45 -9.01 7.43 -4.58
C TYR A 45 -8.60 7.11 -3.14
N ALA A 46 -7.61 6.25 -3.01
CA ALA A 46 -7.11 5.86 -1.70
C ALA A 46 -5.66 6.29 -1.56
N LYS A 47 -5.27 6.57 -0.33
CA LYS A 47 -3.91 7.00 -0.05
C LYS A 47 -3.53 6.58 1.37
N ILE A 48 -2.39 5.91 1.48
CA ILE A 48 -1.91 5.45 2.77
C ILE A 48 -0.44 5.84 2.93
N THR A 49 -0.04 6.02 4.18
CA THR A 49 1.33 6.39 4.48
C THR A 49 1.93 5.44 5.51
N VAL A 50 3.19 5.10 5.29
CA VAL A 50 3.90 4.20 6.19
C VAL A 50 5.26 4.80 6.56
N ASP A 51 5.49 4.90 7.84
CA ASP A 51 6.75 5.45 8.34
C ASP A 51 7.83 4.38 8.30
N ILE A 52 9.06 4.82 8.08
CA ILE A 52 10.19 3.90 8.02
C ILE A 52 11.47 4.65 8.34
N GLY A 53 11.43 5.38 9.45
CA GLY A 53 12.59 6.15 9.88
C GLY A 53 13.85 5.28 9.94
N SER A 54 13.61 3.98 10.00
CA SER A 54 14.71 3.03 10.06
C SER A 54 14.50 1.92 9.02
N ALA A 55 14.14 2.33 7.82
CA ALA A 55 13.91 1.39 6.74
C ALA A 55 13.94 2.13 5.40
N SER A 56 14.49 1.45 4.40
CA SER A 56 14.60 2.03 3.07
C SER A 56 13.65 1.31 2.11
N GLN A 57 12.98 0.30 2.64
CA GLN A 57 12.03 -0.47 1.85
C GLN A 57 10.89 -0.98 2.72
N LEU A 58 9.69 -0.91 2.17
CA LEU A 58 8.51 -1.37 2.89
C LEU A 58 7.60 -2.13 1.93
N GLU A 59 7.06 -3.23 2.44
CA GLU A 59 6.17 -4.07 1.64
C GLU A 59 4.72 -3.80 2.02
N ALA A 60 3.86 -3.82 1.00
CA ALA A 60 2.45 -3.58 1.20
C ALA A 60 1.64 -4.52 0.31
N ALA A 61 0.61 -5.10 0.91
CA ALA A 61 -0.25 -6.03 0.18
C ALA A 61 -1.69 -5.50 0.19
N PHE A 62 -2.46 -5.95 -0.79
CA PHE A 62 -3.84 -5.53 -0.91
C PHE A 62 -4.79 -6.74 -0.80
N ASN A 63 -5.75 -6.62 0.11
CA ASN A 63 -6.72 -7.68 0.32
C ASN A 63 -8.09 -7.06 0.59
N ASP A 64 -9.12 -7.88 0.41
CA ASP A 64 -10.48 -7.43 0.64
C ASP A 64 -10.82 -7.57 2.12
N GLY A 65 -10.21 -8.56 2.75
CA GLY A 65 -10.43 -8.80 4.17
C GLY A 65 -9.56 -9.95 4.67
N ASN A 66 -9.60 -11.05 3.94
CA ASN A 66 -8.83 -12.22 4.31
C ASN A 66 -9.28 -13.42 3.46
N ASN A 67 -8.92 -13.37 2.18
CA ASN A 67 -9.28 -14.43 1.26
C ASN A 67 -8.84 -14.05 -0.15
N ASN A 68 -8.94 -12.76 -0.44
CA ASN A 68 -8.56 -12.26 -1.75
C ASN A 68 -7.34 -11.34 -1.60
N TRP A 69 -6.17 -11.96 -1.64
CA TRP A 69 -4.92 -11.23 -1.51
C TRP A 69 -4.34 -11.04 -2.91
N ASP A 70 -3.95 -9.80 -3.19
CA ASP A 70 -3.38 -9.48 -4.49
C ASP A 70 -1.94 -9.01 -4.30
N SER A 71 -1.10 -9.92 -3.82
CA SER A 71 0.29 -9.61 -3.59
C SER A 71 1.16 -10.24 -4.69
N ASN A 72 1.28 -11.56 -4.62
CA ASN A 72 2.06 -12.28 -5.61
C ASN A 72 2.18 -13.75 -5.18
N ASN A 73 2.56 -13.93 -3.92
CA ASN A 73 2.71 -15.27 -3.38
C ASN A 73 3.34 -15.18 -1.98
N THR A 74 4.62 -14.82 -1.97
CA THR A 74 5.35 -14.69 -0.73
C THR A 74 6.54 -13.75 -0.91
N LYS A 75 6.45 -12.91 -1.92
CA LYS A 75 7.52 -11.96 -2.20
C LYS A 75 6.96 -10.54 -2.12
N ASN A 76 5.64 -10.46 -2.05
CA ASN A 76 4.98 -9.17 -1.97
C ASN A 76 5.74 -8.15 -2.83
N TYR A 77 5.61 -6.89 -2.44
CA TYR A 77 6.28 -5.81 -3.16
C TYR A 77 7.16 -4.99 -2.22
N LEU A 78 8.07 -4.24 -2.82
CA LEU A 78 8.98 -3.41 -2.05
C LEU A 78 8.87 -1.96 -2.53
N PHE A 79 8.57 -1.08 -1.58
CA PHE A 79 8.43 0.33 -1.90
C PHE A 79 9.27 1.19 -0.96
N SER A 80 9.79 2.28 -1.50
CA SER A 80 10.62 3.18 -0.73
C SER A 80 9.88 4.51 -0.52
N THR A 81 10.34 5.25 0.49
CA THR A 81 9.74 6.53 0.81
C THR A 81 9.55 7.36 -0.47
N GLY A 82 8.78 8.43 -0.33
CA GLY A 82 8.51 9.31 -1.45
C GLY A 82 7.03 9.26 -1.86
N THR A 83 6.81 9.20 -3.15
CA THR A 83 5.46 9.15 -3.68
C THR A 83 5.32 8.01 -4.70
N SER A 84 4.29 7.20 -4.49
CA SER A 84 4.04 6.07 -5.38
C SER A 84 2.53 5.90 -5.58
N THR A 85 2.20 5.26 -6.69
CA THR A 85 0.80 5.01 -7.02
C THR A 85 0.60 3.57 -7.46
N TYR A 86 -0.25 2.87 -6.72
CA TYR A 86 -0.54 1.48 -7.02
C TYR A 86 -1.82 1.35 -7.84
N THR A 87 -1.68 0.79 -9.03
CA THR A 87 -2.82 0.60 -9.91
C THR A 87 -3.19 -0.88 -10.01
N PRO A 88 -4.39 -1.22 -9.47
CA PRO A 88 -4.85 -2.60 -9.49
C PRO A 88 -5.34 -2.98 -10.90
N GLY A 89 -5.82 -4.21 -11.00
CA GLY A 89 -6.31 -4.72 -12.26
C GLY A 89 -7.85 -4.70 -12.30
N SER A 90 -8.39 -5.58 -13.14
CA SER A 90 -9.84 -5.67 -13.27
C SER A 90 -10.34 -6.99 -12.67
N ASN A 91 -9.72 -8.07 -13.11
CA ASN A 91 -10.09 -9.40 -12.63
C ASN A 91 -9.07 -9.85 -11.59
N GLY A 92 -9.10 -9.19 -10.44
CA GLY A 92 -8.19 -9.52 -9.36
C GLY A 92 -6.82 -9.91 -9.91
N ALA A 93 -6.27 -9.03 -10.74
CA ALA A 93 -4.97 -9.27 -11.33
C ALA A 93 -4.04 -8.11 -10.98
N ALA A 94 -3.13 -8.38 -10.06
CA ALA A 94 -2.17 -7.36 -9.63
C ALA A 94 -1.71 -6.57 -10.85
N GLY A 95 -1.49 -5.28 -10.62
CA GLY A 95 -1.03 -4.41 -11.69
C GLY A 95 0.42 -3.97 -11.46
N THR A 96 0.59 -2.66 -11.31
CA THR A 96 1.93 -2.11 -11.09
C THR A 96 1.84 -0.82 -10.28
N ILE A 97 3.00 -0.37 -9.83
CA ILE A 97 3.07 0.86 -9.04
C ILE A 97 3.96 1.86 -9.75
N ARG A 98 3.42 3.07 -9.93
CA ARG A 98 4.16 4.12 -10.59
C ARG A 98 4.56 5.20 -9.58
N THR A 99 5.85 5.52 -9.58
CA THR A 99 6.37 6.53 -8.67
C THR A 99 6.01 7.92 -9.17
N GLY A 100 5.81 8.82 -8.21
CA GLY A 100 5.46 10.19 -8.54
C GLY A 100 4.05 10.52 -8.08
N ALA A 101 3.88 11.74 -7.60
CA ALA A 101 2.58 12.19 -7.12
C ALA A 101 1.57 12.13 -8.28
N PRO A 102 0.45 11.42 -8.02
CA PRO A 102 -0.59 11.28 -9.03
C PRO A 102 -1.40 12.57 -9.17
N SER A 103 -1.98 12.73 -10.35
CA SER A 103 -2.79 13.92 -10.63
C SER A 103 -4.01 13.53 -11.45
N GLY A 104 -4.98 12.94 -10.77
CA GLY A 104 -6.21 12.53 -11.42
C GLY A 104 -6.06 11.13 -12.04
N GLY A 1 12.43 11.58 20.08
CA GLY A 1 12.48 12.06 18.71
C GLY A 1 12.99 10.97 17.76
N GLY A 2 14.00 11.33 16.98
CA GLY A 2 14.57 10.40 16.02
C GLY A 2 13.91 10.54 14.65
N THR A 3 14.41 11.52 13.90
CA THR A 3 13.88 11.77 12.57
C THR A 3 13.53 10.45 11.88
N THR A 4 12.35 10.43 11.26
CA THR A 4 11.89 9.24 10.57
C THR A 4 11.32 9.62 9.20
N ASN A 5 11.23 8.61 8.33
CA ASN A 5 10.71 8.83 6.99
C ASN A 5 9.29 8.25 6.90
N LYS A 6 8.66 8.51 5.77
CA LYS A 6 7.30 8.02 5.54
C LYS A 6 7.12 7.71 4.06
N VAL A 7 6.23 6.77 3.79
CA VAL A 7 5.96 6.37 2.41
C VAL A 7 4.47 6.59 2.12
N THR A 8 4.21 7.54 1.22
CA THR A 8 2.84 7.85 0.85
C THR A 8 2.54 7.29 -0.54
N VAL A 9 1.52 6.43 -0.59
CA VAL A 9 1.11 5.82 -1.84
C VAL A 9 -0.39 6.05 -2.05
N TYR A 10 -0.74 6.30 -3.30
CA TYR A 10 -2.13 6.54 -3.65
C TYR A 10 -2.71 5.37 -4.42
N TYR A 11 -3.87 4.91 -3.97
CA TYR A 11 -4.54 3.79 -4.61
C TYR A 11 -5.85 4.23 -5.26
N LYS A 12 -6.11 3.68 -6.43
CA LYS A 12 -7.32 4.01 -7.17
C LYS A 12 -8.43 3.03 -6.79
N LYS A 13 -9.44 3.56 -6.12
CA LYS A 13 -10.56 2.74 -5.70
C LYS A 13 -11.52 2.54 -6.87
N GLY A 14 -12.05 1.34 -6.97
CA GLY A 14 -11.72 0.29 -6.01
C GLY A 14 -12.90 -0.65 -5.78
N PHE A 15 -13.13 -0.97 -4.51
CA PHE A 15 -14.22 -1.85 -4.16
C PHE A 15 -15.20 -1.16 -3.20
N ASN A 16 -15.34 -1.74 -2.03
CA ASN A 16 -16.24 -1.19 -1.02
C ASN A 16 -15.46 -0.95 0.27
N SER A 17 -14.89 -2.03 0.80
CA SER A 17 -14.12 -1.95 2.03
C SER A 17 -12.85 -2.78 1.90
N PRO A 18 -12.00 -2.39 0.91
CA PRO A 18 -10.74 -3.09 0.68
C PRO A 18 -9.72 -2.75 1.75
N TYR A 19 -8.87 -3.72 2.05
CA TYR A 19 -7.83 -3.53 3.05
C TYR A 19 -6.45 -3.79 2.47
N ILE A 20 -5.45 -3.17 3.06
CA ILE A 20 -4.08 -3.33 2.62
C ILE A 20 -3.21 -3.78 3.79
N HIS A 21 -2.25 -4.64 3.48
CA HIS A 21 -1.34 -5.15 4.50
C HIS A 21 0.10 -4.97 4.04
N TYR A 22 0.84 -4.17 4.79
CA TYR A 22 2.23 -3.91 4.48
C TYR A 22 3.13 -4.16 5.69
N ARG A 23 4.41 -4.34 5.41
CA ARG A 23 5.38 -4.58 6.47
C ARG A 23 6.71 -3.91 6.13
N PRO A 24 7.46 -3.56 7.21
CA PRO A 24 8.75 -2.91 7.04
C PRO A 24 9.82 -3.91 6.58
N ALA A 25 10.82 -3.39 5.90
CA ALA A 25 11.91 -4.22 5.40
C ALA A 25 12.16 -5.35 6.39
N GLY A 26 12.72 -4.98 7.54
CA GLY A 26 13.02 -5.96 8.57
C GLY A 26 12.38 -5.55 9.90
N GLY A 27 11.15 -5.98 10.09
CA GLY A 27 10.42 -5.67 11.30
C GLY A 27 9.41 -6.77 11.64
N SER A 28 8.19 -6.57 11.15
CA SER A 28 7.13 -7.54 11.39
C SER A 28 5.91 -7.20 10.53
N TRP A 29 4.88 -8.03 10.67
CA TRP A 29 3.65 -7.83 9.91
C TRP A 29 2.61 -7.23 10.86
N THR A 30 2.05 -6.10 10.43
CA THR A 30 1.05 -5.42 11.22
C THR A 30 -0.16 -6.33 11.44
N ALA A 31 -1.09 -5.84 12.24
CA ALA A 31 -2.30 -6.60 12.54
C ALA A 31 -3.14 -6.73 11.27
N ALA A 32 -3.16 -7.94 10.74
CA ALA A 32 -3.92 -8.22 9.52
C ALA A 32 -5.41 -8.22 9.85
N PRO A 33 -6.19 -7.51 8.98
CA PRO A 33 -5.60 -6.83 7.84
C PRO A 33 -4.88 -5.55 8.28
N GLY A 34 -3.80 -5.25 7.57
CA GLY A 34 -3.02 -4.06 7.87
C GLY A 34 -3.93 -2.90 8.29
N VAL A 35 -4.16 -2.02 7.34
CA VAL A 35 -5.01 -0.86 7.59
C VAL A 35 -5.93 -0.64 6.39
N LYS A 36 -7.04 0.05 6.66
CA LYS A 36 -8.01 0.33 5.63
C LYS A 36 -7.62 1.62 4.89
N MET A 37 -7.15 1.46 3.67
CA MET A 37 -6.74 2.59 2.87
C MET A 37 -7.58 3.83 3.19
N GLN A 38 -6.88 4.93 3.43
CA GLN A 38 -7.55 6.18 3.76
C GLN A 38 -7.65 7.07 2.52
N ASP A 39 -8.86 7.54 2.27
CA ASP A 39 -9.11 8.39 1.12
C ASP A 39 -8.02 9.46 1.05
N ALA A 40 -7.68 9.83 -0.18
CA ALA A 40 -6.66 10.84 -0.40
C ALA A 40 -7.31 12.23 -0.39
N GLU A 41 -6.74 13.12 -1.18
CA GLU A 41 -7.25 14.48 -1.28
C GLU A 41 -7.61 14.82 -2.72
N ILE A 42 -8.05 13.79 -3.44
CA ILE A 42 -8.44 13.97 -4.82
C ILE A 42 -9.96 13.85 -4.96
N SER A 43 -10.43 12.62 -4.93
CA SER A 43 -11.86 12.36 -5.04
C SER A 43 -12.10 10.92 -5.47
N GLY A 44 -12.39 10.07 -4.49
CA GLY A 44 -12.64 8.67 -4.75
C GLY A 44 -11.33 7.87 -4.76
N TYR A 45 -10.26 8.55 -4.38
CA TYR A 45 -8.95 7.92 -4.34
C TYR A 45 -8.54 7.59 -2.89
N ALA A 46 -7.61 6.67 -2.77
CA ALA A 46 -7.12 6.26 -1.46
C ALA A 46 -5.64 6.63 -1.33
N LYS A 47 -5.22 6.83 -0.09
CA LYS A 47 -3.85 7.18 0.19
C LYS A 47 -3.49 6.77 1.62
N ILE A 48 -2.34 6.13 1.75
CA ILE A 48 -1.88 5.67 3.05
C ILE A 48 -0.40 6.01 3.20
N THR A 49 -0.02 6.29 4.45
CA THR A 49 1.36 6.64 4.74
C THR A 49 1.94 5.68 5.78
N VAL A 50 3.18 5.27 5.54
CA VAL A 50 3.86 4.35 6.44
C VAL A 50 5.25 4.91 6.78
N ASP A 51 5.56 4.91 8.06
CA ASP A 51 6.83 5.40 8.53
C ASP A 51 7.89 4.30 8.38
N ILE A 52 9.12 4.73 8.17
CA ILE A 52 10.22 3.80 8.01
C ILE A 52 11.53 4.48 8.42
N GLY A 53 11.56 4.94 9.65
CA GLY A 53 12.74 5.61 10.18
C GLY A 53 14.01 5.07 9.52
N SER A 54 14.45 3.92 10.02
CA SER A 54 15.64 3.28 9.49
C SER A 54 15.31 2.50 8.23
N ALA A 55 14.10 1.96 8.20
CA ALA A 55 13.64 1.18 7.07
C ALA A 55 13.67 2.06 5.82
N SER A 56 14.23 1.50 4.75
CA SER A 56 14.33 2.21 3.49
C SER A 56 13.40 1.58 2.45
N GLN A 57 12.84 0.44 2.82
CA GLN A 57 11.94 -0.28 1.94
C GLN A 57 10.79 -0.90 2.73
N LEU A 58 9.59 -0.79 2.19
CA LEU A 58 8.41 -1.33 2.84
C LEU A 58 7.53 -2.02 1.79
N GLU A 59 7.12 -3.24 2.12
CA GLU A 59 6.27 -4.01 1.23
C GLU A 59 4.80 -3.86 1.62
N ALA A 60 3.95 -3.82 0.61
CA ALA A 60 2.52 -3.68 0.84
C ALA A 60 1.77 -4.66 -0.06
N ALA A 61 0.66 -5.17 0.47
CA ALA A 61 -0.15 -6.11 -0.28
C ALA A 61 -1.59 -5.61 -0.33
N PHE A 62 -2.34 -6.15 -1.27
CA PHE A 62 -3.74 -5.77 -1.43
C PHE A 62 -4.66 -6.97 -1.24
N ASN A 63 -5.66 -6.79 -0.38
CA ASN A 63 -6.61 -7.86 -0.10
C ASN A 63 -7.99 -7.24 0.14
N ASP A 64 -8.99 -7.86 -0.46
CA ASP A 64 -10.36 -7.39 -0.31
C ASP A 64 -10.89 -7.76 1.07
N GLY A 65 -10.13 -8.63 1.75
CA GLY A 65 -10.51 -9.07 3.07
C GLY A 65 -11.61 -10.13 3.01
N ASN A 66 -11.85 -10.61 1.80
CA ASN A 66 -12.87 -11.62 1.59
C ASN A 66 -12.23 -12.86 0.95
N ASN A 67 -11.23 -13.39 1.64
CA ASN A 67 -10.53 -14.57 1.17
C ASN A 67 -9.91 -14.26 -0.20
N ASN A 68 -9.59 -12.99 -0.40
CA ASN A 68 -9.00 -12.56 -1.66
C ASN A 68 -7.76 -11.71 -1.35
N TRP A 69 -6.61 -12.37 -1.37
CA TRP A 69 -5.35 -11.68 -1.11
C TRP A 69 -4.45 -11.86 -2.34
N ASP A 70 -3.78 -10.77 -2.71
CA ASP A 70 -2.89 -10.80 -3.85
C ASP A 70 -1.52 -10.25 -3.43
N SER A 71 -0.86 -10.99 -2.56
CA SER A 71 0.44 -10.60 -2.07
C SER A 71 1.51 -11.56 -2.60
N ASN A 72 1.09 -12.80 -2.79
CA ASN A 72 2.00 -13.82 -3.28
C ASN A 72 1.88 -13.92 -4.81
N ASN A 73 2.16 -12.81 -5.46
CA ASN A 73 2.08 -12.75 -6.91
C ASN A 73 3.49 -12.73 -7.49
N THR A 74 4.43 -12.28 -6.66
CA THR A 74 5.81 -12.19 -7.08
C THR A 74 6.68 -11.65 -5.94
N LYS A 75 6.39 -12.12 -4.74
CA LYS A 75 7.13 -11.69 -3.56
C LYS A 75 6.72 -10.26 -3.21
N ASN A 76 5.43 -10.02 -3.24
CA ASN A 76 4.90 -8.70 -2.92
C ASN A 76 5.76 -7.64 -3.62
N TYR A 77 5.51 -6.39 -3.23
CA TYR A 77 6.25 -5.28 -3.82
C TYR A 77 6.79 -4.36 -2.73
N LEU A 78 8.05 -3.96 -2.91
CA LEU A 78 8.70 -3.08 -1.95
C LEU A 78 8.66 -1.65 -2.48
N PHE A 79 8.43 -0.72 -1.55
CA PHE A 79 8.36 0.69 -1.91
C PHE A 79 9.22 1.53 -0.97
N SER A 80 9.78 2.59 -1.53
CA SER A 80 10.64 3.48 -0.76
C SER A 80 9.97 4.85 -0.59
N THR A 81 10.36 5.53 0.46
CA THR A 81 9.79 6.85 0.74
C THR A 81 9.58 7.62 -0.56
N GLY A 82 8.63 8.55 -0.51
CA GLY A 82 8.32 9.37 -1.67
C GLY A 82 6.85 9.22 -2.06
N THR A 83 6.60 9.34 -3.36
CA THR A 83 5.25 9.23 -3.87
C THR A 83 5.09 7.95 -4.70
N SER A 84 4.11 7.15 -4.31
CA SER A 84 3.85 5.90 -5.01
C SER A 84 2.37 5.81 -5.39
N THR A 85 2.10 4.97 -6.37
CA THR A 85 0.73 4.78 -6.84
C THR A 85 0.41 3.29 -6.97
N TYR A 86 -0.62 2.87 -6.26
CA TYR A 86 -1.03 1.48 -6.29
C TYR A 86 -2.26 1.29 -7.19
N THR A 87 -2.10 0.45 -8.20
CA THR A 87 -3.18 0.18 -9.13
C THR A 87 -3.34 -1.32 -9.33
N PRO A 88 -4.20 -1.94 -8.46
CA PRO A 88 -4.45 -3.37 -8.53
C PRO A 88 -5.36 -3.70 -9.72
N GLY A 89 -5.53 -5.00 -9.95
CA GLY A 89 -6.36 -5.46 -11.04
C GLY A 89 -7.82 -5.61 -10.60
N SER A 90 -8.54 -6.48 -11.30
CA SER A 90 -9.93 -6.71 -10.98
C SER A 90 -10.06 -7.93 -10.07
N ASN A 91 -9.25 -7.94 -9.02
CA ASN A 91 -9.26 -9.03 -8.07
C ASN A 91 -8.86 -10.32 -8.77
N GLY A 92 -7.97 -11.06 -8.13
CA GLY A 92 -7.51 -12.32 -8.69
C GLY A 92 -6.28 -12.10 -9.58
N ALA A 93 -6.18 -10.89 -10.12
CA ALA A 93 -5.08 -10.54 -10.99
C ALA A 93 -4.35 -9.33 -10.42
N ALA A 94 -3.19 -9.60 -9.84
CA ALA A 94 -2.38 -8.53 -9.26
C ALA A 94 -2.29 -7.37 -10.24
N GLY A 95 -1.82 -6.25 -9.73
CA GLY A 95 -1.67 -5.05 -10.54
C GLY A 95 -0.22 -4.58 -10.58
N THR A 96 -0.05 -3.27 -10.48
CA THR A 96 1.28 -2.68 -10.49
C THR A 96 1.31 -1.38 -9.69
N ILE A 97 2.52 -0.97 -9.34
CA ILE A 97 2.69 0.25 -8.58
C ILE A 97 3.54 1.24 -9.38
N ARG A 98 3.00 2.43 -9.56
CA ARG A 98 3.69 3.47 -10.30
C ARG A 98 4.14 4.59 -9.36
N THR A 99 5.45 4.84 -9.36
CA THR A 99 6.01 5.88 -8.52
C THR A 99 5.72 7.27 -9.11
N GLY A 100 5.62 8.24 -8.22
CA GLY A 100 5.35 9.61 -8.64
C GLY A 100 3.93 10.02 -8.26
N ALA A 101 3.80 11.28 -7.84
CA ALA A 101 2.51 11.81 -7.45
C ALA A 101 1.54 11.73 -8.63
N PRO A 102 0.48 10.90 -8.46
CA PRO A 102 -0.51 10.73 -9.50
C PRO A 102 -1.44 11.95 -9.60
N SER A 103 -2.14 12.04 -10.71
CA SER A 103 -3.05 13.15 -10.94
C SER A 103 -4.40 12.63 -11.42
N GLY A 104 -5.13 12.03 -10.49
CA GLY A 104 -6.44 11.48 -10.81
C GLY A 104 -6.43 10.79 -12.17
N GLY A 1 13.85 9.15 15.48
CA GLY A 1 12.50 8.98 15.99
C GLY A 1 11.64 10.22 15.68
N GLY A 2 10.34 10.07 15.95
CA GLY A 2 9.42 11.16 15.71
C GLY A 2 9.37 11.54 14.23
N THR A 3 8.20 11.37 13.64
CA THR A 3 8.01 11.69 12.23
C THR A 3 8.77 10.69 11.36
N THR A 4 10.08 10.70 11.52
CA THR A 4 10.93 9.79 10.75
C THR A 4 10.51 9.79 9.28
N ASN A 5 11.11 8.88 8.53
CA ASN A 5 10.82 8.76 7.11
C ASN A 5 9.42 8.17 6.94
N LYS A 6 8.77 8.57 5.86
CA LYS A 6 7.43 8.09 5.57
C LYS A 6 7.28 7.88 4.06
N VAL A 7 6.48 6.88 3.71
CA VAL A 7 6.25 6.57 2.31
C VAL A 7 4.78 6.83 1.97
N THR A 8 4.58 7.49 0.84
CA THR A 8 3.23 7.80 0.39
C THR A 8 2.78 6.81 -0.69
N VAL A 9 1.61 6.25 -0.47
CA VAL A 9 1.05 5.29 -1.41
C VAL A 9 -0.36 5.72 -1.81
N TYR A 10 -0.58 5.77 -3.12
CA TYR A 10 -1.87 6.16 -3.65
C TYR A 10 -2.52 5.03 -4.43
N TYR A 11 -3.68 4.60 -3.95
CA TYR A 11 -4.42 3.52 -4.59
C TYR A 11 -5.77 4.01 -5.10
N LYS A 12 -6.12 3.55 -6.30
CA LYS A 12 -7.39 3.93 -6.90
C LYS A 12 -8.44 2.87 -6.57
N LYS A 13 -9.44 3.30 -5.81
CA LYS A 13 -10.51 2.41 -5.41
C LYS A 13 -11.56 2.36 -6.52
N GLY A 14 -12.11 1.17 -6.72
CA GLY A 14 -11.72 0.02 -5.92
C GLY A 14 -12.92 -0.89 -5.65
N PHE A 15 -13.08 -1.24 -4.38
CA PHE A 15 -14.18 -2.10 -3.98
C PHE A 15 -15.17 -1.34 -3.11
N ASN A 16 -15.34 -1.82 -1.88
CA ASN A 16 -16.26 -1.20 -0.95
C ASN A 16 -15.48 -0.67 0.26
N SER A 17 -14.69 -1.57 0.84
CA SER A 17 -13.89 -1.20 2.00
C SER A 17 -12.78 -2.22 2.21
N PRO A 18 -11.88 -2.31 1.19
CA PRO A 18 -10.77 -3.25 1.25
C PRO A 18 -9.68 -2.75 2.21
N TYR A 19 -8.87 -3.69 2.67
CA TYR A 19 -7.79 -3.36 3.59
C TYR A 19 -6.42 -3.53 2.92
N ILE A 20 -5.43 -2.91 3.55
CA ILE A 20 -4.07 -2.99 3.02
C ILE A 20 -3.15 -3.56 4.09
N HIS A 21 -2.24 -4.42 3.65
CA HIS A 21 -1.29 -5.05 4.56
C HIS A 21 0.12 -4.84 4.04
N TYR A 22 0.90 -4.08 4.80
CA TYR A 22 2.27 -3.79 4.43
C TYR A 22 3.25 -4.43 5.42
N ARG A 23 4.50 -4.50 5.01
CA ARG A 23 5.54 -5.07 5.85
C ARG A 23 6.89 -4.40 5.57
N PRO A 24 7.63 -4.11 6.66
CA PRO A 24 8.93 -3.47 6.54
C PRO A 24 9.99 -4.48 6.05
N ALA A 25 11.06 -3.92 5.51
CA ALA A 25 12.14 -4.76 5.00
C ALA A 25 12.26 -6.02 5.84
N GLY A 26 12.71 -5.84 7.08
CA GLY A 26 12.86 -6.95 8.00
C GLY A 26 12.31 -6.61 9.38
N GLY A 27 11.00 -6.78 9.52
CA GLY A 27 10.33 -6.49 10.77
C GLY A 27 9.23 -7.51 11.06
N SER A 28 8.03 -7.18 10.60
CA SER A 28 6.89 -8.06 10.79
C SER A 28 5.78 -7.70 9.80
N TRP A 29 4.66 -8.40 9.92
CA TRP A 29 3.53 -8.16 9.05
C TRP A 29 2.44 -7.47 9.88
N THR A 30 2.20 -6.21 9.54
CA THR A 30 1.19 -5.43 10.23
C THR A 30 0.03 -6.32 10.68
N ALA A 31 -0.50 -6.00 11.84
CA ALA A 31 -1.61 -6.76 12.39
C ALA A 31 -2.75 -6.80 11.37
N ALA A 32 -2.92 -7.97 10.77
CA ALA A 32 -3.97 -8.15 9.77
C ALA A 32 -5.33 -8.00 10.44
N PRO A 33 -6.21 -7.17 9.80
CA PRO A 33 -5.83 -6.51 8.56
C PRO A 33 -4.88 -5.34 8.84
N GLY A 34 -3.90 -5.20 7.94
CA GLY A 34 -2.93 -4.13 8.07
C GLY A 34 -3.59 -2.82 8.52
N VAL A 35 -3.85 -1.97 7.55
CA VAL A 35 -4.48 -0.69 7.82
C VAL A 35 -5.59 -0.44 6.79
N LYS A 36 -6.53 0.40 7.19
CA LYS A 36 -7.65 0.74 6.30
C LYS A 36 -7.30 1.99 5.51
N MET A 37 -7.08 1.79 4.21
CA MET A 37 -6.74 2.90 3.34
C MET A 37 -7.51 4.16 3.71
N GLN A 38 -6.96 5.29 3.31
CA GLN A 38 -7.59 6.57 3.60
C GLN A 38 -7.81 7.36 2.31
N ASP A 39 -9.05 7.72 2.08
CA ASP A 39 -9.42 8.48 0.90
C ASP A 39 -8.50 9.70 0.77
N ALA A 40 -7.96 9.87 -0.43
CA ALA A 40 -7.06 11.00 -0.68
C ALA A 40 -7.85 12.30 -0.60
N GLU A 41 -7.45 13.25 -1.44
CA GLU A 41 -8.10 14.54 -1.46
C GLU A 41 -8.70 14.81 -2.85
N ILE A 42 -8.67 13.77 -3.68
CA ILE A 42 -9.19 13.88 -5.03
C ILE A 42 -10.70 13.60 -5.01
N SER A 43 -11.03 12.36 -5.32
CA SER A 43 -12.42 11.94 -5.34
C SER A 43 -12.53 10.47 -5.77
N GLY A 44 -12.56 9.60 -4.76
CA GLY A 44 -12.65 8.17 -5.02
C GLY A 44 -11.27 7.52 -4.99
N TYR A 45 -10.28 8.29 -4.56
CA TYR A 45 -8.92 7.80 -4.48
C TYR A 45 -8.54 7.48 -3.04
N ALA A 46 -7.52 6.65 -2.90
CA ALA A 46 -7.04 6.25 -1.59
C ALA A 46 -5.59 6.69 -1.42
N LYS A 47 -5.22 6.93 -0.17
CA LYS A 47 -3.87 7.37 0.14
C LYS A 47 -3.54 6.98 1.58
N ILE A 48 -2.32 6.48 1.76
CA ILE A 48 -1.87 6.06 3.08
C ILE A 48 -0.36 6.33 3.20
N THR A 49 0.06 6.54 4.43
CA THR A 49 1.47 6.81 4.69
C THR A 49 2.04 5.78 5.67
N VAL A 50 3.28 5.40 5.43
CA VAL A 50 3.95 4.42 6.27
C VAL A 50 5.33 4.96 6.67
N ASP A 51 5.54 5.02 7.98
CA ASP A 51 6.80 5.51 8.52
C ASP A 51 7.82 4.37 8.51
N ILE A 52 9.08 4.76 8.35
CA ILE A 52 10.16 3.80 8.33
C ILE A 52 11.45 4.48 8.76
N GLY A 53 11.42 5.05 9.95
CA GLY A 53 12.58 5.73 10.50
C GLY A 53 13.81 4.81 10.52
N SER A 54 13.53 3.52 10.39
CA SER A 54 14.59 2.53 10.40
C SER A 54 14.34 1.48 9.32
N ALA A 55 14.05 1.98 8.11
CA ALA A 55 13.79 1.10 6.99
C ALA A 55 13.90 1.89 5.69
N SER A 56 14.45 1.24 4.68
CA SER A 56 14.62 1.88 3.38
C SER A 56 13.73 1.18 2.34
N GLN A 57 13.07 0.13 2.78
CA GLN A 57 12.19 -0.62 1.91
C GLN A 57 11.01 -1.18 2.70
N LEU A 58 9.84 -1.10 2.09
CA LEU A 58 8.62 -1.59 2.73
C LEU A 58 7.67 -2.14 1.65
N GLU A 59 7.26 -3.39 1.85
CA GLU A 59 6.36 -4.02 0.91
C GLU A 59 4.90 -3.78 1.32
N ALA A 60 4.06 -3.61 0.31
CA ALA A 60 2.64 -3.37 0.56
C ALA A 60 1.82 -4.38 -0.25
N ALA A 61 0.83 -4.95 0.42
CA ALA A 61 -0.04 -5.92 -0.22
C ALA A 61 -1.49 -5.42 -0.16
N PHE A 62 -2.31 -5.99 -1.03
CA PHE A 62 -3.72 -5.62 -1.09
C PHE A 62 -4.62 -6.79 -0.71
N ASN A 63 -5.52 -6.53 0.21
CA ASN A 63 -6.45 -7.56 0.67
C ASN A 63 -7.84 -6.94 0.86
N ASP A 64 -8.84 -7.67 0.40
CA ASP A 64 -10.22 -7.22 0.51
C ASP A 64 -10.62 -7.18 1.99
N GLY A 65 -10.04 -8.10 2.75
CA GLY A 65 -10.33 -8.18 4.17
C GLY A 65 -9.50 -9.28 4.83
N ASN A 66 -9.37 -10.39 4.13
CA ASN A 66 -8.60 -11.52 4.64
C ASN A 66 -9.06 -12.80 3.93
N ASN A 67 -8.54 -12.98 2.73
CA ASN A 67 -8.87 -14.16 1.93
C ASN A 67 -8.40 -13.95 0.50
N ASN A 68 -8.57 -12.72 0.02
CA ASN A 68 -8.17 -12.38 -1.34
C ASN A 68 -7.02 -11.37 -1.27
N TRP A 69 -5.83 -11.86 -1.59
CA TRP A 69 -4.65 -11.00 -1.57
C TRP A 69 -4.18 -10.83 -3.02
N ASP A 70 -4.08 -9.58 -3.44
CA ASP A 70 -3.64 -9.27 -4.78
C ASP A 70 -2.18 -8.81 -4.74
N SER A 71 -1.34 -9.65 -4.18
CA SER A 71 0.08 -9.34 -4.07
C SER A 71 0.83 -9.94 -5.25
N ASN A 72 1.02 -11.25 -5.19
CA ASN A 72 1.72 -11.96 -6.25
C ASN A 72 2.03 -13.37 -5.78
N ASN A 73 1.08 -13.97 -5.09
CA ASN A 73 1.23 -15.32 -4.58
C ASN A 73 2.14 -15.30 -3.35
N THR A 74 3.31 -14.71 -3.52
CA THR A 74 4.28 -14.60 -2.44
C THR A 74 5.55 -13.92 -2.92
N LYS A 75 5.67 -12.64 -2.60
CA LYS A 75 6.83 -11.87 -2.99
C LYS A 75 6.49 -10.38 -2.91
N ASN A 76 5.22 -10.09 -3.07
CA ASN A 76 4.76 -8.71 -3.01
C ASN A 76 5.78 -7.80 -3.71
N TYR A 77 5.75 -6.53 -3.34
CA TYR A 77 6.67 -5.56 -3.92
C TYR A 77 7.40 -4.78 -2.83
N LEU A 78 8.46 -4.12 -3.24
CA LEU A 78 9.26 -3.33 -2.30
C LEU A 78 9.22 -1.86 -2.73
N PHE A 79 8.88 -1.01 -1.78
CA PHE A 79 8.82 0.42 -2.03
C PHE A 79 9.53 1.22 -0.94
N SER A 80 10.14 2.32 -1.35
CA SER A 80 10.85 3.17 -0.42
C SER A 80 10.11 4.51 -0.27
N THR A 81 10.50 5.23 0.77
CA THR A 81 9.89 6.53 1.04
C THR A 81 9.68 7.31 -0.26
N GLY A 82 8.84 8.32 -0.18
CA GLY A 82 8.55 9.15 -1.34
C GLY A 82 7.07 9.06 -1.71
N THR A 83 6.82 8.94 -3.01
CA THR A 83 5.46 8.84 -3.50
C THR A 83 5.32 7.65 -4.45
N SER A 84 4.23 6.92 -4.27
CA SER A 84 3.96 5.75 -5.08
C SER A 84 2.47 5.65 -5.37
N THR A 85 2.15 4.94 -6.44
CA THR A 85 0.77 4.75 -6.84
C THR A 85 0.49 3.29 -7.19
N TYR A 86 -0.36 2.67 -6.38
CA TYR A 86 -0.70 1.27 -6.59
C TYR A 86 -2.02 1.14 -7.36
N THR A 87 -1.92 0.55 -8.54
CA THR A 87 -3.09 0.36 -9.39
C THR A 87 -3.33 -1.13 -9.63
N PRO A 88 -4.09 -1.75 -8.69
CA PRO A 88 -4.40 -3.17 -8.80
C PRO A 88 -5.47 -3.41 -9.87
N GLY A 89 -5.53 -4.66 -10.32
CA GLY A 89 -6.49 -5.04 -11.34
C GLY A 89 -7.89 -5.16 -10.74
N SER A 90 -8.71 -5.96 -11.41
CA SER A 90 -10.09 -6.17 -10.96
C SER A 90 -10.44 -7.65 -11.05
N ASN A 91 -9.53 -8.48 -10.58
CA ASN A 91 -9.73 -9.92 -10.60
C ASN A 91 -8.47 -10.62 -10.08
N GLY A 92 -8.17 -10.36 -8.81
CA GLY A 92 -6.99 -10.95 -8.20
C GLY A 92 -5.83 -11.04 -9.18
N ALA A 93 -5.57 -9.91 -9.84
CA ALA A 93 -4.49 -9.84 -10.80
C ALA A 93 -3.52 -8.73 -10.40
N ALA A 94 -2.38 -9.14 -9.87
CA ALA A 94 -1.37 -8.19 -9.44
C ALA A 94 -1.18 -7.14 -10.52
N GLY A 95 -1.46 -5.90 -10.15
CA GLY A 95 -1.32 -4.78 -11.07
C GLY A 95 0.12 -4.28 -11.12
N THR A 96 0.26 -2.97 -10.94
CA THR A 96 1.58 -2.35 -10.95
C THR A 96 1.58 -1.09 -10.09
N ILE A 97 2.77 -0.70 -9.67
CA ILE A 97 2.93 0.48 -8.84
C ILE A 97 3.78 1.51 -9.58
N ARG A 98 3.23 2.71 -9.70
CA ARG A 98 3.93 3.79 -10.38
C ARG A 98 4.39 4.84 -9.38
N THR A 99 5.69 5.09 -9.37
CA THR A 99 6.27 6.07 -8.47
C THR A 99 5.98 7.48 -8.96
N GLY A 100 5.83 8.39 -8.01
CA GLY A 100 5.56 9.78 -8.34
C GLY A 100 4.13 10.17 -7.93
N ALA A 101 4.00 11.39 -7.44
CA ALA A 101 2.70 11.89 -7.01
C ALA A 101 1.74 11.87 -8.19
N PRO A 102 0.61 11.14 -8.00
CA PRO A 102 -0.39 11.01 -9.04
C PRO A 102 -1.21 12.30 -9.15
N SER A 103 -1.83 12.48 -10.31
CA SER A 103 -2.64 13.66 -10.56
C SER A 103 -3.76 13.33 -11.55
N GLY A 104 -4.75 12.59 -11.06
CA GLY A 104 -5.88 12.20 -11.88
C GLY A 104 -5.41 11.75 -13.27
N GLY A 1 6.14 12.22 11.94
CA GLY A 1 5.78 12.56 13.30
C GLY A 1 6.18 11.43 14.27
N GLY A 2 5.69 10.24 13.96
CA GLY A 2 5.99 9.08 14.79
C GLY A 2 7.49 8.81 14.83
N THR A 3 8.02 8.42 13.68
CA THR A 3 9.44 8.12 13.57
C THR A 3 10.16 9.22 12.79
N THR A 4 10.16 9.07 11.47
CA THR A 4 10.81 10.04 10.61
C THR A 4 10.42 9.79 9.15
N ASN A 5 11.05 8.77 8.57
CA ASN A 5 10.78 8.43 7.19
C ASN A 5 9.35 7.90 7.06
N LYS A 6 8.72 8.22 5.93
CA LYS A 6 7.36 7.79 5.68
C LYS A 6 7.21 7.42 4.21
N VAL A 7 6.37 6.43 3.96
CA VAL A 7 6.12 5.97 2.61
C VAL A 7 4.67 6.24 2.23
N THR A 8 4.50 7.02 1.17
CA THR A 8 3.17 7.37 0.71
C THR A 8 2.80 6.54 -0.53
N VAL A 9 1.69 5.84 -0.42
CA VAL A 9 1.21 5.00 -1.51
C VAL A 9 -0.22 5.41 -1.87
N TYR A 10 -0.47 5.46 -3.17
CA TYR A 10 -1.79 5.82 -3.67
C TYR A 10 -2.43 4.66 -4.44
N TYR A 11 -3.59 4.25 -3.97
CA TYR A 11 -4.31 3.15 -4.60
C TYR A 11 -5.67 3.62 -5.12
N LYS A 12 -6.03 3.13 -6.30
CA LYS A 12 -7.29 3.49 -6.90
C LYS A 12 -8.37 2.52 -6.43
N LYS A 13 -9.32 3.06 -5.69
CA LYS A 13 -10.42 2.24 -5.17
C LYS A 13 -11.53 2.15 -6.23
N GLY A 14 -12.12 0.98 -6.30
CA GLY A 14 -11.74 -0.12 -5.42
C GLY A 14 -12.95 -0.99 -5.08
N PHE A 15 -13.10 -1.25 -3.78
CA PHE A 15 -14.20 -2.07 -3.30
C PHE A 15 -15.09 -1.27 -2.35
N ASN A 16 -15.33 -1.87 -1.18
CA ASN A 16 -16.16 -1.23 -0.18
C ASN A 16 -15.31 -0.90 1.05
N SER A 17 -14.73 -1.94 1.62
CA SER A 17 -13.89 -1.78 2.80
C SER A 17 -12.63 -2.64 2.67
N PRO A 18 -11.83 -2.32 1.62
CA PRO A 18 -10.60 -3.06 1.37
C PRO A 18 -9.51 -2.66 2.37
N TYR A 19 -8.70 -3.65 2.74
CA TYR A 19 -7.63 -3.41 3.69
C TYR A 19 -6.27 -3.72 3.06
N ILE A 20 -5.27 -2.95 3.48
CA ILE A 20 -3.92 -3.14 2.97
C ILE A 20 -2.99 -3.55 4.11
N HIS A 21 -2.06 -4.43 3.78
CA HIS A 21 -1.11 -4.92 4.76
C HIS A 21 0.32 -4.75 4.23
N TYR A 22 1.10 -3.95 4.94
CA TYR A 22 2.47 -3.70 4.56
C TYR A 22 3.42 -3.90 5.74
N ARG A 23 4.69 -4.09 5.41
CA ARG A 23 5.71 -4.28 6.43
C ARG A 23 6.98 -3.51 6.07
N PRO A 24 7.75 -3.15 7.14
CA PRO A 24 8.98 -2.41 6.95
C PRO A 24 10.09 -3.33 6.41
N ALA A 25 11.04 -2.71 5.71
CA ALA A 25 12.15 -3.45 5.14
C ALA A 25 12.41 -4.69 5.98
N GLY A 26 12.99 -4.47 7.14
CA GLY A 26 13.31 -5.57 8.05
C GLY A 26 12.80 -5.26 9.47
N GLY A 27 11.53 -5.58 9.68
CA GLY A 27 10.92 -5.34 10.97
C GLY A 27 9.95 -6.49 11.33
N SER A 28 8.69 -6.28 10.95
CA SER A 28 7.66 -7.27 11.22
C SER A 28 6.43 -6.98 10.38
N TRP A 29 5.42 -7.84 10.54
CA TRP A 29 4.18 -7.68 9.80
C TRP A 29 3.11 -7.17 10.77
N THR A 30 2.66 -5.96 10.51
CA THR A 30 1.64 -5.35 11.35
C THR A 30 0.50 -6.34 11.61
N ALA A 31 -0.42 -5.93 12.48
CA ALA A 31 -1.55 -6.75 12.82
C ALA A 31 -2.52 -6.82 11.63
N ALA A 32 -2.54 -7.97 10.99
CA ALA A 32 -3.41 -8.17 9.84
C ALA A 32 -4.87 -8.15 10.30
N PRO A 33 -5.71 -7.40 9.52
CA PRO A 33 -5.22 -6.69 8.36
C PRO A 33 -4.42 -5.45 8.77
N GLY A 34 -3.44 -5.11 7.95
CA GLY A 34 -2.60 -3.95 8.22
C GLY A 34 -3.45 -2.77 8.66
N VAL A 35 -3.70 -1.86 7.73
CA VAL A 35 -4.49 -0.68 8.01
C VAL A 35 -5.49 -0.46 6.87
N LYS A 36 -6.54 0.28 7.19
CA LYS A 36 -7.57 0.58 6.21
C LYS A 36 -7.18 1.82 5.42
N MET A 37 -6.96 1.62 4.13
CA MET A 37 -6.58 2.71 3.26
C MET A 37 -7.23 4.02 3.70
N GLN A 38 -6.53 5.11 3.43
CA GLN A 38 -7.03 6.44 3.79
C GLN A 38 -7.22 7.29 2.54
N ASP A 39 -8.48 7.54 2.22
CA ASP A 39 -8.82 8.35 1.05
C ASP A 39 -7.79 9.46 0.91
N ALA A 40 -7.48 9.78 -0.34
CA ALA A 40 -6.52 10.84 -0.64
C ALA A 40 -7.23 12.19 -0.65
N GLU A 41 -6.70 13.10 -1.45
CA GLU A 41 -7.28 14.42 -1.56
C GLU A 41 -7.70 14.69 -3.01
N ILE A 42 -7.68 13.63 -3.81
CA ILE A 42 -8.06 13.75 -5.21
C ILE A 42 -9.58 13.67 -5.33
N SER A 43 -10.07 12.44 -5.45
CA SER A 43 -11.50 12.22 -5.57
C SER A 43 -11.78 10.76 -5.92
N GLY A 44 -12.02 9.97 -4.87
CA GLY A 44 -12.30 8.55 -5.06
C GLY A 44 -11.00 7.73 -5.02
N TYR A 45 -9.93 8.41 -4.62
CA TYR A 45 -8.63 7.75 -4.54
C TYR A 45 -8.27 7.45 -3.08
N ALA A 46 -7.36 6.49 -2.92
CA ALA A 46 -6.92 6.10 -1.59
C ALA A 46 -5.43 6.42 -1.44
N LYS A 47 -5.03 6.67 -0.20
CA LYS A 47 -3.64 6.99 0.09
C LYS A 47 -3.33 6.59 1.53
N ILE A 48 -2.22 5.88 1.68
CA ILE A 48 -1.81 5.43 3.00
C ILE A 48 -0.34 5.82 3.23
N THR A 49 -0.01 6.04 4.49
CA THR A 49 1.35 6.43 4.84
C THR A 49 1.88 5.52 5.95
N VAL A 50 3.13 5.11 5.78
CA VAL A 50 3.77 4.24 6.76
C VAL A 50 5.14 4.81 7.13
N ASP A 51 5.37 4.96 8.41
CA ASP A 51 6.62 5.49 8.91
C ASP A 51 7.68 4.38 8.90
N ILE A 52 8.92 4.79 8.68
CA ILE A 52 10.03 3.84 8.64
C ILE A 52 11.33 4.59 8.92
N GLY A 53 11.43 5.12 10.14
CA GLY A 53 12.62 5.85 10.54
C GLY A 53 13.82 4.92 10.66
N SER A 54 14.07 4.18 9.60
CA SER A 54 15.19 3.24 9.57
C SER A 54 14.92 2.13 8.56
N ALA A 55 14.41 2.54 7.40
CA ALA A 55 14.10 1.59 6.34
C ALA A 55 14.17 2.30 5.00
N SER A 56 14.66 1.57 4.00
CA SER A 56 14.79 2.12 2.66
C SER A 56 13.85 1.38 1.71
N GLN A 57 13.09 0.45 2.27
CA GLN A 57 12.14 -0.33 1.48
C GLN A 57 10.98 -0.80 2.37
N LEU A 58 9.78 -0.71 1.80
CA LEU A 58 8.59 -1.13 2.52
C LEU A 58 7.71 -1.95 1.59
N GLU A 59 7.22 -3.06 2.11
CA GLU A 59 6.37 -3.95 1.35
C GLU A 59 4.90 -3.71 1.71
N ALA A 60 4.04 -3.84 0.71
CA ALA A 60 2.62 -3.65 0.92
C ALA A 60 1.85 -4.65 0.07
N ALA A 61 0.73 -5.11 0.62
CA ALA A 61 -0.11 -6.07 -0.06
C ALA A 61 -1.57 -5.61 -0.02
N PHE A 62 -2.37 -6.19 -0.89
CA PHE A 62 -3.78 -5.85 -0.96
C PHE A 62 -4.66 -7.05 -0.59
N ASN A 63 -5.56 -6.83 0.35
CA ASN A 63 -6.46 -7.88 0.80
C ASN A 63 -7.82 -7.27 1.12
N ASP A 64 -8.86 -7.94 0.67
CA ASP A 64 -10.22 -7.47 0.91
C ASP A 64 -10.47 -7.41 2.41
N GLY A 65 -10.23 -8.52 3.08
CA GLY A 65 -10.42 -8.61 4.52
C GLY A 65 -10.11 -10.01 5.03
N ASN A 66 -9.05 -10.59 4.48
CA ASN A 66 -8.63 -11.92 4.88
C ASN A 66 -9.50 -12.95 4.16
N ASN A 67 -9.13 -13.23 2.92
CA ASN A 67 -9.87 -14.20 2.12
C ASN A 67 -9.53 -13.99 0.65
N ASN A 68 -9.19 -12.75 0.31
CA ASN A 68 -8.84 -12.41 -1.05
C ASN A 68 -7.65 -11.44 -1.05
N TRP A 69 -6.51 -11.96 -1.48
CA TRP A 69 -5.30 -11.16 -1.53
C TRP A 69 -4.87 -11.05 -2.99
N ASP A 70 -4.51 -9.84 -3.38
CA ASP A 70 -4.08 -9.59 -4.74
C ASP A 70 -2.58 -9.29 -4.75
N SER A 71 -1.92 -9.70 -3.67
CA SER A 71 -0.49 -9.49 -3.55
C SER A 71 0.27 -10.45 -4.46
N ASN A 72 -0.05 -10.36 -5.75
CA ASN A 72 0.60 -11.21 -6.73
C ASN A 72 0.62 -12.66 -6.22
N ASN A 73 -0.37 -12.96 -5.40
CA ASN A 73 -0.47 -14.31 -4.84
C ASN A 73 0.48 -14.42 -3.63
N THR A 74 1.74 -14.07 -3.87
CA THR A 74 2.74 -14.13 -2.83
C THR A 74 4.07 -13.54 -3.34
N LYS A 75 3.97 -12.35 -3.90
CA LYS A 75 5.15 -11.67 -4.42
C LYS A 75 4.93 -10.16 -4.34
N ASN A 76 4.69 -9.69 -3.12
CA ASN A 76 4.47 -8.27 -2.91
C ASN A 76 5.61 -7.47 -3.53
N TYR A 77 5.56 -6.17 -3.32
CA TYR A 77 6.59 -5.28 -3.86
C TYR A 77 7.13 -4.35 -2.78
N LEU A 78 8.41 -4.02 -2.91
CA LEU A 78 9.06 -3.13 -1.95
C LEU A 78 9.20 -1.74 -2.56
N PHE A 79 8.77 -0.75 -1.79
CA PHE A 79 8.84 0.63 -2.25
C PHE A 79 9.52 1.51 -1.20
N SER A 80 10.41 2.37 -1.68
CA SER A 80 11.13 3.27 -0.81
C SER A 80 10.27 4.50 -0.49
N THR A 81 10.71 5.26 0.50
CA THR A 81 10.00 6.45 0.91
C THR A 81 9.73 7.35 -0.31
N GLY A 82 8.84 8.31 -0.10
CA GLY A 82 8.48 9.24 -1.16
C GLY A 82 7.03 9.04 -1.59
N THR A 83 6.81 9.17 -2.90
CA THR A 83 5.48 8.99 -3.46
C THR A 83 5.43 7.76 -4.36
N SER A 84 4.40 6.95 -4.13
CA SER A 84 4.22 5.73 -4.90
C SER A 84 2.74 5.50 -5.19
N THR A 85 2.48 4.74 -6.24
CA THR A 85 1.11 4.44 -6.62
C THR A 85 0.96 2.94 -6.92
N TYR A 86 -0.13 2.39 -6.41
CA TYR A 86 -0.40 0.97 -6.61
C TYR A 86 -1.74 0.77 -7.31
N THR A 87 -1.65 0.25 -8.53
CA THR A 87 -2.84 0.00 -9.33
C THR A 87 -2.99 -1.50 -9.62
N PRO A 88 -4.01 -2.11 -8.97
CA PRO A 88 -4.27 -3.53 -9.15
C PRO A 88 -4.92 -3.80 -10.51
N GLY A 89 -4.96 -5.07 -10.87
CA GLY A 89 -5.55 -5.47 -12.14
C GLY A 89 -7.07 -5.62 -12.01
N SER A 90 -7.63 -6.42 -12.91
CA SER A 90 -9.05 -6.65 -12.92
C SER A 90 -9.44 -7.58 -11.75
N ASN A 91 -8.86 -8.77 -11.77
CA ASN A 91 -9.12 -9.75 -10.74
C ASN A 91 -8.07 -10.86 -10.81
N GLY A 92 -7.49 -11.16 -9.65
CA GLY A 92 -6.47 -12.19 -9.58
C GLY A 92 -5.37 -11.96 -10.61
N ALA A 93 -5.29 -10.72 -11.08
CA ALA A 93 -4.29 -10.35 -12.06
C ALA A 93 -3.43 -9.21 -11.52
N ALA A 94 -2.22 -9.56 -11.12
CA ALA A 94 -1.29 -8.57 -10.58
C ALA A 94 -1.39 -7.30 -11.41
N GLY A 95 -1.16 -6.17 -10.74
CA GLY A 95 -1.20 -4.88 -11.40
C GLY A 95 0.20 -4.30 -11.58
N THR A 96 0.32 -3.02 -11.30
CA THR A 96 1.60 -2.33 -11.42
C THR A 96 1.69 -1.18 -10.44
N ILE A 97 2.91 -0.71 -10.23
CA ILE A 97 3.14 0.40 -9.31
C ILE A 97 3.76 1.57 -10.08
N ARG A 98 3.25 2.76 -9.79
CA ARG A 98 3.74 3.96 -10.44
C ARG A 98 4.21 4.98 -9.39
N THR A 99 5.48 5.34 -9.51
CA THR A 99 6.05 6.31 -8.58
C THR A 99 5.61 7.73 -8.93
N GLY A 100 5.53 8.57 -7.91
CA GLY A 100 5.12 9.94 -8.09
C GLY A 100 3.65 10.13 -7.72
N ALA A 101 3.35 11.29 -7.13
CA ALA A 101 2.01 11.60 -6.72
C ALA A 101 1.08 11.55 -7.94
N PRO A 102 0.10 10.60 -7.88
CA PRO A 102 -0.84 10.44 -8.97
C PRO A 102 -1.89 11.57 -8.97
N SER A 103 -2.68 11.60 -10.03
CA SER A 103 -3.71 12.61 -10.15
C SER A 103 -3.12 14.00 -9.92
N GLY A 104 -1.80 14.08 -10.09
CA GLY A 104 -1.10 15.34 -9.91
C GLY A 104 0.24 15.32 -10.64
N GLY A 1 19.15 8.00 12.12
CA GLY A 1 19.66 8.44 13.41
C GLY A 1 18.52 8.87 14.33
N GLY A 2 18.09 10.11 14.15
CA GLY A 2 17.01 10.66 14.95
C GLY A 2 15.94 11.32 14.07
N THR A 3 15.31 10.49 13.26
CA THR A 3 14.27 10.97 12.36
C THR A 3 13.44 9.81 11.83
N THR A 4 12.23 10.13 11.41
CA THR A 4 11.32 9.12 10.88
C THR A 4 10.77 9.56 9.52
N ASN A 5 10.58 8.58 8.66
CA ASN A 5 10.06 8.84 7.33
C ASN A 5 8.65 8.27 7.21
N LYS A 6 8.05 8.49 6.04
CA LYS A 6 6.70 8.02 5.80
C LYS A 6 6.57 7.62 4.32
N VAL A 7 5.77 6.58 4.10
CA VAL A 7 5.56 6.09 2.75
C VAL A 7 4.09 6.29 2.36
N THR A 8 3.88 7.17 1.40
CA THR A 8 2.53 7.46 0.92
C THR A 8 2.25 6.72 -0.37
N VAL A 9 1.19 5.93 -0.35
CA VAL A 9 0.80 5.17 -1.52
C VAL A 9 -0.66 5.46 -1.86
N TYR A 10 -0.89 5.81 -3.11
CA TYR A 10 -2.24 6.12 -3.58
C TYR A 10 -2.82 4.96 -4.37
N TYR A 11 -4.04 4.57 -4.01
CA TYR A 11 -4.72 3.49 -4.69
C TYR A 11 -6.01 3.97 -5.34
N LYS A 12 -6.25 3.46 -6.55
CA LYS A 12 -7.45 3.83 -7.28
C LYS A 12 -8.58 2.85 -6.95
N LYS A 13 -9.69 3.40 -6.49
CA LYS A 13 -10.84 2.59 -6.13
C LYS A 13 -11.61 2.23 -7.40
N GLY A 14 -12.05 0.98 -7.46
CA GLY A 14 -11.79 0.05 -6.36
C GLY A 14 -12.86 -1.04 -6.31
N PHE A 15 -13.42 -1.21 -5.13
CA PHE A 15 -14.47 -2.21 -4.93
C PHE A 15 -15.48 -1.75 -3.89
N ASN A 16 -15.19 -2.05 -2.64
CA ASN A 16 -16.07 -1.67 -1.55
C ASN A 16 -15.23 -1.25 -0.34
N SER A 17 -14.01 -0.83 -0.63
CA SER A 17 -13.10 -0.40 0.41
C SER A 17 -12.33 -1.60 0.98
N PRO A 18 -11.37 -2.11 0.16
CA PRO A 18 -10.57 -3.25 0.55
C PRO A 18 -9.51 -2.84 1.58
N TYR A 19 -9.05 -3.84 2.34
CA TYR A 19 -8.05 -3.59 3.36
C TYR A 19 -6.64 -3.88 2.82
N ILE A 20 -5.70 -3.07 3.29
CA ILE A 20 -4.32 -3.23 2.86
C ILE A 20 -3.46 -3.60 4.07
N HIS A 21 -2.48 -4.46 3.82
CA HIS A 21 -1.58 -4.89 4.87
C HIS A 21 -0.13 -4.73 4.41
N TYR A 22 0.59 -3.88 5.12
CA TYR A 22 1.99 -3.64 4.80
C TYR A 22 2.87 -3.78 6.04
N ARG A 23 4.16 -3.95 5.79
CA ARG A 23 5.12 -4.10 6.87
C ARG A 23 6.42 -3.39 6.52
N PRO A 24 7.15 -2.97 7.59
CA PRO A 24 8.41 -2.28 7.41
C PRO A 24 9.52 -3.25 7.01
N ALA A 25 10.30 -2.84 6.03
CA ALA A 25 11.40 -3.67 5.54
C ALA A 25 11.43 -4.97 6.33
N GLY A 26 10.57 -5.90 5.94
CA GLY A 26 10.50 -7.18 6.61
C GLY A 26 10.80 -7.05 8.09
N GLY A 27 9.86 -6.44 8.81
CA GLY A 27 10.01 -6.24 10.23
C GLY A 27 8.82 -6.82 11.00
N SER A 28 7.85 -5.94 11.27
CA SER A 28 6.65 -6.35 11.99
C SER A 28 5.44 -6.24 11.07
N TRP A 29 4.57 -7.24 11.18
CA TRP A 29 3.36 -7.27 10.37
C TRP A 29 2.21 -6.72 11.22
N THR A 30 1.85 -5.47 10.94
CA THR A 30 0.77 -4.83 11.66
C THR A 30 -0.40 -5.80 11.84
N ALA A 31 -1.33 -5.38 12.70
CA ALA A 31 -2.50 -6.20 12.99
C ALA A 31 -3.30 -6.38 11.70
N ALA A 32 -3.25 -7.59 11.17
CA ALA A 32 -3.97 -7.91 9.95
C ALA A 32 -5.47 -7.94 10.24
N PRO A 33 -6.24 -7.26 9.34
CA PRO A 33 -5.64 -6.59 8.20
C PRO A 33 -4.95 -5.29 8.64
N GLY A 34 -3.85 -4.99 7.97
CA GLY A 34 -3.08 -3.79 8.27
C GLY A 34 -4.01 -2.62 8.60
N VAL A 35 -4.24 -1.79 7.60
CA VAL A 35 -5.11 -0.63 7.76
C VAL A 35 -6.01 -0.50 6.54
N LYS A 36 -7.12 0.18 6.74
CA LYS A 36 -8.08 0.39 5.66
C LYS A 36 -7.68 1.63 4.86
N MET A 37 -7.45 1.43 3.57
CA MET A 37 -7.07 2.51 2.69
C MET A 37 -7.71 3.83 3.13
N GLN A 38 -6.86 4.79 3.45
CA GLN A 38 -7.33 6.09 3.88
C GLN A 38 -7.56 7.01 2.68
N ASP A 39 -8.82 7.39 2.50
CA ASP A 39 -9.19 8.26 1.39
C ASP A 39 -8.13 9.36 1.24
N ALA A 40 -7.90 9.75 0.00
CA ALA A 40 -6.93 10.79 -0.30
C ALA A 40 -7.61 12.15 -0.23
N GLU A 41 -7.13 13.07 -1.06
CA GLU A 41 -7.67 14.41 -1.11
C GLU A 41 -8.09 14.78 -2.53
N ILE A 42 -8.03 13.77 -3.40
CA ILE A 42 -8.40 13.97 -4.79
C ILE A 42 -9.92 13.94 -4.92
N SER A 43 -10.44 12.71 -5.06
CA SER A 43 -11.88 12.53 -5.20
C SER A 43 -12.18 11.09 -5.61
N GLY A 44 -12.44 10.27 -4.60
CA GLY A 44 -12.74 8.86 -4.85
C GLY A 44 -11.47 8.02 -4.83
N TYR A 45 -10.38 8.65 -4.41
CA TYR A 45 -9.10 7.97 -4.35
C TYR A 45 -8.74 7.62 -2.90
N ALA A 46 -7.87 6.62 -2.77
CA ALA A 46 -7.44 6.18 -1.45
C ALA A 46 -5.93 6.39 -1.33
N LYS A 47 -5.49 6.52 -0.09
CA LYS A 47 -4.08 6.72 0.18
C LYS A 47 -3.75 6.22 1.59
N ILE A 48 -2.54 5.70 1.74
CA ILE A 48 -2.10 5.19 3.03
C ILE A 48 -0.68 5.68 3.31
N THR A 49 -0.41 5.89 4.59
CA THR A 49 0.90 6.36 5.01
C THR A 49 1.48 5.44 6.08
N VAL A 50 2.73 5.05 5.87
CA VAL A 50 3.41 4.17 6.81
C VAL A 50 4.78 4.77 7.15
N ASP A 51 5.03 4.86 8.45
CA ASP A 51 6.29 5.41 8.92
C ASP A 51 7.38 4.34 8.82
N ILE A 52 8.57 4.78 8.43
CA ILE A 52 9.69 3.88 8.29
C ILE A 52 10.97 4.59 8.73
N GLY A 53 10.94 5.12 9.94
CA GLY A 53 12.08 5.82 10.49
C GLY A 53 13.24 4.87 10.75
N SER A 54 13.67 4.21 9.69
CA SER A 54 14.78 3.26 9.80
C SER A 54 14.75 2.31 8.60
N ALA A 55 13.56 2.14 8.04
CA ALA A 55 13.40 1.25 6.90
C ALA A 55 13.43 2.08 5.60
N SER A 56 14.07 1.52 4.59
CA SER A 56 14.18 2.19 3.31
C SER A 56 13.20 1.56 2.32
N GLN A 57 12.52 0.52 2.77
CA GLN A 57 11.56 -0.18 1.93
C GLN A 57 10.46 -0.80 2.79
N LEU A 58 9.23 -0.68 2.31
CA LEU A 58 8.08 -1.22 3.02
C LEU A 58 7.20 -1.99 2.04
N GLU A 59 6.80 -3.18 2.46
CA GLU A 59 5.95 -4.02 1.63
C GLU A 59 4.47 -3.81 1.99
N ALA A 60 3.64 -3.84 0.96
CA ALA A 60 2.21 -3.65 1.16
C ALA A 60 1.45 -4.64 0.28
N ALA A 61 0.40 -5.20 0.85
CA ALA A 61 -0.43 -6.16 0.13
C ALA A 61 -1.87 -5.65 0.06
N PHE A 62 -2.62 -6.22 -0.87
CA PHE A 62 -4.02 -5.83 -1.04
C PHE A 62 -4.94 -7.03 -0.89
N ASN A 63 -5.95 -6.85 -0.04
CA ASN A 63 -6.91 -7.91 0.21
C ASN A 63 -8.31 -7.31 0.36
N ASP A 64 -9.29 -8.02 -0.17
CA ASP A 64 -10.67 -7.56 -0.10
C ASP A 64 -11.11 -7.48 1.36
N GLY A 65 -10.52 -8.36 2.17
CA GLY A 65 -10.83 -8.39 3.59
C GLY A 65 -10.24 -9.65 4.25
N ASN A 66 -10.28 -10.74 3.51
CA ASN A 66 -9.76 -12.00 4.01
C ASN A 66 -10.35 -13.16 3.20
N ASN A 67 -9.79 -13.37 2.02
CA ASN A 67 -10.26 -14.42 1.15
C ASN A 67 -9.55 -14.33 -0.20
N ASN A 68 -9.29 -13.09 -0.61
CA ASN A 68 -8.63 -12.84 -1.87
C ASN A 68 -7.42 -11.92 -1.64
N TRP A 69 -6.29 -12.55 -1.34
CA TRP A 69 -5.07 -11.80 -1.08
C TRP A 69 -4.25 -11.78 -2.37
N ASP A 70 -3.93 -10.57 -2.82
CA ASP A 70 -3.17 -10.41 -4.04
C ASP A 70 -1.92 -9.58 -3.73
N SER A 71 -0.87 -10.28 -3.33
CA SER A 71 0.40 -9.62 -3.01
C SER A 71 1.57 -10.47 -3.50
N ASN A 72 1.29 -11.28 -4.52
CA ASN A 72 2.30 -12.14 -5.09
C ASN A 72 2.53 -13.34 -4.17
N ASN A 73 2.19 -14.52 -4.67
CA ASN A 73 2.34 -15.74 -3.92
C ASN A 73 3.64 -15.67 -3.11
N THR A 74 4.66 -15.08 -3.73
CA THR A 74 5.95 -14.95 -3.09
C THR A 74 6.80 -13.90 -3.81
N LYS A 75 6.41 -12.64 -3.64
CA LYS A 75 7.12 -11.54 -4.28
C LYS A 75 6.26 -10.28 -4.22
N ASN A 76 6.03 -9.83 -3.00
CA ASN A 76 5.21 -8.64 -2.79
C ASN A 76 5.87 -7.45 -3.49
N TYR A 77 5.51 -6.25 -3.05
CA TYR A 77 6.06 -5.04 -3.63
C TYR A 77 6.75 -4.19 -2.57
N LEU A 78 7.98 -3.79 -2.87
CA LEU A 78 8.75 -2.98 -1.96
C LEU A 78 8.68 -1.51 -2.40
N PHE A 79 8.26 -0.67 -1.47
CA PHE A 79 8.15 0.75 -1.75
C PHE A 79 8.99 1.57 -0.77
N SER A 80 9.48 2.70 -1.26
CA SER A 80 10.31 3.57 -0.44
C SER A 80 9.55 4.88 -0.15
N THR A 81 10.12 5.67 0.75
CA THR A 81 9.51 6.93 1.13
C THR A 81 9.29 7.80 -0.11
N GLY A 82 8.41 8.79 0.05
CA GLY A 82 8.10 9.69 -1.04
C GLY A 82 6.63 9.57 -1.46
N THR A 83 6.42 9.47 -2.76
CA THR A 83 5.08 9.33 -3.30
C THR A 83 5.00 8.13 -4.25
N SER A 84 3.99 7.31 -4.02
CA SER A 84 3.78 6.13 -4.84
C SER A 84 2.29 5.92 -5.09
N THR A 85 1.99 5.19 -6.17
CA THR A 85 0.62 4.92 -6.52
C THR A 85 0.45 3.43 -6.86
N TYR A 86 -0.31 2.75 -6.02
CA TYR A 86 -0.57 1.33 -6.22
C TYR A 86 -1.90 1.10 -6.91
N THR A 87 -1.81 0.58 -8.13
CA THR A 87 -3.01 0.31 -8.92
C THR A 87 -3.11 -1.19 -9.22
N PRO A 88 -4.14 -1.83 -8.59
CA PRO A 88 -4.36 -3.26 -8.79
C PRO A 88 -4.99 -3.53 -10.16
N GLY A 89 -5.11 -4.80 -10.47
CA GLY A 89 -5.69 -5.22 -11.73
C GLY A 89 -7.10 -5.80 -11.53
N SER A 90 -7.50 -6.64 -12.48
CA SER A 90 -8.81 -7.26 -12.42
C SER A 90 -8.67 -8.78 -12.56
N ASN A 91 -9.58 -9.49 -11.91
CA ASN A 91 -9.58 -10.93 -11.97
C ASN A 91 -8.28 -11.45 -11.35
N GLY A 92 -8.12 -11.20 -10.06
CA GLY A 92 -6.94 -11.63 -9.34
C GLY A 92 -5.68 -11.50 -10.22
N ALA A 93 -5.51 -10.30 -10.76
CA ALA A 93 -4.36 -10.04 -11.61
C ALA A 93 -3.57 -8.85 -11.04
N ALA A 94 -2.45 -9.19 -10.43
CA ALA A 94 -1.59 -8.17 -9.84
C ALA A 94 -1.57 -6.95 -10.74
N GLY A 95 -1.26 -5.80 -10.14
CA GLY A 95 -1.20 -4.56 -10.87
C GLY A 95 0.23 -4.01 -10.92
N THR A 96 0.34 -2.70 -10.71
CA THR A 96 1.63 -2.05 -10.73
C THR A 96 1.62 -0.82 -9.83
N ILE A 97 2.82 -0.36 -9.49
CA ILE A 97 2.96 0.80 -8.63
C ILE A 97 3.74 1.89 -9.37
N ARG A 98 3.13 3.06 -9.46
CA ARG A 98 3.76 4.19 -10.14
C ARG A 98 4.18 5.25 -9.13
N THR A 99 5.46 5.57 -9.16
CA THR A 99 6.01 6.57 -8.26
C THR A 99 5.62 7.97 -8.72
N GLY A 100 5.48 8.86 -7.74
CA GLY A 100 5.11 10.24 -8.04
C GLY A 100 3.64 10.51 -7.67
N ALA A 101 3.40 11.69 -7.14
CA ALA A 101 2.07 12.08 -6.74
C ALA A 101 1.15 12.03 -7.96
N PRO A 102 0.08 11.19 -7.84
CA PRO A 102 -0.88 11.05 -8.92
C PRO A 102 -1.80 12.27 -9.01
N SER A 103 -2.32 12.49 -10.21
CA SER A 103 -3.22 13.61 -10.43
C SER A 103 -4.39 13.18 -11.31
N GLY A 104 -5.32 12.46 -10.70
CA GLY A 104 -6.49 11.97 -11.41
C GLY A 104 -6.13 10.79 -12.31
N GLY A 1 7.42 7.12 17.55
CA GLY A 1 7.18 8.34 16.81
C GLY A 1 6.48 8.06 15.49
N GLY A 2 5.84 9.09 14.96
CA GLY A 2 5.13 8.96 13.70
C GLY A 2 5.52 10.08 12.73
N THR A 3 6.79 10.06 12.36
CA THR A 3 7.31 11.05 11.44
C THR A 3 8.45 10.47 10.60
N THR A 4 9.66 10.93 10.87
CA THR A 4 10.82 10.46 10.15
C THR A 4 10.45 10.15 8.69
N ASN A 5 11.01 9.05 8.19
CA ASN A 5 10.76 8.63 6.83
C ASN A 5 9.41 7.91 6.77
N LYS A 6 8.67 8.20 5.70
CA LYS A 6 7.36 7.59 5.51
C LYS A 6 7.14 7.32 4.03
N VAL A 7 6.34 6.30 3.75
CA VAL A 7 6.04 5.93 2.38
C VAL A 7 4.55 6.15 2.10
N THR A 8 4.29 6.91 1.06
CA THR A 8 2.92 7.21 0.67
C THR A 8 2.53 6.44 -0.60
N VAL A 9 1.44 5.70 -0.49
CA VAL A 9 0.96 4.92 -1.61
C VAL A 9 -0.51 5.26 -1.87
N TYR A 10 -0.81 5.50 -3.14
CA TYR A 10 -2.16 5.85 -3.54
C TYR A 10 -2.87 4.63 -4.15
N TYR A 11 -4.13 4.48 -3.78
CA TYR A 11 -4.93 3.37 -4.28
C TYR A 11 -6.24 3.87 -4.89
N LYS A 12 -6.62 3.27 -6.01
CA LYS A 12 -7.84 3.64 -6.70
C LYS A 12 -9.00 2.80 -6.17
N LYS A 13 -9.92 3.48 -5.50
CA LYS A 13 -11.08 2.81 -4.93
C LYS A 13 -12.18 2.74 -5.98
N GLY A 14 -12.67 1.52 -6.20
CA GLY A 14 -12.16 0.38 -5.46
C GLY A 14 -13.14 -0.81 -5.54
N PHE A 15 -13.50 -1.31 -4.37
CA PHE A 15 -14.43 -2.43 -4.29
C PHE A 15 -15.55 -2.14 -3.29
N ASN A 16 -15.15 -1.66 -2.13
CA ASN A 16 -16.11 -1.33 -1.08
C ASN A 16 -15.37 -0.85 0.16
N SER A 17 -14.30 -1.56 0.48
CA SER A 17 -13.49 -1.23 1.64
C SER A 17 -12.33 -2.21 1.78
N PRO A 18 -11.46 -2.22 0.75
CA PRO A 18 -10.30 -3.10 0.74
C PRO A 18 -9.22 -2.60 1.70
N TYR A 19 -8.52 -3.55 2.29
CA TYR A 19 -7.45 -3.22 3.22
C TYR A 19 -6.07 -3.44 2.59
N ILE A 20 -5.07 -2.82 3.20
CA ILE A 20 -3.71 -2.94 2.71
C ILE A 20 -2.80 -3.40 3.85
N HIS A 21 -1.84 -4.25 3.49
CA HIS A 21 -0.91 -4.77 4.47
C HIS A 21 0.53 -4.62 3.94
N TYR A 22 1.30 -3.82 4.66
CA TYR A 22 2.68 -3.58 4.27
C TYR A 22 3.64 -4.01 5.37
N ARG A 23 4.88 -4.22 4.99
CA ARG A 23 5.91 -4.63 5.94
C ARG A 23 7.22 -3.88 5.67
N PRO A 24 7.81 -3.35 6.76
CA PRO A 24 9.06 -2.61 6.65
C PRO A 24 10.24 -3.57 6.44
N ALA A 25 11.31 -3.01 5.90
CA ALA A 25 12.51 -3.80 5.64
C ALA A 25 12.90 -4.57 6.91
N GLY A 26 12.44 -4.05 8.03
CA GLY A 26 12.73 -4.67 9.32
C GLY A 26 12.29 -6.14 9.33
N GLY A 27 11.41 -6.46 8.39
CA GLY A 27 10.90 -7.81 8.28
C GLY A 27 9.71 -8.03 9.22
N SER A 28 9.00 -6.93 9.49
CA SER A 28 7.85 -6.98 10.36
C SER A 28 6.56 -6.91 9.53
N TRP A 29 5.52 -7.52 10.07
CA TRP A 29 4.23 -7.53 9.40
C TRP A 29 3.19 -6.97 10.35
N THR A 30 2.88 -5.69 10.16
CA THR A 30 1.91 -5.02 10.99
C THR A 30 0.68 -5.90 11.20
N ALA A 31 -0.17 -5.48 12.12
CA ALA A 31 -1.39 -6.22 12.42
C ALA A 31 -2.22 -6.37 11.15
N ALA A 32 -2.25 -7.61 10.65
CA ALA A 32 -3.00 -7.90 9.44
C ALA A 32 -4.49 -7.99 9.78
N PRO A 33 -5.30 -7.29 8.94
CA PRO A 33 -4.76 -6.54 7.81
C PRO A 33 -4.10 -5.25 8.29
N GLY A 34 -3.02 -4.89 7.60
CA GLY A 34 -2.29 -3.69 7.94
C GLY A 34 -3.24 -2.57 8.39
N VAL A 35 -3.53 -1.67 7.47
CA VAL A 35 -4.43 -0.56 7.76
C VAL A 35 -5.38 -0.35 6.57
N LYS A 36 -6.49 0.32 6.86
CA LYS A 36 -7.47 0.59 5.83
C LYS A 36 -7.11 1.88 5.09
N MET A 37 -6.96 1.75 3.78
CA MET A 37 -6.60 2.88 2.95
C MET A 37 -7.22 4.17 3.49
N GLN A 38 -6.37 5.18 3.65
CA GLN A 38 -6.82 6.45 4.17
C GLN A 38 -7.09 7.42 3.01
N ASP A 39 -8.35 7.74 2.83
CA ASP A 39 -8.76 8.65 1.77
C ASP A 39 -7.71 9.76 1.63
N ALA A 40 -7.50 10.18 0.40
CA ALA A 40 -6.54 11.23 0.10
C ALA A 40 -7.24 12.59 0.14
N GLU A 41 -6.80 13.47 -0.75
CA GLU A 41 -7.38 14.80 -0.83
C GLU A 41 -7.78 15.12 -2.27
N ILE A 42 -7.71 14.10 -3.11
CA ILE A 42 -8.06 14.26 -4.51
C ILE A 42 -9.58 14.25 -4.66
N SER A 43 -10.14 13.05 -4.75
CA SER A 43 -11.58 12.89 -4.88
C SER A 43 -11.90 11.46 -5.30
N GLY A 44 -12.15 10.62 -4.29
CA GLY A 44 -12.47 9.23 -4.53
C GLY A 44 -11.21 8.36 -4.52
N TYR A 45 -10.10 8.99 -4.17
CA TYR A 45 -8.82 8.29 -4.11
C TYR A 45 -8.44 7.98 -2.67
N ALA A 46 -7.60 6.95 -2.52
CA ALA A 46 -7.15 6.54 -1.21
C ALA A 46 -5.63 6.75 -1.12
N LYS A 47 -5.16 6.87 0.11
CA LYS A 47 -3.74 7.07 0.35
C LYS A 47 -3.38 6.56 1.75
N ILE A 48 -2.22 5.91 1.83
CA ILE A 48 -1.76 5.37 3.09
C ILE A 48 -0.29 5.77 3.30
N THR A 49 0.06 5.96 4.57
CA THR A 49 1.41 6.34 4.93
C THR A 49 2.01 5.32 5.89
N VAL A 50 3.26 4.96 5.62
CA VAL A 50 3.97 4.00 6.45
C VAL A 50 5.33 4.56 6.82
N ASP A 51 5.54 4.73 8.13
CA ASP A 51 6.80 5.26 8.62
C ASP A 51 7.79 4.11 8.79
N ILE A 52 9.06 4.44 8.61
CA ILE A 52 10.12 3.45 8.73
C ILE A 52 11.19 3.98 9.69
N GLY A 53 11.39 5.30 9.65
CA GLY A 53 12.37 5.93 10.50
C GLY A 53 13.77 5.82 9.89
N SER A 54 14.16 4.59 9.57
CA SER A 54 15.46 4.34 8.98
C SER A 54 15.32 3.49 7.73
N ALA A 55 14.53 2.43 7.86
CA ALA A 55 14.30 1.53 6.75
C ALA A 55 14.21 2.33 5.45
N SER A 56 14.80 1.78 4.40
CA SER A 56 14.80 2.43 3.11
C SER A 56 13.96 1.62 2.11
N GLN A 57 13.33 0.58 2.63
CA GLN A 57 12.51 -0.28 1.80
C GLN A 57 11.32 -0.82 2.61
N LEU A 58 10.17 -0.84 1.95
CA LEU A 58 8.95 -1.32 2.59
C LEU A 58 8.04 -1.94 1.54
N GLU A 59 7.50 -3.10 1.89
CA GLU A 59 6.62 -3.82 0.99
C GLU A 59 5.15 -3.57 1.37
N ALA A 60 4.32 -3.47 0.34
CA ALA A 60 2.90 -3.23 0.56
C ALA A 60 2.09 -4.21 -0.28
N ALA A 61 1.09 -4.81 0.35
CA ALA A 61 0.23 -5.77 -0.32
C ALA A 61 -1.21 -5.25 -0.32
N PHE A 62 -2.00 -5.80 -1.24
CA PHE A 62 -3.38 -5.40 -1.35
C PHE A 62 -4.32 -6.59 -1.12
N ASN A 63 -5.27 -6.39 -0.21
CA ASN A 63 -6.21 -7.44 0.11
C ASN A 63 -7.56 -6.81 0.48
N ASP A 64 -8.62 -7.41 -0.03
CA ASP A 64 -9.96 -6.91 0.24
C ASP A 64 -10.37 -7.30 1.66
N GLY A 65 -9.82 -8.42 2.12
CA GLY A 65 -10.12 -8.91 3.45
C GLY A 65 -11.03 -10.13 3.40
N ASN A 66 -10.70 -11.05 2.51
CA ASN A 66 -11.48 -12.27 2.35
C ASN A 66 -10.65 -13.31 1.61
N ASN A 67 -9.92 -12.84 0.60
CA ASN A 67 -9.08 -13.73 -0.19
C ASN A 67 -8.52 -12.96 -1.38
N ASN A 68 -9.30 -11.97 -1.82
CA ASN A 68 -8.89 -11.17 -2.96
C ASN A 68 -7.57 -10.47 -2.63
N TRP A 69 -6.48 -11.15 -2.95
CA TRP A 69 -5.15 -10.61 -2.69
C TRP A 69 -4.48 -10.36 -4.04
N ASP A 70 -3.66 -9.32 -4.07
CA ASP A 70 -2.95 -8.97 -5.28
C ASP A 70 -1.44 -9.02 -5.03
N SER A 71 -1.08 -9.64 -3.92
CA SER A 71 0.31 -9.77 -3.54
C SER A 71 1.03 -10.69 -4.53
N ASN A 72 1.00 -11.98 -4.23
CA ASN A 72 1.63 -12.97 -5.07
C ASN A 72 1.63 -14.32 -4.36
N ASN A 73 2.28 -14.34 -3.20
CA ASN A 73 2.36 -15.57 -2.42
C ASN A 73 3.47 -15.42 -1.37
N THR A 74 4.56 -14.78 -1.79
CA THR A 74 5.68 -14.57 -0.90
C THR A 74 6.76 -13.73 -1.60
N LYS A 75 6.30 -12.78 -2.40
CA LYS A 75 7.21 -11.91 -3.14
C LYS A 75 6.50 -10.60 -3.46
N ASN A 76 6.05 -9.93 -2.41
CA ASN A 76 5.36 -8.67 -2.57
C ASN A 76 6.26 -7.68 -3.31
N TYR A 77 5.98 -6.40 -3.12
CA TYR A 77 6.75 -5.35 -3.76
C TYR A 77 7.67 -4.66 -2.75
N LEU A 78 8.67 -3.97 -3.27
CA LEU A 78 9.62 -3.27 -2.43
C LEU A 78 9.77 -1.83 -2.93
N PHE A 79 9.47 -0.89 -2.05
CA PHE A 79 9.55 0.52 -2.38
C PHE A 79 10.09 1.34 -1.20
N SER A 80 10.65 2.49 -1.52
CA SER A 80 11.20 3.36 -0.50
C SER A 80 10.34 4.62 -0.37
N THR A 81 10.54 5.33 0.73
CA THR A 81 9.79 6.54 0.99
C THR A 81 9.62 7.35 -0.30
N GLY A 82 8.62 8.21 -0.30
CA GLY A 82 8.33 9.04 -1.46
C GLY A 82 6.86 8.96 -1.85
N THR A 83 6.63 8.85 -3.14
CA THR A 83 5.26 8.76 -3.65
C THR A 83 5.11 7.53 -4.54
N SER A 84 4.06 6.77 -4.27
CA SER A 84 3.78 5.57 -5.04
C SER A 84 2.27 5.41 -5.25
N THR A 85 1.93 4.65 -6.28
CA THR A 85 0.53 4.42 -6.61
C THR A 85 0.29 2.93 -6.90
N TYR A 86 -0.49 2.31 -6.03
CA TYR A 86 -0.81 0.90 -6.19
C TYR A 86 -2.19 0.72 -6.82
N THR A 87 -2.17 0.16 -8.02
CA THR A 87 -3.41 -0.09 -8.74
C THR A 87 -3.61 -1.58 -8.97
N PRO A 88 -4.62 -2.16 -8.26
CA PRO A 88 -4.92 -3.57 -8.38
C PRO A 88 -5.65 -3.86 -9.69
N GLY A 89 -6.07 -5.11 -9.82
CA GLY A 89 -6.78 -5.53 -11.02
C GLY A 89 -8.30 -5.54 -10.79
N SER A 90 -8.98 -6.35 -11.58
CA SER A 90 -10.42 -6.46 -11.47
C SER A 90 -10.80 -7.74 -10.70
N ASN A 91 -9.90 -8.70 -10.74
CA ASN A 91 -10.11 -9.97 -10.06
C ASN A 91 -8.85 -10.33 -9.27
N GLY A 92 -8.60 -11.63 -9.21
CA GLY A 92 -7.43 -12.13 -8.50
C GLY A 92 -6.17 -11.99 -9.34
N ALA A 93 -6.09 -10.89 -10.06
CA ALA A 93 -4.94 -10.64 -10.92
C ALA A 93 -4.13 -9.45 -10.35
N ALA A 94 -3.02 -9.79 -9.72
CA ALA A 94 -2.17 -8.77 -9.14
C ALA A 94 -2.08 -7.58 -10.08
N GLY A 95 -2.02 -6.39 -9.49
CA GLY A 95 -1.93 -5.17 -10.27
C GLY A 95 -0.48 -4.71 -10.42
N THR A 96 -0.28 -3.40 -10.29
CA THR A 96 1.04 -2.83 -10.40
C THR A 96 1.13 -1.54 -9.58
N ILE A 97 2.37 -1.15 -9.28
CA ILE A 97 2.60 0.05 -8.51
C ILE A 97 3.45 1.03 -9.34
N ARG A 98 2.94 2.24 -9.47
CA ARG A 98 3.65 3.26 -10.22
C ARG A 98 4.06 4.41 -9.30
N THR A 99 5.35 4.76 -9.38
CA THR A 99 5.88 5.82 -8.56
C THR A 99 5.46 7.19 -9.12
N GLY A 100 5.27 8.13 -8.22
CA GLY A 100 4.87 9.47 -8.60
C GLY A 100 3.45 9.78 -8.12
N ALA A 101 3.27 11.01 -7.65
CA ALA A 101 1.97 11.44 -7.17
C ALA A 101 0.95 11.36 -8.30
N PRO A 102 -0.09 10.53 -8.07
CA PRO A 102 -1.15 10.36 -9.05
C PRO A 102 -2.08 11.56 -9.09
N SER A 103 -3.10 11.47 -9.93
CA SER A 103 -4.06 12.55 -10.06
C SER A 103 -3.34 13.89 -10.04
N GLY A 104 -2.10 13.88 -10.50
CA GLY A 104 -1.29 15.08 -10.53
C GLY A 104 -0.21 14.99 -11.61
N GLY A 1 20.53 9.89 10.36
CA GLY A 1 20.55 8.79 11.31
C GLY A 1 19.17 8.57 11.92
N GLY A 2 19.03 9.01 13.16
CA GLY A 2 17.77 8.88 13.88
C GLY A 2 16.72 9.85 13.35
N THR A 3 15.82 9.32 12.53
CA THR A 3 14.77 10.15 11.95
C THR A 3 13.51 9.32 11.74
N THR A 4 12.45 9.99 11.30
CA THR A 4 11.19 9.32 11.06
C THR A 4 10.63 9.74 9.69
N ASN A 5 10.65 8.79 8.77
CA ASN A 5 10.14 9.04 7.42
C ASN A 5 8.75 8.43 7.28
N LYS A 6 8.16 8.66 6.12
CA LYS A 6 6.83 8.15 5.85
C LYS A 6 6.72 7.79 4.36
N VAL A 7 5.87 6.81 4.09
CA VAL A 7 5.67 6.37 2.73
C VAL A 7 4.21 6.58 2.33
N THR A 8 4.01 7.38 1.30
CA THR A 8 2.67 7.66 0.82
C THR A 8 2.36 6.86 -0.44
N VAL A 9 1.30 6.07 -0.36
CA VAL A 9 0.90 5.23 -1.49
C VAL A 9 -0.58 5.50 -1.79
N TYR A 10 -0.85 5.71 -3.06
CA TYR A 10 -2.20 5.97 -3.51
C TYR A 10 -2.79 4.76 -4.25
N TYR A 11 -3.97 4.35 -3.81
CA TYR A 11 -4.63 3.21 -4.41
C TYR A 11 -5.99 3.62 -5.01
N LYS A 12 -6.28 3.06 -6.18
CA LYS A 12 -7.53 3.36 -6.85
C LYS A 12 -8.58 2.32 -6.44
N LYS A 13 -9.58 2.79 -5.72
CA LYS A 13 -10.65 1.92 -5.26
C LYS A 13 -11.91 2.18 -6.10
N GLY A 14 -12.63 1.11 -6.36
CA GLY A 14 -12.24 -0.20 -5.87
C GLY A 14 -13.45 -0.97 -5.33
N PHE A 15 -13.27 -1.54 -4.14
CA PHE A 15 -14.33 -2.31 -3.51
C PHE A 15 -15.18 -1.41 -2.60
N ASN A 16 -16.01 -2.06 -1.80
CA ASN A 16 -16.87 -1.35 -0.87
C ASN A 16 -16.20 -1.28 0.50
N SER A 17 -14.96 -1.75 0.55
CA SER A 17 -14.20 -1.75 1.78
C SER A 17 -12.90 -2.54 1.59
N PRO A 18 -12.01 -1.99 0.71
CA PRO A 18 -10.75 -2.63 0.44
C PRO A 18 -9.76 -2.42 1.60
N TYR A 19 -8.95 -3.44 1.83
CA TYR A 19 -7.97 -3.39 2.90
C TYR A 19 -6.56 -3.64 2.37
N ILE A 20 -5.59 -3.02 3.03
CA ILE A 20 -4.20 -3.17 2.62
C ILE A 20 -3.37 -3.61 3.84
N HIS A 21 -2.39 -4.45 3.58
CA HIS A 21 -1.53 -4.94 4.64
C HIS A 21 -0.06 -4.77 4.22
N TYR A 22 0.64 -3.94 4.98
CA TYR A 22 2.04 -3.67 4.70
C TYR A 22 2.89 -3.88 5.95
N ARG A 23 4.19 -4.04 5.73
CA ARG A 23 5.12 -4.25 6.83
C ARG A 23 6.41 -3.46 6.59
N PRO A 24 7.10 -3.12 7.71
CA PRO A 24 8.34 -2.38 7.64
C PRO A 24 9.49 -3.26 7.16
N ALA A 25 10.25 -2.73 6.22
CA ALA A 25 11.39 -3.46 5.67
C ALA A 25 11.42 -4.86 6.29
N GLY A 26 10.54 -5.72 5.80
CA GLY A 26 10.47 -7.09 6.29
C GLY A 26 10.80 -7.15 7.79
N GLY A 27 9.85 -6.67 8.59
CA GLY A 27 10.03 -6.67 10.03
C GLY A 27 8.84 -7.32 10.73
N SER A 28 7.87 -6.48 11.08
CA SER A 28 6.67 -6.96 11.75
C SER A 28 5.45 -6.77 10.85
N TRP A 29 4.59 -7.78 10.84
CA TRP A 29 3.38 -7.73 10.03
C TRP A 29 2.27 -7.14 10.90
N THR A 30 1.94 -5.89 10.59
CA THR A 30 0.89 -5.20 11.32
C THR A 30 -0.32 -6.12 11.53
N ALA A 31 -1.23 -5.68 12.37
CA ALA A 31 -2.43 -6.45 12.66
C ALA A 31 -3.26 -6.59 11.38
N ALA A 32 -3.28 -7.81 10.86
CA ALA A 32 -4.03 -8.09 9.64
C ALA A 32 -5.52 -8.12 9.97
N PRO A 33 -6.32 -7.43 9.11
CA PRO A 33 -5.75 -6.72 7.97
C PRO A 33 -5.05 -5.44 8.42
N GLY A 34 -3.99 -5.10 7.70
CA GLY A 34 -3.24 -3.89 8.02
C GLY A 34 -4.17 -2.73 8.36
N VAL A 35 -4.35 -1.85 7.38
CA VAL A 35 -5.22 -0.69 7.57
C VAL A 35 -6.09 -0.50 6.34
N LYS A 36 -7.19 0.20 6.52
CA LYS A 36 -8.12 0.46 5.43
C LYS A 36 -7.69 1.73 4.69
N MET A 37 -7.34 1.55 3.44
CA MET A 37 -6.90 2.67 2.62
C MET A 37 -7.64 3.95 3.00
N GLN A 38 -6.87 5.01 3.21
CA GLN A 38 -7.43 6.30 3.59
C GLN A 38 -7.69 7.14 2.33
N ASP A 39 -8.96 7.46 2.13
CA ASP A 39 -9.35 8.27 0.98
C ASP A 39 -8.41 9.46 0.86
N ALA A 40 -7.96 9.71 -0.36
CA ALA A 40 -7.06 10.82 -0.61
C ALA A 40 -7.85 12.13 -0.62
N GLU A 41 -7.35 13.09 -1.37
CA GLU A 41 -7.99 14.38 -1.47
C GLU A 41 -8.30 14.72 -2.93
N ILE A 42 -8.51 13.67 -3.72
CA ILE A 42 -8.80 13.83 -5.13
C ILE A 42 -10.29 13.56 -5.37
N SER A 43 -10.61 12.28 -5.53
CA SER A 43 -11.99 11.88 -5.77
C SER A 43 -12.04 10.41 -6.20
N GLY A 44 -12.46 9.57 -5.28
CA GLY A 44 -12.56 8.14 -5.55
C GLY A 44 -11.19 7.47 -5.44
N TYR A 45 -10.23 8.23 -4.93
CA TYR A 45 -8.88 7.72 -4.77
C TYR A 45 -8.58 7.42 -3.29
N ALA A 46 -7.60 6.55 -3.09
CA ALA A 46 -7.21 6.17 -1.74
C ALA A 46 -5.74 6.52 -1.52
N LYS A 47 -5.38 6.65 -0.25
CA LYS A 47 -4.01 6.98 0.10
C LYS A 47 -3.73 6.51 1.53
N ILE A 48 -2.50 6.08 1.74
CA ILE A 48 -2.09 5.60 3.05
C ILE A 48 -0.65 6.05 3.32
N THR A 49 -0.37 6.28 4.60
CA THR A 49 0.96 6.71 5.01
C THR A 49 1.53 5.75 6.05
N VAL A 50 2.76 5.35 5.83
CA VAL A 50 3.45 4.44 6.73
C VAL A 50 4.81 5.01 7.10
N ASP A 51 5.06 5.09 8.40
CA ASP A 51 6.32 5.61 8.90
C ASP A 51 7.39 4.51 8.81
N ILE A 52 8.62 4.95 8.62
CA ILE A 52 9.73 4.03 8.52
C ILE A 52 11.02 4.74 8.94
N GLY A 53 10.96 5.36 10.13
CA GLY A 53 12.11 6.07 10.65
C GLY A 53 13.33 5.16 10.71
N SER A 54 13.08 3.86 10.65
CA SER A 54 14.15 2.88 10.70
C SER A 54 13.96 1.84 9.60
N ALA A 55 13.63 2.33 8.42
CA ALA A 55 13.42 1.45 7.28
C ALA A 55 13.48 2.27 5.99
N SER A 56 14.08 1.68 4.97
CA SER A 56 14.20 2.34 3.68
C SER A 56 13.30 1.66 2.64
N GLN A 57 12.60 0.63 3.11
CA GLN A 57 11.71 -0.11 2.24
C GLN A 57 10.52 -0.65 3.05
N LEU A 58 9.35 -0.56 2.44
CA LEU A 58 8.13 -1.04 3.09
C LEU A 58 7.28 -1.80 2.06
N GLU A 59 6.85 -2.98 2.46
CA GLU A 59 6.03 -3.81 1.59
C GLU A 59 4.55 -3.64 1.94
N ALA A 60 3.73 -3.65 0.90
CA ALA A 60 2.30 -3.49 1.08
C ALA A 60 1.56 -4.46 0.15
N ALA A 61 0.51 -5.06 0.68
CA ALA A 61 -0.28 -6.00 -0.10
C ALA A 61 -1.73 -5.51 -0.18
N PHE A 62 -2.47 -6.08 -1.12
CA PHE A 62 -3.87 -5.70 -1.30
C PHE A 62 -4.78 -6.92 -1.19
N ASN A 63 -5.78 -6.79 -0.34
CA ASN A 63 -6.73 -7.87 -0.12
C ASN A 63 -8.05 -7.29 0.39
N ASP A 64 -9.14 -7.79 -0.19
CA ASP A 64 -10.46 -7.33 0.19
C ASP A 64 -10.80 -7.85 1.59
N GLY A 65 -10.06 -8.87 1.99
CA GLY A 65 -10.26 -9.48 3.30
C GLY A 65 -11.06 -10.77 3.18
N ASN A 66 -11.59 -11.00 1.99
CA ASN A 66 -12.37 -12.20 1.73
C ASN A 66 -11.47 -13.28 1.13
N ASN A 67 -10.28 -13.37 1.69
CA ASN A 67 -9.31 -14.36 1.22
C ASN A 67 -8.94 -14.05 -0.24
N ASN A 68 -9.13 -12.79 -0.60
CA ASN A 68 -8.83 -12.37 -1.97
C ASN A 68 -7.64 -11.40 -1.92
N TRP A 69 -6.45 -11.97 -2.07
CA TRP A 69 -5.22 -11.18 -2.05
C TRP A 69 -4.73 -11.07 -3.49
N ASP A 70 -4.02 -9.98 -3.74
CA ASP A 70 -3.47 -9.74 -5.07
C ASP A 70 -2.02 -9.27 -4.94
N SER A 71 -1.32 -9.86 -4.00
CA SER A 71 0.07 -9.51 -3.76
C SER A 71 0.97 -10.23 -4.78
N ASN A 72 1.50 -11.37 -4.34
CA ASN A 72 2.37 -12.15 -5.19
C ASN A 72 2.69 -13.48 -4.50
N ASN A 73 1.71 -13.98 -3.77
CA ASN A 73 1.87 -15.24 -3.06
C ASN A 73 2.66 -14.99 -1.76
N THR A 74 3.83 -14.39 -1.93
CA THR A 74 4.68 -14.09 -0.80
C THR A 74 5.93 -13.33 -1.25
N LYS A 75 5.73 -12.50 -2.27
CA LYS A 75 6.83 -11.71 -2.81
C LYS A 75 6.52 -10.23 -2.60
N ASN A 76 5.24 -9.91 -2.67
CA ASN A 76 4.79 -8.52 -2.50
C ASN A 76 5.77 -7.59 -3.22
N TYR A 77 5.71 -6.32 -2.84
CA TYR A 77 6.58 -5.32 -3.43
C TYR A 77 7.27 -4.49 -2.35
N LEU A 78 8.33 -3.81 -2.76
CA LEU A 78 9.08 -2.97 -1.84
C LEU A 78 8.99 -1.51 -2.29
N PHE A 79 8.52 -0.68 -1.38
CA PHE A 79 8.38 0.74 -1.67
C PHE A 79 9.18 1.59 -0.68
N SER A 80 9.68 2.71 -1.18
CA SER A 80 10.47 3.61 -0.35
C SER A 80 9.69 4.91 -0.12
N THR A 81 10.15 5.67 0.86
CA THR A 81 9.52 6.93 1.20
C THR A 81 9.29 7.76 -0.06
N GLY A 82 8.34 8.68 0.03
CA GLY A 82 8.01 9.54 -1.09
C GLY A 82 6.57 9.33 -1.54
N THR A 83 6.32 9.70 -2.79
CA THR A 83 4.98 9.55 -3.36
C THR A 83 4.94 8.35 -4.31
N SER A 84 3.97 7.48 -4.08
CA SER A 84 3.80 6.30 -4.90
C SER A 84 2.31 6.01 -5.12
N THR A 85 2.03 5.27 -6.19
CA THR A 85 0.66 4.93 -6.52
C THR A 85 0.56 3.44 -6.86
N TYR A 86 -0.14 2.71 -5.98
CA TYR A 86 -0.31 1.28 -6.19
C TYR A 86 -1.66 0.98 -6.84
N THR A 87 -1.59 0.46 -8.06
CA THR A 87 -2.79 0.12 -8.81
C THR A 87 -2.86 -1.39 -9.05
N PRO A 88 -3.84 -2.03 -8.37
CA PRO A 88 -4.03 -3.47 -8.51
C PRO A 88 -4.68 -3.82 -9.84
N GLY A 89 -5.07 -5.07 -9.97
CA GLY A 89 -5.71 -5.54 -11.19
C GLY A 89 -7.22 -5.69 -10.99
N SER A 90 -7.80 -6.60 -11.77
CA SER A 90 -9.23 -6.85 -11.69
C SER A 90 -9.49 -8.32 -11.38
N ASN A 91 -8.74 -9.18 -12.07
CA ASN A 91 -8.89 -10.61 -11.88
C ASN A 91 -7.69 -11.13 -11.09
N GLY A 92 -7.63 -10.74 -9.83
CA GLY A 92 -6.54 -11.16 -8.96
C GLY A 92 -5.22 -11.25 -9.73
N ALA A 93 -4.90 -10.15 -10.41
CA ALA A 93 -3.67 -10.09 -11.18
C ALA A 93 -2.82 -8.93 -10.70
N ALA A 94 -1.73 -9.27 -10.01
CA ALA A 94 -0.83 -8.26 -9.49
C ALA A 94 -0.76 -7.08 -10.46
N GLY A 95 -0.86 -5.88 -9.90
CA GLY A 95 -0.81 -4.68 -10.71
C GLY A 95 0.60 -4.09 -10.74
N THR A 96 0.67 -2.78 -10.56
CA THR A 96 1.95 -2.10 -10.58
C THR A 96 1.89 -0.83 -9.70
N ILE A 97 3.06 -0.31 -9.39
CA ILE A 97 3.16 0.88 -8.56
C ILE A 97 3.90 1.97 -9.35
N ARG A 98 3.26 3.13 -9.43
CA ARG A 98 3.83 4.25 -10.14
C ARG A 98 4.21 5.37 -9.16
N THR A 99 5.49 5.73 -9.19
CA THR A 99 5.99 6.77 -8.31
C THR A 99 5.58 8.15 -8.83
N GLY A 100 5.38 9.06 -7.89
CA GLY A 100 4.98 10.41 -8.23
C GLY A 100 3.55 10.70 -7.77
N ALA A 101 3.35 11.94 -7.34
CA ALA A 101 2.03 12.36 -6.86
C ALA A 101 1.01 12.18 -7.98
N PRO A 102 -0.10 11.49 -7.65
CA PRO A 102 -1.16 11.25 -8.62
C PRO A 102 -1.98 12.51 -8.85
N SER A 103 -2.72 12.51 -9.95
CA SER A 103 -3.56 13.64 -10.30
C SER A 103 -4.74 13.18 -11.16
N GLY A 104 -5.71 12.58 -10.48
CA GLY A 104 -6.90 12.09 -11.17
C GLY A 104 -6.53 11.37 -12.47
N GLY A 1 20.93 7.19 15.58
CA GLY A 1 19.53 7.15 15.94
C GLY A 1 18.65 6.96 14.71
N GLY A 2 18.24 8.08 14.13
CA GLY A 2 17.40 8.05 12.95
C GLY A 2 16.04 8.70 13.22
N THR A 3 15.37 9.06 12.14
CA THR A 3 14.06 9.70 12.25
C THR A 3 12.99 8.82 11.62
N THR A 4 11.76 9.02 12.07
CA THR A 4 10.64 8.25 11.56
C THR A 4 10.21 8.78 10.19
N ASN A 5 10.11 7.86 9.24
CA ASN A 5 9.72 8.22 7.89
C ASN A 5 8.31 7.69 7.62
N LYS A 6 7.78 8.06 6.46
CA LYS A 6 6.45 7.63 6.07
C LYS A 6 6.41 7.42 4.55
N VAL A 7 5.41 6.66 4.12
CA VAL A 7 5.26 6.37 2.71
C VAL A 7 3.82 6.70 2.29
N THR A 8 3.71 7.37 1.16
CA THR A 8 2.40 7.74 0.63
C THR A 8 1.98 6.80 -0.50
N VAL A 9 0.82 6.20 -0.32
CA VAL A 9 0.30 5.27 -1.31
C VAL A 9 -1.12 5.69 -1.71
N TYR A 10 -1.32 5.84 -3.01
CA TYR A 10 -2.62 6.23 -3.53
C TYR A 10 -3.27 5.09 -4.30
N TYR A 11 -4.49 4.76 -3.88
CA TYR A 11 -5.24 3.69 -4.53
C TYR A 11 -6.38 4.25 -5.38
N LYS A 12 -6.57 3.63 -6.53
CA LYS A 12 -7.62 4.05 -7.44
C LYS A 12 -8.87 3.19 -7.22
N LYS A 13 -10.00 3.86 -7.14
CA LYS A 13 -11.27 3.17 -6.93
C LYS A 13 -11.97 2.97 -8.28
N GLY A 14 -12.02 1.72 -8.72
CA GLY A 14 -11.42 0.64 -7.95
C GLY A 14 -12.46 -0.01 -7.03
N PHE A 15 -12.02 -1.06 -6.35
CA PHE A 15 -12.89 -1.77 -5.42
C PHE A 15 -13.58 -0.80 -4.46
N ASN A 16 -14.32 -1.37 -3.52
CA ASN A 16 -15.03 -0.57 -2.53
C ASN A 16 -14.03 0.02 -1.54
N SER A 17 -13.27 -0.87 -0.93
CA SER A 17 -12.27 -0.45 0.05
C SER A 17 -11.50 -1.67 0.56
N PRO A 18 -10.56 -2.16 -0.30
CA PRO A 18 -9.75 -3.32 0.05
C PRO A 18 -8.67 -2.93 1.07
N TYR A 19 -8.43 -3.84 2.00
CA TYR A 19 -7.44 -3.61 3.04
C TYR A 19 -6.03 -3.89 2.50
N ILE A 20 -5.09 -3.07 2.96
CA ILE A 20 -3.71 -3.21 2.53
C ILE A 20 -2.84 -3.53 3.75
N HIS A 21 -1.89 -4.43 3.54
CA HIS A 21 -0.99 -4.83 4.61
C HIS A 21 0.46 -4.62 4.17
N TYR A 22 1.15 -3.78 4.93
CA TYR A 22 2.54 -3.48 4.63
C TYR A 22 3.41 -3.53 5.89
N ARG A 23 4.71 -3.68 5.68
CA ARG A 23 5.65 -3.75 6.79
C ARG A 23 6.97 -3.08 6.41
N PRO A 24 7.78 -2.79 7.45
CA PRO A 24 9.07 -2.16 7.25
C PRO A 24 10.09 -3.15 6.68
N ALA A 25 11.14 -2.60 6.09
CA ALA A 25 12.19 -3.44 5.51
C ALA A 25 12.39 -4.68 6.37
N GLY A 26 12.89 -4.45 7.58
CA GLY A 26 13.12 -5.53 8.52
C GLY A 26 12.67 -5.16 9.93
N GLY A 27 11.38 -5.34 10.17
CA GLY A 27 10.81 -5.03 11.47
C GLY A 27 9.73 -6.04 11.85
N SER A 28 8.50 -5.70 11.51
CA SER A 28 7.37 -6.58 11.81
C SER A 28 6.16 -6.18 10.96
N TRP A 29 5.16 -7.04 11.00
CA TRP A 29 3.94 -6.80 10.24
C TRP A 29 2.88 -6.25 11.19
N THR A 30 2.09 -5.33 10.67
CA THR A 30 1.04 -4.71 11.46
C THR A 30 -0.09 -5.71 11.73
N ALA A 31 -1.04 -5.27 12.52
CA ALA A 31 -2.18 -6.11 12.86
C ALA A 31 -3.04 -6.33 11.62
N ALA A 32 -2.97 -7.55 11.10
CA ALA A 32 -3.74 -7.90 9.92
C ALA A 32 -5.23 -7.87 10.25
N PRO A 33 -6.01 -7.23 9.33
CA PRO A 33 -5.43 -6.63 8.14
C PRO A 33 -4.69 -5.33 8.48
N GLY A 34 -3.62 -5.08 7.74
CA GLY A 34 -2.83 -3.88 7.96
C GLY A 34 -3.72 -2.69 8.31
N VAL A 35 -4.00 -1.89 7.29
CA VAL A 35 -4.84 -0.72 7.48
C VAL A 35 -5.85 -0.62 6.32
N LYS A 36 -6.93 0.10 6.58
CA LYS A 36 -7.97 0.28 5.58
C LYS A 36 -7.73 1.59 4.83
N MET A 37 -7.37 1.46 3.57
CA MET A 37 -7.10 2.62 2.74
C MET A 37 -8.05 3.78 3.09
N GLN A 38 -7.46 4.93 3.30
CA GLN A 38 -8.23 6.11 3.65
C GLN A 38 -8.38 7.03 2.44
N ASP A 39 -9.63 7.33 2.11
CA ASP A 39 -9.92 8.19 0.97
C ASP A 39 -8.91 9.34 0.94
N ALA A 40 -8.63 9.81 -0.27
CA ALA A 40 -7.70 10.90 -0.45
C ALA A 40 -8.44 12.24 -0.35
N GLU A 41 -8.06 13.16 -1.23
CA GLU A 41 -8.69 14.47 -1.24
C GLU A 41 -9.08 14.86 -2.67
N ILE A 42 -8.90 13.90 -3.58
CA ILE A 42 -9.23 14.12 -4.98
C ILE A 42 -10.73 13.92 -5.17
N SER A 43 -11.11 12.67 -5.42
CA SER A 43 -12.50 12.34 -5.63
C SER A 43 -12.63 10.89 -6.09
N GLY A 44 -12.87 10.01 -5.13
CA GLY A 44 -13.01 8.59 -5.43
C GLY A 44 -11.67 7.88 -5.33
N TYR A 45 -10.67 8.60 -4.84
CA TYR A 45 -9.34 8.05 -4.69
C TYR A 45 -9.05 7.71 -3.23
N ALA A 46 -8.07 6.83 -3.04
CA ALA A 46 -7.68 6.41 -1.71
C ALA A 46 -6.25 6.85 -1.44
N LYS A 47 -5.94 7.01 -0.16
CA LYS A 47 -4.60 7.42 0.25
C LYS A 47 -4.33 6.90 1.66
N ILE A 48 -3.14 6.34 1.83
CA ILE A 48 -2.74 5.82 3.12
C ILE A 48 -1.25 6.06 3.33
N THR A 49 -0.88 6.28 4.59
CA THR A 49 0.50 6.53 4.93
C THR A 49 1.02 5.45 5.88
N VAL A 50 2.26 5.02 5.64
CA VAL A 50 2.87 3.99 6.45
C VAL A 50 4.27 4.45 6.85
N ASP A 51 4.58 4.25 8.12
CA ASP A 51 5.88 4.63 8.65
C ASP A 51 6.84 3.44 8.55
N ILE A 52 8.11 3.76 8.36
CA ILE A 52 9.13 2.73 8.25
C ILE A 52 10.06 2.80 9.46
N GLY A 53 10.08 3.97 10.08
CA GLY A 53 10.92 4.20 11.25
C GLY A 53 12.27 3.51 11.09
N SER A 54 13.20 4.24 10.49
CA SER A 54 14.53 3.70 10.27
C SER A 54 14.50 2.61 9.20
N ALA A 55 14.05 3.01 8.02
CA ALA A 55 13.96 2.08 6.90
C ALA A 55 13.81 2.86 5.60
N SER A 56 14.38 2.32 4.54
CA SER A 56 14.32 2.96 3.24
C SER A 56 13.51 2.08 2.27
N GLN A 57 12.94 1.02 2.82
CA GLN A 57 12.14 0.10 2.02
C GLN A 57 11.06 -0.55 2.89
N LEU A 58 9.88 -0.67 2.32
CA LEU A 58 8.76 -1.28 3.02
C LEU A 58 7.87 -2.02 2.02
N GLU A 59 7.44 -3.21 2.43
CA GLU A 59 6.58 -4.02 1.58
C GLU A 59 5.11 -3.76 1.89
N ALA A 60 4.31 -3.79 0.85
CA ALA A 60 2.87 -3.56 0.99
C ALA A 60 2.11 -4.53 0.11
N ALA A 61 0.94 -4.92 0.59
CA ALA A 61 0.10 -5.86 -0.15
C ALA A 61 -1.34 -5.33 -0.16
N PHE A 62 -2.12 -5.88 -1.09
CA PHE A 62 -3.51 -5.49 -1.21
C PHE A 62 -4.45 -6.69 -1.10
N ASN A 63 -5.55 -6.49 -0.37
CA ASN A 63 -6.52 -7.54 -0.18
C ASN A 63 -7.91 -6.93 0.00
N ASP A 64 -8.92 -7.73 -0.31
CA ASP A 64 -10.29 -7.27 -0.19
C ASP A 64 -10.75 -7.43 1.26
N GLY A 65 -10.16 -8.41 1.93
CA GLY A 65 -10.52 -8.66 3.32
C GLY A 65 -9.58 -9.72 3.92
N ASN A 66 -9.49 -10.84 3.23
CA ASN A 66 -8.63 -11.93 3.69
C ASN A 66 -8.93 -13.18 2.85
N ASN A 67 -8.53 -13.12 1.59
CA ASN A 67 -8.74 -14.23 0.68
C ASN A 67 -8.25 -13.84 -0.72
N ASN A 68 -8.60 -12.63 -1.11
CA ASN A 68 -8.22 -12.12 -2.42
C ASN A 68 -7.01 -11.19 -2.27
N TRP A 69 -5.83 -11.81 -2.22
CA TRP A 69 -4.60 -11.06 -2.07
C TRP A 69 -4.04 -10.78 -3.47
N ASP A 70 -3.76 -9.52 -3.72
CA ASP A 70 -3.23 -9.12 -5.02
C ASP A 70 -1.70 -9.09 -4.94
N SER A 71 -1.18 -9.68 -3.87
CA SER A 71 0.26 -9.72 -3.67
C SER A 71 0.94 -10.42 -4.85
N ASN A 72 1.20 -11.70 -4.68
CA ASN A 72 1.84 -12.48 -5.72
C ASN A 72 2.22 -13.85 -5.17
N ASN A 73 1.32 -14.40 -4.36
CA ASN A 73 1.54 -15.71 -3.76
C ASN A 73 2.52 -15.56 -2.60
N THR A 74 3.68 -14.99 -2.92
CA THR A 74 4.71 -14.79 -1.92
C THR A 74 5.89 -14.01 -2.51
N LYS A 75 5.55 -12.88 -3.12
CA LYS A 75 6.57 -12.04 -3.74
C LYS A 75 6.06 -10.60 -3.80
N ASN A 76 5.79 -10.05 -2.62
CA ASN A 76 5.29 -8.69 -2.53
C ASN A 76 6.27 -7.74 -3.24
N TYR A 77 6.09 -6.46 -2.99
CA TYR A 77 6.94 -5.45 -3.60
C TYR A 77 7.59 -4.56 -2.54
N LEU A 78 8.63 -3.86 -2.96
CA LEU A 78 9.34 -2.97 -2.06
C LEU A 78 9.04 -1.52 -2.43
N PHE A 79 8.69 -0.75 -1.41
CA PHE A 79 8.37 0.66 -1.62
C PHE A 79 9.16 1.54 -0.65
N SER A 80 9.54 2.71 -1.14
CA SER A 80 10.30 3.66 -0.34
C SER A 80 9.46 4.90 -0.07
N THR A 81 9.96 5.72 0.84
CA THR A 81 9.27 6.95 1.20
C THR A 81 9.05 7.84 -0.04
N GLY A 82 8.18 8.82 0.13
CA GLY A 82 7.88 9.74 -0.96
C GLY A 82 6.43 9.58 -1.40
N THR A 83 6.26 9.37 -2.70
CA THR A 83 4.93 9.20 -3.27
C THR A 83 4.85 7.90 -4.07
N SER A 84 3.76 7.17 -3.84
CA SER A 84 3.55 5.91 -4.54
C SER A 84 2.07 5.75 -4.88
N THR A 85 1.82 4.91 -5.88
CA THR A 85 0.45 4.65 -6.31
C THR A 85 0.21 3.16 -6.46
N TYR A 86 -0.88 2.69 -5.88
CA TYR A 86 -1.24 1.29 -5.95
C TYR A 86 -2.45 1.07 -6.84
N THR A 87 -2.23 0.34 -7.93
CA THR A 87 -3.29 0.04 -8.86
C THR A 87 -3.51 -1.46 -8.98
N PRO A 88 -4.41 -1.98 -8.11
CA PRO A 88 -4.71 -3.41 -8.11
C PRO A 88 -5.60 -3.79 -9.30
N GLY A 89 -5.72 -5.08 -9.51
CA GLY A 89 -6.54 -5.59 -10.60
C GLY A 89 -8.02 -5.61 -10.22
N SER A 90 -8.77 -6.42 -10.96
CA SER A 90 -10.20 -6.54 -10.71
C SER A 90 -10.56 -8.01 -10.45
N ASN A 91 -10.11 -8.87 -11.36
CA ASN A 91 -10.37 -10.29 -11.23
C ASN A 91 -9.19 -10.97 -10.53
N GLY A 92 -9.03 -10.60 -9.26
CA GLY A 92 -7.95 -11.17 -8.47
C GLY A 92 -6.66 -11.30 -9.30
N ALA A 93 -6.30 -10.20 -9.93
CA ALA A 93 -5.09 -10.18 -10.76
C ALA A 93 -4.15 -9.08 -10.25
N ALA A 94 -3.10 -9.51 -9.57
CA ALA A 94 -2.13 -8.59 -9.03
C ALA A 94 -1.89 -7.46 -10.03
N GLY A 95 -1.97 -6.23 -9.52
CA GLY A 95 -1.77 -5.06 -10.36
C GLY A 95 -0.31 -4.61 -10.32
N THR A 96 -0.14 -3.30 -10.17
CA THR A 96 1.20 -2.73 -10.13
C THR A 96 1.20 -1.44 -9.30
N ILE A 97 2.40 -0.95 -9.03
CA ILE A 97 2.56 0.27 -8.26
C ILE A 97 3.32 1.31 -9.09
N ARG A 98 2.80 2.53 -9.07
CA ARG A 98 3.43 3.61 -9.82
C ARG A 98 3.88 4.72 -8.86
N THR A 99 5.18 4.99 -8.90
CA THR A 99 5.75 6.02 -8.05
C THR A 99 5.42 7.42 -8.60
N GLY A 100 5.29 8.36 -7.69
CA GLY A 100 4.98 9.74 -8.06
C GLY A 100 3.53 10.08 -7.72
N ALA A 101 3.35 11.31 -7.25
CA ALA A 101 2.02 11.77 -6.88
C ALA A 101 1.12 11.74 -8.11
N PRO A 102 0.03 10.93 -7.99
CA PRO A 102 -0.92 10.81 -9.08
C PRO A 102 -1.82 12.05 -9.19
N SER A 103 -2.52 12.14 -10.30
CA SER A 103 -3.41 13.26 -10.54
C SER A 103 -4.23 13.02 -11.81
N GLY A 104 -5.27 12.20 -11.67
CA GLY A 104 -6.14 11.89 -12.78
C GLY A 104 -5.33 11.75 -14.07
N GLY A 1 13.65 14.97 18.28
CA GLY A 1 14.94 14.34 18.04
C GLY A 1 14.83 13.29 16.94
N GLY A 2 15.97 12.67 16.64
CA GLY A 2 16.02 11.65 15.61
C GLY A 2 15.28 12.09 14.35
N THR A 3 15.09 11.15 13.45
CA THR A 3 14.39 11.43 12.21
C THR A 3 13.82 10.14 11.61
N THR A 4 12.67 10.29 10.96
CA THR A 4 12.02 9.15 10.35
C THR A 4 11.42 9.54 9.00
N ASN A 5 11.26 8.54 8.15
CA ASN A 5 10.71 8.76 6.82
C ASN A 5 9.30 8.17 6.75
N LYS A 6 8.62 8.45 5.65
CA LYS A 6 7.27 7.95 5.45
C LYS A 6 7.11 7.51 3.98
N VAL A 7 6.16 6.62 3.78
CA VAL A 7 5.89 6.11 2.45
C VAL A 7 4.41 6.32 2.10
N THR A 8 4.18 7.10 1.05
CA THR A 8 2.82 7.38 0.62
C THR A 8 2.46 6.51 -0.59
N VAL A 9 1.38 5.76 -0.42
CA VAL A 9 0.92 4.88 -1.48
C VAL A 9 -0.57 5.17 -1.75
N TYR A 10 -0.88 5.39 -3.02
CA TYR A 10 -2.24 5.66 -3.43
C TYR A 10 -2.87 4.45 -4.10
N TYR A 11 -4.07 4.11 -3.65
CA TYR A 11 -4.79 2.97 -4.20
C TYR A 11 -6.07 3.43 -4.90
N LYS A 12 -6.32 2.81 -6.06
CA LYS A 12 -7.52 3.14 -6.83
C LYS A 12 -8.68 2.27 -6.37
N LYS A 13 -9.67 2.91 -5.79
CA LYS A 13 -10.84 2.21 -5.30
C LYS A 13 -11.93 2.23 -6.37
N GLY A 14 -12.60 1.09 -6.51
CA GLY A 14 -12.30 -0.06 -5.67
C GLY A 14 -13.51 -0.99 -5.57
N PHE A 15 -13.78 -1.41 -4.34
CA PHE A 15 -14.90 -2.30 -4.09
C PHE A 15 -15.93 -1.65 -3.17
N ASN A 16 -15.58 -1.61 -1.88
CA ASN A 16 -16.46 -1.01 -0.89
C ASN A 16 -15.62 -0.52 0.29
N SER A 17 -14.77 -1.42 0.78
CA SER A 17 -13.92 -1.10 1.91
C SER A 17 -12.86 -2.18 2.09
N PRO A 18 -12.00 -2.32 1.04
CA PRO A 18 -10.94 -3.31 1.07
C PRO A 18 -9.80 -2.87 2.00
N TYR A 19 -9.15 -3.86 2.59
CA TYR A 19 -8.04 -3.59 3.50
C TYR A 19 -6.70 -3.89 2.82
N ILE A 20 -5.65 -3.31 3.39
CA ILE A 20 -4.31 -3.51 2.86
C ILE A 20 -3.38 -3.94 3.99
N HIS A 21 -2.47 -4.85 3.65
CA HIS A 21 -1.51 -5.35 4.63
C HIS A 21 -0.09 -5.12 4.12
N TYR A 22 0.65 -4.30 4.86
CA TYR A 22 2.02 -4.00 4.49
C TYR A 22 2.97 -4.26 5.66
N ARG A 23 4.24 -4.40 5.32
CA ARG A 23 5.27 -4.66 6.33
C ARG A 23 6.57 -3.96 5.94
N PRO A 24 7.35 -3.60 7.00
CA PRO A 24 8.62 -2.92 6.80
C PRO A 24 9.69 -3.90 6.30
N ALA A 25 10.66 -3.36 5.59
CA ALA A 25 11.74 -4.17 5.05
C ALA A 25 12.02 -5.33 6.01
N GLY A 26 12.65 -5.00 7.13
CA GLY A 26 12.98 -6.01 8.13
C GLY A 26 12.40 -5.63 9.48
N GLY A 27 11.15 -6.03 9.69
CA GLY A 27 10.46 -5.74 10.94
C GLY A 27 9.50 -6.87 11.30
N SER A 28 8.26 -6.71 10.85
CA SER A 28 7.22 -7.69 11.12
C SER A 28 6.00 -7.42 10.24
N TRP A 29 4.99 -8.25 10.42
CA TRP A 29 3.76 -8.11 9.66
C TRP A 29 2.66 -7.64 10.62
N THR A 30 2.19 -6.42 10.36
CA THR A 30 1.15 -5.84 11.19
C THR A 30 0.01 -6.85 11.41
N ALA A 31 -0.92 -6.46 12.26
CA ALA A 31 -2.06 -7.32 12.57
C ALA A 31 -3.00 -7.38 11.36
N ALA A 32 -2.98 -8.51 10.70
CA ALA A 32 -3.82 -8.72 9.52
C ALA A 32 -5.29 -8.77 9.96
N PRO A 33 -6.14 -8.04 9.19
CA PRO A 33 -5.66 -7.27 8.06
C PRO A 33 -4.94 -6.01 8.53
N GLY A 34 -3.97 -5.59 7.72
CA GLY A 34 -3.19 -4.40 8.05
C GLY A 34 -4.11 -3.26 8.51
N VAL A 35 -4.28 -2.29 7.62
CA VAL A 35 -5.13 -1.14 7.92
C VAL A 35 -6.00 -0.82 6.71
N LYS A 36 -7.09 -0.13 6.98
CA LYS A 36 -8.02 0.25 5.93
C LYS A 36 -7.51 1.52 5.25
N MET A 37 -7.23 1.39 3.96
CA MET A 37 -6.74 2.51 3.18
C MET A 37 -7.36 3.83 3.67
N GLN A 38 -6.58 4.89 3.54
CA GLN A 38 -7.04 6.20 3.96
C GLN A 38 -7.30 7.09 2.74
N ASP A 39 -8.57 7.40 2.53
CA ASP A 39 -8.96 8.23 1.41
C ASP A 39 -7.93 9.34 1.21
N ALA A 40 -7.73 9.72 -0.04
CA ALA A 40 -6.77 10.76 -0.37
C ALA A 40 -7.48 12.11 -0.36
N GLU A 41 -7.04 12.99 -1.26
CA GLU A 41 -7.61 14.32 -1.35
C GLU A 41 -7.97 14.63 -2.81
N ILE A 42 -7.81 13.63 -3.66
CA ILE A 42 -8.11 13.78 -5.07
C ILE A 42 -9.63 13.69 -5.28
N SER A 43 -10.12 12.45 -5.32
CA SER A 43 -11.53 12.22 -5.51
C SER A 43 -11.78 10.73 -5.82
N GLY A 44 -12.18 10.00 -4.81
CA GLY A 44 -12.45 8.58 -4.96
C GLY A 44 -11.16 7.77 -4.89
N TYR A 45 -10.09 8.44 -4.52
CA TYR A 45 -8.79 7.81 -4.40
C TYR A 45 -8.42 7.57 -2.94
N ALA A 46 -7.58 6.57 -2.73
CA ALA A 46 -7.14 6.23 -1.38
C ALA A 46 -5.63 6.46 -1.27
N LYS A 47 -5.19 6.68 -0.04
CA LYS A 47 -3.77 6.92 0.22
C LYS A 47 -3.44 6.46 1.63
N ILE A 48 -2.22 5.97 1.79
CA ILE A 48 -1.75 5.50 3.09
C ILE A 48 -0.32 5.97 3.32
N THR A 49 0.01 6.15 4.59
CA THR A 49 1.34 6.60 4.96
C THR A 49 1.95 5.67 6.02
N VAL A 50 3.16 5.22 5.74
CA VAL A 50 3.85 4.33 6.65
C VAL A 50 5.27 4.86 6.89
N ASP A 51 5.68 4.82 8.14
CA ASP A 51 7.00 5.29 8.51
C ASP A 51 8.03 4.21 8.20
N ILE A 52 9.23 4.65 7.90
CA ILE A 52 10.31 3.73 7.57
C ILE A 52 11.66 4.40 7.84
N GLY A 53 11.78 4.95 9.04
CA GLY A 53 13.00 5.62 9.44
C GLY A 53 14.22 4.97 8.80
N SER A 54 14.62 3.85 9.37
CA SER A 54 15.78 3.12 8.86
C SER A 54 15.37 2.30 7.63
N ALA A 55 14.12 1.88 7.63
CA ALA A 55 13.59 1.08 6.53
C ALA A 55 13.69 1.89 5.24
N SER A 56 14.13 1.22 4.18
CA SER A 56 14.27 1.86 2.89
C SER A 56 13.29 1.21 1.89
N GLN A 57 12.58 0.21 2.36
CA GLN A 57 11.63 -0.50 1.52
C GLN A 57 10.50 -1.07 2.37
N LEU A 58 9.28 -0.94 1.86
CA LEU A 58 8.11 -1.44 2.56
C LEU A 58 7.17 -2.11 1.56
N GLU A 59 6.69 -3.28 1.94
CA GLU A 59 5.77 -4.02 1.08
C GLU A 59 4.32 -3.83 1.56
N ALA A 60 3.42 -3.81 0.59
CA ALA A 60 2.01 -3.64 0.90
C ALA A 60 1.18 -4.55 0.00
N ALA A 61 0.14 -5.13 0.58
CA ALA A 61 -0.74 -6.02 -0.17
C ALA A 61 -2.17 -5.49 -0.11
N PHE A 62 -2.99 -5.99 -1.02
CA PHE A 62 -4.38 -5.57 -1.09
C PHE A 62 -5.31 -6.78 -1.14
N ASN A 63 -6.28 -6.78 -0.23
CA ASN A 63 -7.24 -7.87 -0.17
C ASN A 63 -8.57 -7.34 0.36
N ASP A 64 -9.64 -7.80 -0.27
CA ASP A 64 -10.97 -7.38 0.12
C ASP A 64 -11.15 -7.57 1.63
N GLY A 65 -10.49 -8.60 2.15
CA GLY A 65 -10.55 -8.90 3.57
C GLY A 65 -11.24 -10.25 3.81
N ASN A 66 -11.48 -10.95 2.72
CA ASN A 66 -12.13 -12.25 2.79
C ASN A 66 -11.24 -13.30 2.11
N ASN A 67 -11.53 -13.55 0.85
CA ASN A 67 -10.77 -14.53 0.09
C ASN A 67 -10.15 -13.84 -1.14
N ASN A 68 -10.44 -12.55 -1.26
CA ASN A 68 -9.92 -11.76 -2.36
C ASN A 68 -8.59 -11.12 -1.95
N TRP A 69 -7.51 -11.82 -2.25
CA TRP A 69 -6.18 -11.34 -1.91
C TRP A 69 -5.41 -11.13 -3.22
N ASP A 70 -4.73 -10.00 -3.30
CA ASP A 70 -3.96 -9.68 -4.48
C ASP A 70 -2.66 -8.99 -4.06
N SER A 71 -1.56 -9.74 -4.17
CA SER A 71 -0.26 -9.22 -3.81
C SER A 71 0.85 -10.07 -4.45
N ASN A 72 0.96 -11.30 -3.96
CA ASN A 72 1.96 -12.21 -4.48
C ASN A 72 2.17 -13.35 -3.48
N ASN A 73 1.94 -13.03 -2.22
CA ASN A 73 2.09 -14.01 -1.16
C ASN A 73 3.58 -14.14 -0.79
N THR A 74 3.90 -13.67 0.40
CA THR A 74 5.28 -13.72 0.88
C THR A 74 6.23 -13.17 -0.18
N LYS A 75 5.74 -12.18 -0.91
CA LYS A 75 6.54 -11.56 -1.95
C LYS A 75 6.16 -10.08 -2.07
N ASN A 76 4.92 -9.85 -2.44
CA ASN A 76 4.42 -8.49 -2.59
C ASN A 76 5.48 -7.64 -3.30
N TYR A 77 5.25 -6.33 -3.28
CA TYR A 77 6.17 -5.41 -3.92
C TYR A 77 6.96 -4.61 -2.87
N LEU A 78 8.05 -4.02 -3.32
CA LEU A 78 8.89 -3.23 -2.44
C LEU A 78 8.87 -1.76 -2.88
N PHE A 79 8.42 -0.91 -1.97
CA PHE A 79 8.34 0.51 -2.25
C PHE A 79 9.14 1.32 -1.23
N SER A 80 9.70 2.42 -1.71
CA SER A 80 10.49 3.29 -0.85
C SER A 80 9.75 4.62 -0.64
N THR A 81 10.30 5.41 0.27
CA THR A 81 9.71 6.71 0.58
C THR A 81 9.30 7.43 -0.71
N GLY A 82 8.51 8.47 -0.54
CA GLY A 82 8.04 9.25 -1.67
C GLY A 82 6.56 8.95 -1.97
N THR A 83 6.14 9.36 -3.16
CA THR A 83 4.77 9.15 -3.57
C THR A 83 4.69 7.98 -4.56
N SER A 84 3.74 7.10 -4.31
CA SER A 84 3.55 5.94 -5.16
C SER A 84 2.05 5.69 -5.37
N THR A 85 1.74 5.00 -6.45
CA THR A 85 0.36 4.68 -6.79
C THR A 85 0.23 3.21 -7.19
N TYR A 86 -0.49 2.46 -6.36
CA TYR A 86 -0.70 1.05 -6.61
C TYR A 86 -2.03 0.81 -7.32
N THR A 87 -1.94 0.28 -8.52
CA THR A 87 -3.14 -0.01 -9.31
C THR A 87 -3.28 -1.51 -9.54
N PRO A 88 -4.40 -2.07 -9.00
CA PRO A 88 -4.65 -3.49 -9.14
C PRO A 88 -5.13 -3.83 -10.56
N GLY A 89 -4.98 -5.08 -10.92
CA GLY A 89 -5.38 -5.55 -12.24
C GLY A 89 -6.89 -5.80 -12.29
N SER A 90 -7.29 -6.66 -13.21
CA SER A 90 -8.69 -6.99 -13.39
C SER A 90 -9.15 -7.89 -12.23
N ASN A 91 -8.47 -9.01 -12.09
CA ASN A 91 -8.80 -9.97 -11.04
C ASN A 91 -7.66 -10.98 -10.91
N GLY A 92 -7.23 -11.16 -9.67
CA GLY A 92 -6.15 -12.09 -9.38
C GLY A 92 -5.00 -11.91 -10.37
N ALA A 93 -4.90 -10.71 -10.91
CA ALA A 93 -3.85 -10.39 -11.87
C ALA A 93 -3.06 -9.19 -11.36
N ALA A 94 -1.86 -9.48 -10.86
CA ALA A 94 -0.99 -8.44 -10.35
C ALA A 94 -1.02 -7.24 -11.30
N GLY A 95 -1.00 -6.05 -10.69
CA GLY A 95 -1.03 -4.83 -11.48
C GLY A 95 0.36 -4.18 -11.52
N THR A 96 0.38 -2.88 -11.29
CA THR A 96 1.62 -2.13 -11.31
C THR A 96 1.52 -0.92 -10.39
N ILE A 97 2.68 -0.38 -10.03
CA ILE A 97 2.74 0.79 -9.16
C ILE A 97 3.46 1.92 -9.88
N ARG A 98 2.81 3.07 -9.90
CA ARG A 98 3.37 4.25 -10.55
C ARG A 98 3.79 5.28 -9.52
N THR A 99 5.06 5.67 -9.59
CA THR A 99 5.60 6.65 -8.67
C THR A 99 5.13 8.05 -9.03
N GLY A 100 4.98 8.88 -8.01
CA GLY A 100 4.53 10.25 -8.21
C GLY A 100 3.07 10.42 -7.79
N ALA A 101 2.79 11.58 -7.22
CA ALA A 101 1.44 11.88 -6.77
C ALA A 101 0.47 11.79 -7.95
N PRO A 102 -0.53 10.88 -7.81
CA PRO A 102 -1.51 10.69 -8.86
C PRO A 102 -2.52 11.84 -8.87
N SER A 103 -3.22 11.96 -9.99
CA SER A 103 -4.22 13.01 -10.14
C SER A 103 -3.67 14.33 -9.60
N GLY A 104 -2.35 14.42 -9.58
CA GLY A 104 -1.70 15.62 -9.09
C GLY A 104 -1.89 15.78 -7.59
N GLY A 1 7.25 14.14 14.22
CA GLY A 1 7.03 13.12 13.22
C GLY A 1 7.38 11.74 13.78
N GLY A 2 8.36 11.72 14.67
CA GLY A 2 8.80 10.48 15.28
C GLY A 2 10.23 10.14 14.88
N THR A 3 10.76 10.95 13.96
CA THR A 3 12.12 10.75 13.48
C THR A 3 12.17 9.61 12.46
N THR A 4 11.01 8.99 12.25
CA THR A 4 10.90 7.90 11.30
C THR A 4 10.35 8.40 9.97
N ASN A 5 10.62 7.62 8.93
CA ASN A 5 10.15 7.97 7.60
C ASN A 5 8.74 7.43 7.39
N LYS A 6 8.14 7.81 6.27
CA LYS A 6 6.80 7.38 5.95
C LYS A 6 6.69 7.16 4.44
N VAL A 7 5.90 6.15 4.07
CA VAL A 7 5.71 5.84 2.66
C VAL A 7 4.24 6.10 2.29
N THR A 8 4.07 6.97 1.31
CA THR A 8 2.73 7.32 0.85
C THR A 8 2.41 6.58 -0.45
N VAL A 9 1.32 5.83 -0.41
CA VAL A 9 0.89 5.07 -1.58
C VAL A 9 -0.56 5.44 -1.92
N TYR A 10 -0.78 5.73 -3.19
CA TYR A 10 -2.11 6.09 -3.66
C TYR A 10 -2.74 4.96 -4.47
N TYR A 11 -3.86 4.46 -3.97
CA TYR A 11 -4.57 3.38 -4.64
C TYR A 11 -5.92 3.86 -5.19
N LYS A 12 -6.22 3.40 -6.38
CA LYS A 12 -7.48 3.77 -7.02
C LYS A 12 -8.58 2.82 -6.57
N LYS A 13 -9.53 3.36 -5.83
CA LYS A 13 -10.65 2.58 -5.33
C LYS A 13 -11.70 2.44 -6.42
N GLY A 14 -12.26 1.24 -6.53
CA GLY A 14 -11.86 0.16 -5.65
C GLY A 14 -12.96 -0.90 -5.55
N PHE A 15 -13.27 -1.28 -4.32
CA PHE A 15 -14.30 -2.27 -4.08
C PHE A 15 -15.41 -1.71 -3.18
N ASN A 16 -15.10 -1.66 -1.89
CA ASN A 16 -16.05 -1.15 -0.92
C ASN A 16 -15.30 -0.64 0.31
N SER A 17 -14.44 -1.48 0.83
CA SER A 17 -13.64 -1.13 2.00
C SER A 17 -12.55 -2.17 2.23
N PRO A 18 -11.63 -2.29 1.24
CA PRO A 18 -10.54 -3.24 1.33
C PRO A 18 -9.47 -2.76 2.30
N TYR A 19 -8.68 -3.71 2.78
CA TYR A 19 -7.61 -3.40 3.72
C TYR A 19 -6.24 -3.75 3.14
N ILE A 20 -5.26 -2.96 3.53
CA ILE A 20 -3.90 -3.19 3.05
C ILE A 20 -2.99 -3.52 4.25
N HIS A 21 -2.05 -4.41 4.00
CA HIS A 21 -1.12 -4.82 5.04
C HIS A 21 0.31 -4.72 4.51
N TYR A 22 1.09 -3.88 5.17
CA TYR A 22 2.48 -3.68 4.78
C TYR A 22 3.41 -3.83 5.98
N ARG A 23 4.68 -4.06 5.67
CA ARG A 23 5.68 -4.22 6.72
C ARG A 23 6.99 -3.55 6.31
N PRO A 24 7.95 -3.52 7.27
CA PRO A 24 9.25 -2.92 7.02
C PRO A 24 10.11 -3.81 6.13
N ALA A 25 11.12 -3.19 5.52
CA ALA A 25 12.02 -3.92 4.64
C ALA A 25 11.99 -5.41 5.00
N GLY A 26 12.23 -5.69 6.27
CA GLY A 26 12.23 -7.05 6.76
C GLY A 26 12.40 -7.11 8.28
N GLY A 27 11.30 -6.87 8.97
CA GLY A 27 11.30 -6.88 10.43
C GLY A 27 10.07 -7.59 10.98
N SER A 28 9.06 -6.79 11.30
CA SER A 28 7.82 -7.34 11.83
C SER A 28 6.65 -6.91 10.94
N TRP A 29 5.67 -7.80 10.86
CA TRP A 29 4.48 -7.54 10.07
C TRP A 29 3.48 -6.77 10.93
N THR A 30 3.14 -5.59 10.46
CA THR A 30 2.20 -4.74 11.17
C THR A 30 1.02 -5.58 11.68
N ALA A 31 0.25 -4.97 12.57
CA ALA A 31 -0.91 -5.63 13.14
C ALA A 31 -1.94 -5.88 12.04
N ALA A 32 -2.07 -7.15 11.66
CA ALA A 32 -3.00 -7.53 10.62
C ALA A 32 -4.43 -7.51 11.20
N PRO A 33 -5.36 -6.91 10.42
CA PRO A 33 -4.99 -6.31 9.14
C PRO A 33 -4.24 -4.99 9.34
N GLY A 34 -3.34 -4.72 8.42
CA GLY A 34 -2.55 -3.50 8.48
C GLY A 34 -3.43 -2.29 8.79
N VAL A 35 -3.69 -1.50 7.76
CA VAL A 35 -4.52 -0.31 7.91
C VAL A 35 -5.51 -0.24 6.74
N LYS A 36 -6.58 0.49 6.98
CA LYS A 36 -7.62 0.66 5.96
C LYS A 36 -7.29 1.89 5.11
N MET A 37 -7.08 1.64 3.83
CA MET A 37 -6.75 2.71 2.90
C MET A 37 -7.52 3.98 3.25
N GLN A 38 -6.79 5.08 3.38
CA GLN A 38 -7.39 6.36 3.71
C GLN A 38 -7.54 7.21 2.44
N ASP A 39 -8.78 7.52 2.14
CA ASP A 39 -9.08 8.33 0.96
C ASP A 39 -8.02 9.43 0.83
N ALA A 40 -7.78 9.82 -0.42
CA ALA A 40 -6.79 10.86 -0.69
C ALA A 40 -7.48 12.22 -0.66
N GLU A 41 -7.00 13.11 -1.51
CA GLU A 41 -7.54 14.45 -1.59
C GLU A 41 -7.94 14.79 -3.03
N ILE A 42 -7.83 13.77 -3.89
CA ILE A 42 -8.19 13.94 -5.29
C ILE A 42 -9.69 13.83 -5.46
N SER A 43 -10.14 12.61 -5.75
CA SER A 43 -11.55 12.36 -5.94
C SER A 43 -11.78 10.90 -6.32
N GLY A 44 -12.04 10.09 -5.31
CA GLY A 44 -12.27 8.67 -5.52
C GLY A 44 -10.97 7.87 -5.40
N TYR A 45 -9.94 8.56 -4.94
CA TYR A 45 -8.64 7.93 -4.77
C TYR A 45 -8.36 7.61 -3.30
N ALA A 46 -7.45 6.68 -3.09
CA ALA A 46 -7.10 6.28 -1.73
C ALA A 46 -5.62 6.61 -1.49
N LYS A 47 -5.29 6.79 -0.22
CA LYS A 47 -3.93 7.11 0.17
C LYS A 47 -3.66 6.57 1.57
N ILE A 48 -2.53 5.89 1.71
CA ILE A 48 -2.15 5.32 2.99
C ILE A 48 -0.67 5.64 3.27
N THR A 49 -0.37 5.79 4.55
CA THR A 49 0.99 6.10 4.96
C THR A 49 1.52 5.01 5.90
N VAL A 50 2.76 4.61 5.64
CA VAL A 50 3.39 3.58 6.45
C VAL A 50 4.77 4.08 6.91
N ASP A 51 4.94 4.09 8.23
CA ASP A 51 6.19 4.54 8.80
C ASP A 51 7.16 3.36 8.89
N ILE A 52 8.37 3.59 8.39
CA ILE A 52 9.39 2.56 8.40
C ILE A 52 10.45 2.91 9.45
N GLY A 53 10.87 4.16 9.42
CA GLY A 53 11.88 4.63 10.36
C GLY A 53 13.08 3.69 10.39
N SER A 54 14.07 4.00 9.56
CA SER A 54 15.27 3.19 9.50
C SER A 54 15.09 2.07 8.48
N ALA A 55 14.47 2.42 7.35
CA ALA A 55 14.23 1.45 6.30
C ALA A 55 14.12 2.19 4.96
N SER A 56 14.59 1.52 3.92
CA SER A 56 14.57 2.10 2.58
C SER A 56 13.62 1.29 1.69
N GLN A 57 13.03 0.27 2.28
CA GLN A 57 12.11 -0.59 1.55
C GLN A 57 11.07 -1.19 2.51
N LEU A 58 9.83 -1.22 2.05
CA LEU A 58 8.75 -1.77 2.84
C LEU A 58 7.80 -2.57 1.95
N GLU A 59 7.30 -3.66 2.49
CA GLU A 59 6.38 -4.51 1.75
C GLU A 59 4.94 -4.10 2.01
N ALA A 60 4.11 -4.27 1.00
CA ALA A 60 2.70 -3.91 1.10
C ALA A 60 1.87 -4.93 0.32
N ALA A 61 0.74 -5.31 0.93
CA ALA A 61 -0.15 -6.28 0.32
C ALA A 61 -1.56 -5.71 0.30
N PHE A 62 -2.40 -6.31 -0.54
CA PHE A 62 -3.78 -5.87 -0.67
C PHE A 62 -4.75 -7.02 -0.35
N ASN A 63 -5.67 -6.73 0.56
CA ASN A 63 -6.66 -7.72 0.96
C ASN A 63 -7.99 -7.03 1.21
N ASP A 64 -9.05 -7.65 0.71
CA ASP A 64 -10.38 -7.12 0.86
C ASP A 64 -10.72 -7.03 2.35
N GLY A 65 -10.12 -7.91 3.12
CA GLY A 65 -10.35 -7.94 4.55
C GLY A 65 -11.30 -9.08 4.93
N ASN A 66 -11.68 -9.84 3.92
CA ASN A 66 -12.59 -10.96 4.14
C ASN A 66 -11.85 -12.27 3.90
N ASN A 67 -10.90 -12.22 2.97
CA ASN A 67 -10.11 -13.39 2.65
C ASN A 67 -9.24 -13.09 1.41
N ASN A 68 -9.83 -12.34 0.50
CA ASN A 68 -9.13 -11.97 -0.73
C ASN A 68 -7.73 -11.45 -0.37
N TRP A 69 -6.73 -12.15 -0.85
CA TRP A 69 -5.35 -11.78 -0.60
C TRP A 69 -4.65 -11.58 -1.94
N ASP A 70 -3.96 -10.45 -2.05
CA ASP A 70 -3.25 -10.13 -3.28
C ASP A 70 -1.83 -9.68 -2.93
N SER A 71 -0.96 -9.75 -3.93
CA SER A 71 0.42 -9.36 -3.75
C SER A 71 1.12 -9.24 -5.11
N ASN A 72 1.38 -10.39 -5.70
CA ASN A 72 2.04 -10.43 -7.00
C ASN A 72 2.44 -11.87 -7.32
N ASN A 73 3.33 -12.40 -6.50
CA ASN A 73 3.80 -13.76 -6.68
C ASN A 73 4.01 -14.42 -5.32
N THR A 74 5.16 -14.12 -4.72
CA THR A 74 5.47 -14.68 -3.42
C THR A 74 6.55 -13.82 -2.73
N LYS A 75 6.62 -12.56 -3.14
CA LYS A 75 7.58 -11.65 -2.58
C LYS A 75 7.01 -10.22 -2.62
N ASN A 76 5.70 -10.15 -2.75
CA ASN A 76 5.03 -8.86 -2.82
C ASN A 76 5.90 -7.86 -3.59
N TYR A 77 5.76 -6.60 -3.22
CA TYR A 77 6.52 -5.55 -3.87
C TYR A 77 7.32 -4.74 -2.84
N LEU A 78 8.41 -4.15 -3.31
CA LEU A 78 9.25 -3.34 -2.44
C LEU A 78 9.01 -1.86 -2.73
N PHE A 79 8.59 -1.15 -1.70
CA PHE A 79 8.32 0.27 -1.82
C PHE A 79 9.17 1.09 -0.85
N SER A 80 9.62 2.24 -1.32
CA SER A 80 10.44 3.12 -0.50
C SER A 80 9.67 4.40 -0.17
N THR A 81 10.21 5.14 0.79
CA THR A 81 9.58 6.38 1.22
C THR A 81 9.40 7.32 0.02
N GLY A 82 8.51 8.28 0.21
CA GLY A 82 8.23 9.24 -0.84
C GLY A 82 6.77 9.16 -1.31
N THR A 83 6.60 9.00 -2.61
CA THR A 83 5.28 8.90 -3.20
C THR A 83 5.19 7.66 -4.09
N SER A 84 4.09 6.94 -3.93
CA SER A 84 3.86 5.74 -4.72
C SER A 84 2.40 5.68 -5.18
N THR A 85 2.19 4.92 -6.24
CA THR A 85 0.85 4.77 -6.79
C THR A 85 0.54 3.30 -7.06
N TYR A 86 -0.44 2.80 -6.33
CA TYR A 86 -0.85 1.40 -6.48
C TYR A 86 -2.07 1.28 -7.39
N THR A 87 -1.86 0.59 -8.51
CA THR A 87 -2.93 0.39 -9.47
C THR A 87 -3.24 -1.10 -9.62
N PRO A 88 -4.50 -1.46 -9.24
CA PRO A 88 -4.94 -2.85 -9.31
C PRO A 88 -5.23 -3.24 -10.76
N GLY A 89 -5.61 -4.50 -10.92
CA GLY A 89 -5.93 -5.01 -12.25
C GLY A 89 -7.37 -5.50 -12.32
N SER A 90 -7.61 -6.40 -13.26
CA SER A 90 -8.95 -6.96 -13.44
C SER A 90 -8.87 -8.48 -13.49
N ASN A 91 -9.92 -9.11 -12.96
CA ASN A 91 -9.98 -10.57 -12.94
C ASN A 91 -8.81 -11.11 -12.13
N GLY A 92 -8.78 -10.75 -10.87
CA GLY A 92 -7.72 -11.21 -9.98
C GLY A 92 -6.37 -11.23 -10.71
N ALA A 93 -6.02 -10.09 -11.29
CA ALA A 93 -4.77 -9.97 -12.02
C ALA A 93 -3.94 -8.84 -11.42
N ALA A 94 -2.92 -9.22 -10.68
CA ALA A 94 -2.05 -8.24 -10.04
C ALA A 94 -1.81 -7.08 -11.00
N GLY A 95 -1.70 -5.89 -10.43
CA GLY A 95 -1.46 -4.70 -11.22
C GLY A 95 0.00 -4.26 -11.15
N THR A 96 0.19 -2.97 -10.94
CA THR A 96 1.54 -2.42 -10.86
C THR A 96 1.55 -1.17 -9.97
N ILE A 97 2.74 -0.79 -9.54
CA ILE A 97 2.90 0.37 -8.69
C ILE A 97 3.82 1.38 -9.38
N ARG A 98 3.33 2.61 -9.47
CA ARG A 98 4.10 3.67 -10.10
C ARG A 98 4.52 4.72 -9.05
N THR A 99 5.82 4.95 -8.98
CA THR A 99 6.35 5.91 -8.04
C THR A 99 6.11 7.34 -8.54
N GLY A 100 5.94 8.24 -7.59
CA GLY A 100 5.71 9.64 -7.92
C GLY A 100 4.26 10.04 -7.64
N ALA A 101 4.10 11.24 -7.10
CA ALA A 101 2.78 11.75 -6.77
C ALA A 101 1.93 11.81 -8.05
N PRO A 102 0.80 11.07 -8.01
CA PRO A 102 -0.11 11.02 -9.15
C PRO A 102 -0.92 12.32 -9.26
N SER A 103 -1.45 12.55 -10.45
CA SER A 103 -2.24 13.75 -10.69
C SER A 103 -3.42 13.42 -11.62
N GLY A 104 -4.50 12.96 -11.01
CA GLY A 104 -5.69 12.61 -11.76
C GLY A 104 -6.91 12.50 -10.85
#